data_5JHQ
#
_entry.id   5JHQ
#
_cell.length_a   94.510
_cell.length_b   129.830
_cell.length_c   123.950
_cell.angle_alpha   90.00
_cell.angle_beta   92.31
_cell.angle_gamma   90.00
#
_symmetry.space_group_name_H-M   'P 1 21 1'
#
loop_
_entity.id
_entity.type
_entity.pdbx_description
1 polymer Tankyrase-1
2 polymer 'Peptide derived from insulin-responsive aminopeptidase (IRAP)'
3 water water
#
loop_
_entity_poly.entity_id
_entity_poly.type
_entity_poly.pdbx_seq_one_letter_code
_entity_poly.pdbx_strand_id
1 'polypeptide(L)'
;GSHMASTGVPAVSGALRELLEACRNGDVSRVKRLVDAANVNAKDMAGRKSSPLHFAAGFGRKDVVEHLLQMGANVHARDD
GGLIPLHNACSFGHAEVVSLLLCQGADPNARDNWNYTPLHEAAIKGKIDVCIVLLQHGADPNIRNTDGKSALDLADPSAK
AVLTGEYKKDELLEAARSGNEEKLMALLTPLNVNCHASDGRKSTPLHLAAGYNRVRIVQLLLQHGADVHAKDKGGLVPLH
NACSYGHYEVTELLLKHGACVNAMDLWQFTPLHEAASKNRVEVCSLLLSHGADPTLVNCHGKSAVDMAPTPELRERLTYE
FKGHSLLQAAREADLAKVKKTLALEIINFKQPQSHETALHCAVASLHPKRKQVTELLLRKGANVNEKNKDFMTPLHVAAE
RAHNDVMEVLHKHGAKMNALDTLGQTALHRAALAGHLQTCRLLLSYGSDPSIISLQGFTAAQMGNEAVQQILSESTPIRT
SD
;
A,B,C,D
2 'polypeptide(L)' ATGYRQSPDGACSVPS E,F,G,H,I,J,K,L
#
# COMPACT_ATOMS: atom_id res chain seq x y z
N GLY A 14 -61.10 47.28 -16.59
CA GLY A 14 -61.50 48.00 -17.82
C GLY A 14 -60.68 47.61 -19.04
N ALA A 15 -59.54 48.25 -19.14
CA ALA A 15 -58.63 48.07 -20.28
C ALA A 15 -57.75 46.82 -20.13
N LEU A 16 -57.84 46.11 -18.99
CA LEU A 16 -57.23 44.79 -18.84
C LEU A 16 -57.92 43.79 -19.79
N ARG A 17 -59.26 43.82 -19.82
CA ARG A 17 -60.04 42.98 -20.76
C ARG A 17 -59.64 43.17 -22.22
N GLU A 18 -59.32 44.41 -22.59
CA GLU A 18 -58.82 44.72 -23.93
C GLU A 18 -57.50 43.99 -24.24
N LEU A 19 -56.59 43.96 -23.27
CA LEU A 19 -55.30 43.26 -23.43
C LEU A 19 -55.48 41.76 -23.58
N LEU A 20 -56.30 41.16 -22.70
CA LEU A 20 -56.49 39.70 -22.68
C LEU A 20 -57.12 39.21 -23.97
N GLU A 21 -58.01 40.03 -24.55
CA GLU A 21 -58.57 39.73 -25.88
C GLU A 21 -57.56 39.85 -27.01
N ALA A 22 -56.70 40.86 -26.94
CA ALA A 22 -55.60 41.00 -27.90
C ALA A 22 -54.63 39.81 -27.87
N CYS A 23 -54.42 39.26 -26.67
CA CYS A 23 -53.54 38.11 -26.49
C CYS A 23 -54.08 36.82 -27.11
N ARG A 24 -55.40 36.65 -27.12
CA ARG A 24 -56.03 35.48 -27.74
C ARG A 24 -55.96 35.55 -29.26
N ASN A 25 -56.21 36.74 -29.81
CA ASN A 25 -56.24 36.95 -31.25
C ASN A 25 -54.85 37.01 -31.87
N GLY A 26 -53.86 37.41 -31.08
CA GLY A 26 -52.52 37.61 -31.59
C GLY A 26 -52.32 38.95 -32.27
N ASP A 27 -53.03 39.97 -31.80
CA ASP A 27 -52.85 41.33 -32.29
C ASP A 27 -51.61 41.91 -31.58
N VAL A 28 -50.44 41.61 -32.14
CA VAL A 28 -49.14 42.08 -31.60
C VAL A 28 -49.08 43.59 -31.39
N SER A 29 -49.61 44.36 -32.35
CA SER A 29 -49.64 45.82 -32.28
C SER A 29 -50.44 46.32 -31.06
N ARG A 30 -51.56 45.66 -30.77
CA ARG A 30 -52.46 46.05 -29.70
C ARG A 30 -51.93 45.61 -28.34
N VAL A 31 -51.23 44.48 -28.30
CA VAL A 31 -50.57 44.01 -27.08
C VAL A 31 -49.42 44.96 -26.76
N LYS A 32 -48.66 45.34 -27.79
CA LYS A 32 -47.59 46.35 -27.65
C LYS A 32 -48.12 47.64 -27.05
N ARG A 33 -49.23 48.14 -27.61
CA ARG A 33 -49.85 49.38 -27.13
C ARG A 33 -50.34 49.28 -25.68
N LEU A 34 -50.96 48.15 -25.33
CA LEU A 34 -51.65 48.00 -24.05
C LEU A 34 -50.77 47.54 -22.89
N VAL A 35 -49.79 46.68 -23.16
CA VAL A 35 -49.04 46.02 -22.08
C VAL A 35 -47.91 46.88 -21.52
N ASP A 36 -47.72 46.80 -20.21
CA ASP A 36 -46.55 47.38 -19.53
C ASP A 36 -46.33 46.64 -18.21
N ALA A 37 -45.27 47.00 -17.49
CA ALA A 37 -44.91 46.35 -16.23
C ALA A 37 -46.08 46.27 -15.25
N ALA A 38 -46.89 47.33 -15.20
CA ALA A 38 -48.04 47.39 -14.29
C ALA A 38 -49.11 46.29 -14.51
N ASN A 39 -49.32 45.86 -15.75
CA ASN A 39 -50.38 44.89 -16.07
C ASN A 39 -49.93 43.62 -16.81
N VAL A 40 -48.62 43.44 -17.03
CA VAL A 40 -48.13 42.30 -17.82
C VAL A 40 -48.43 40.95 -17.16
N ASN A 41 -48.44 40.92 -15.82
CA ASN A 41 -48.76 39.72 -15.05
C ASN A 41 -50.11 39.84 -14.34
N ALA A 42 -51.06 40.56 -14.93
CA ALA A 42 -52.37 40.79 -14.32
C ALA A 42 -53.25 39.55 -14.45
N LYS A 43 -53.94 39.21 -13.38
CA LYS A 43 -54.84 38.06 -13.38
C LYS A 43 -56.22 38.48 -13.88
N ASP A 44 -56.80 37.65 -14.75
CA ASP A 44 -58.21 37.78 -15.13
C ASP A 44 -59.06 37.43 -13.90
N MET A 45 -59.49 38.45 -13.16
CA MET A 45 -60.16 38.22 -11.86
C MET A 45 -61.56 37.56 -11.93
N ALA A 46 -62.07 37.28 -13.14
CA ALA A 46 -63.22 36.35 -13.31
C ALA A 46 -62.77 35.13 -14.11
N GLY A 47 -63.50 34.03 -13.93
CA GLY A 47 -63.19 32.78 -14.63
C GLY A 47 -61.90 32.09 -14.16
N ARG A 48 -60.99 31.84 -15.09
CA ARG A 48 -59.84 30.96 -14.84
C ARG A 48 -58.72 31.57 -14.00
N LYS A 49 -58.71 32.90 -13.85
CA LYS A 49 -57.65 33.61 -13.13
C LYS A 49 -56.31 33.54 -13.89
N SER A 50 -56.40 33.68 -15.22
CA SER A 50 -55.24 33.54 -16.11
C SER A 50 -54.46 34.85 -16.34
N SER A 51 -53.15 34.70 -16.53
CA SER A 51 -52.23 35.76 -16.96
C SER A 51 -52.42 36.04 -18.45
N PRO A 52 -51.95 37.20 -18.95
CA PRO A 52 -51.85 37.40 -20.40
C PRO A 52 -51.04 36.33 -21.12
N LEU A 53 -49.91 35.92 -20.52
CA LEU A 53 -49.04 34.86 -21.07
C LEU A 53 -49.78 33.53 -21.15
N HIS A 54 -50.54 33.22 -20.10
CA HIS A 54 -51.42 32.05 -20.08
C HIS A 54 -52.25 31.96 -21.37
N PHE A 55 -53.01 33.02 -21.67
CA PHE A 55 -53.88 33.09 -22.86
C PHE A 55 -53.09 32.95 -24.15
N ALA A 56 -52.10 33.83 -24.31
CA ALA A 56 -51.24 33.84 -25.48
C ALA A 56 -50.59 32.49 -25.77
N ALA A 57 -50.09 31.85 -24.72
CA ALA A 57 -49.45 30.53 -24.83
C ALA A 57 -50.44 29.47 -25.28
N GLY A 58 -51.58 29.40 -24.57
CA GLY A 58 -52.66 28.51 -24.92
C GLY A 58 -53.19 28.67 -26.34
N PHE A 59 -53.18 29.91 -26.86
CA PHE A 59 -53.65 30.21 -28.23
C PHE A 59 -52.57 30.15 -29.31
N GLY A 60 -51.33 29.84 -28.95
CA GLY A 60 -50.28 29.62 -29.93
C GLY A 60 -49.76 30.88 -30.60
N ARG A 61 -49.71 31.96 -29.82
CA ARG A 61 -49.31 33.27 -30.29
C ARG A 61 -47.83 33.51 -29.96
N LYS A 62 -46.97 32.99 -30.81
CA LYS A 62 -45.50 33.02 -30.60
C LYS A 62 -44.99 34.44 -30.43
N ASP A 63 -45.47 35.34 -31.29
CA ASP A 63 -45.01 36.73 -31.33
C ASP A 63 -45.49 37.53 -30.13
N VAL A 64 -46.73 37.30 -29.71
CA VAL A 64 -47.25 37.92 -28.49
C VAL A 64 -46.48 37.38 -27.28
N VAL A 65 -46.23 36.06 -27.25
CA VAL A 65 -45.43 35.42 -26.20
C VAL A 65 -44.01 36.01 -26.14
N GLU A 66 -43.36 36.17 -27.30
CA GLU A 66 -42.03 36.78 -27.36
C GLU A 66 -42.03 38.13 -26.67
N HIS A 67 -42.97 39.00 -27.07
CA HIS A 67 -43.04 40.37 -26.55
C HIS A 67 -43.46 40.41 -25.10
N LEU A 68 -44.39 39.55 -24.70
CA LEU A 68 -44.79 39.46 -23.30
C LEU A 68 -43.58 39.11 -22.42
N LEU A 69 -42.79 38.13 -22.86
CA LEU A 69 -41.60 37.69 -22.12
C LEU A 69 -40.56 38.79 -22.02
N GLN A 70 -40.39 39.59 -23.07
CA GLN A 70 -39.52 40.80 -23.02
C GLN A 70 -39.98 41.87 -22.03
N MET A 71 -41.30 42.00 -21.86
CA MET A 71 -41.89 42.92 -20.89
C MET A 71 -41.96 42.38 -19.46
N GLY A 72 -41.33 41.23 -19.21
CA GLY A 72 -41.19 40.67 -17.88
C GLY A 72 -42.34 39.77 -17.47
N ALA A 73 -42.93 39.09 -18.45
CA ALA A 73 -44.05 38.18 -18.18
C ALA A 73 -43.54 36.97 -17.40
N ASN A 74 -44.27 36.62 -16.35
CA ASN A 74 -43.86 35.53 -15.46
C ASN A 74 -44.22 34.18 -16.06
N VAL A 75 -43.21 33.37 -16.34
CA VAL A 75 -43.38 32.09 -16.99
C VAL A 75 -43.78 31.00 -15.99
N HIS A 76 -43.63 31.28 -14.68
CA HIS A 76 -44.10 30.40 -13.59
C HIS A 76 -45.38 30.91 -12.93
N ALA A 77 -46.13 31.78 -13.60
CA ALA A 77 -47.39 32.31 -13.06
C ALA A 77 -48.44 31.21 -12.98
N ARG A 78 -49.11 31.12 -11.83
CA ARG A 78 -50.15 30.11 -11.60
C ARG A 78 -51.54 30.72 -11.85
N ASP A 79 -52.39 30.00 -12.56
CA ASP A 79 -53.81 30.34 -12.63
C ASP A 79 -54.51 29.72 -11.42
N ASP A 80 -55.84 29.76 -11.39
CA ASP A 80 -56.60 29.25 -10.24
C ASP A 80 -56.46 27.73 -10.07
N GLY A 81 -56.37 27.03 -11.19
CA GLY A 81 -56.23 25.58 -11.21
C GLY A 81 -54.83 25.06 -10.93
N GLY A 82 -53.85 25.95 -10.86
CA GLY A 82 -52.45 25.59 -10.59
C GLY A 82 -51.60 25.48 -11.84
N LEU A 83 -52.18 25.79 -13.00
CA LEU A 83 -51.48 25.65 -14.26
C LEU A 83 -50.46 26.76 -14.48
N ILE A 84 -49.62 26.54 -15.47
CA ILE A 84 -48.49 27.37 -15.85
C ILE A 84 -48.71 27.58 -17.35
N PRO A 85 -48.36 28.74 -17.90
CA PRO A 85 -48.45 28.93 -19.35
C PRO A 85 -48.03 27.71 -20.18
N LEU A 86 -46.99 27.00 -19.74
CA LEU A 86 -46.53 25.76 -20.39
C LEU A 86 -47.58 24.66 -20.44
N HIS A 87 -48.34 24.47 -19.36
CA HIS A 87 -49.51 23.56 -19.37
C HIS A 87 -50.46 23.91 -20.54
N ASN A 88 -50.78 25.20 -20.67
CA ASN A 88 -51.74 25.72 -21.66
C ASN A 88 -51.28 25.45 -23.09
N ALA A 89 -50.02 25.78 -23.38
CA ALA A 89 -49.44 25.55 -24.72
C ALA A 89 -49.36 24.07 -25.07
N CYS A 90 -49.16 23.22 -24.06
CA CYS A 90 -49.04 21.79 -24.24
C CYS A 90 -50.34 21.12 -24.57
N SER A 91 -51.42 21.57 -23.92
CA SER A 91 -52.78 21.04 -24.15
C SER A 91 -53.23 21.26 -25.58
N PHE A 92 -52.83 22.38 -26.18
CA PHE A 92 -53.27 22.77 -27.52
C PHE A 92 -52.20 22.67 -28.60
N GLY A 93 -51.11 21.95 -28.30
CA GLY A 93 -50.15 21.52 -29.31
C GLY A 93 -49.32 22.59 -29.99
N HIS A 94 -48.93 23.62 -29.25
CA HIS A 94 -48.16 24.74 -29.80
C HIS A 94 -46.69 24.54 -29.52
N ALA A 95 -46.14 23.50 -30.16
CA ALA A 95 -44.78 23.04 -29.92
C ALA A 95 -43.72 24.13 -30.11
N GLU A 96 -44.01 25.10 -30.99
CA GLU A 96 -43.19 26.31 -31.14
C GLU A 96 -43.15 27.12 -29.83
N VAL A 97 -44.34 27.36 -29.29
CA VAL A 97 -44.49 28.13 -28.05
C VAL A 97 -44.00 27.32 -26.84
N VAL A 98 -44.12 26.00 -26.90
CA VAL A 98 -43.61 25.12 -25.84
C VAL A 98 -42.10 25.28 -25.76
N SER A 99 -41.43 25.10 -26.89
CA SER A 99 -39.97 25.26 -26.99
C SER A 99 -39.48 26.62 -26.45
N LEU A 100 -40.26 27.67 -26.70
CA LEU A 100 -39.94 29.04 -26.26
C LEU A 100 -40.12 29.30 -24.76
N LEU A 101 -41.14 28.69 -24.16
CA LEU A 101 -41.36 28.80 -22.70
C LEU A 101 -40.35 27.97 -21.92
N LEU A 102 -39.98 26.80 -22.45
CA LEU A 102 -38.94 25.93 -21.86
C LEU A 102 -37.62 26.66 -21.83
N CYS A 103 -37.29 27.32 -22.94
CA CYS A 103 -36.11 28.19 -23.02
C CYS A 103 -36.05 29.38 -22.04
N GLN A 104 -37.20 29.89 -21.61
CA GLN A 104 -37.26 30.90 -20.53
C GLN A 104 -37.31 30.30 -19.11
N GLY A 105 -37.39 28.97 -19.02
CA GLY A 105 -37.18 28.27 -17.76
C GLY A 105 -38.40 27.68 -17.10
N ALA A 106 -39.54 27.67 -17.77
CA ALA A 106 -40.71 26.99 -17.23
C ALA A 106 -40.36 25.51 -17.13
N ASP A 107 -40.53 24.90 -15.96
CA ASP A 107 -40.12 23.48 -15.78
C ASP A 107 -41.18 22.52 -16.30
N PRO A 108 -40.76 21.53 -17.12
CA PRO A 108 -41.75 20.65 -17.74
C PRO A 108 -42.36 19.61 -16.80
N ASN A 109 -42.00 19.70 -15.52
CA ASN A 109 -42.63 18.90 -14.48
C ASN A 109 -43.29 19.78 -13.42
N ALA A 110 -43.98 20.84 -13.87
CA ALA A 110 -44.79 21.68 -12.99
C ALA A 110 -46.05 20.92 -12.59
N ARG A 111 -46.53 21.17 -11.37
CA ARG A 111 -47.71 20.49 -10.85
C ARG A 111 -48.83 21.49 -10.71
N ASP A 112 -50.00 21.14 -11.23
CA ASP A 112 -51.21 21.91 -10.94
C ASP A 112 -51.79 21.40 -9.62
N ASN A 113 -52.99 21.84 -9.26
CA ASN A 113 -53.59 21.44 -7.98
C ASN A 113 -53.94 19.93 -7.89
N TRP A 114 -54.05 19.26 -9.04
CA TRP A 114 -54.27 17.81 -9.12
C TRP A 114 -52.98 17.05 -9.46
N ASN A 115 -51.84 17.73 -9.51
CA ASN A 115 -50.53 17.15 -9.89
C ASN A 115 -50.44 16.54 -11.30
N TYR A 116 -51.17 17.15 -12.24
CA TYR A 116 -50.96 16.92 -13.67
C TYR A 116 -49.73 17.75 -14.09
N THR A 117 -48.78 17.12 -14.78
CA THR A 117 -47.67 17.85 -15.42
C THR A 117 -48.04 18.24 -16.84
N PRO A 118 -47.34 19.22 -17.44
CA PRO A 118 -47.53 19.49 -18.88
C PRO A 118 -47.45 18.26 -19.78
N LEU A 119 -46.67 17.25 -19.38
CA LEU A 119 -46.62 15.98 -20.11
C LEU A 119 -47.92 15.15 -20.02
N HIS A 120 -48.63 15.22 -18.89
CA HIS A 120 -49.99 14.65 -18.79
C HIS A 120 -50.89 15.30 -19.83
N GLU A 121 -50.86 16.63 -19.82
CA GLU A 121 -51.73 17.47 -20.64
C GLU A 121 -51.57 17.24 -22.15
N ALA A 122 -50.35 16.97 -22.60
CA ALA A 122 -50.07 16.73 -24.02
C ALA A 122 -50.28 15.26 -24.40
N ALA A 123 -50.03 14.34 -23.47
CA ALA A 123 -50.25 12.92 -23.70
C ALA A 123 -51.73 12.60 -23.77
N ILE A 124 -52.53 13.23 -22.90
CA ILE A 124 -53.99 13.07 -22.92
C ILE A 124 -54.58 13.54 -24.27
N LYS A 125 -54.13 14.70 -24.74
CA LYS A 125 -54.60 15.31 -25.99
C LYS A 125 -53.90 14.78 -27.27
N GLY A 126 -53.10 13.72 -27.16
CA GLY A 126 -52.45 13.10 -28.31
C GLY A 126 -51.41 13.93 -29.04
N LYS A 127 -50.84 14.93 -28.37
CA LYS A 127 -49.92 15.88 -28.98
C LYS A 127 -48.50 15.29 -28.98
N ILE A 128 -48.09 14.75 -30.13
CA ILE A 128 -46.83 14.02 -30.24
C ILE A 128 -45.60 14.94 -30.28
N ASP A 129 -45.71 16.03 -31.04
CA ASP A 129 -44.64 17.03 -31.13
C ASP A 129 -44.36 17.71 -29.79
N VAL A 130 -45.40 18.02 -29.03
CA VAL A 130 -45.24 18.54 -27.68
C VAL A 130 -44.64 17.50 -26.71
N CYS A 131 -45.10 16.25 -26.80
CA CYS A 131 -44.60 15.15 -25.96
C CYS A 131 -43.07 14.96 -26.08
N ILE A 132 -42.58 14.93 -27.32
CA ILE A 132 -41.17 14.70 -27.57
C ILE A 132 -40.32 15.90 -27.15
N VAL A 133 -40.79 17.10 -27.45
CA VAL A 133 -40.12 18.33 -27.01
C VAL A 133 -40.01 18.39 -25.49
N LEU A 134 -41.05 17.98 -24.78
CA LEU A 134 -41.02 17.97 -23.32
C LEU A 134 -40.04 16.92 -22.79
N LEU A 135 -40.06 15.73 -23.37
CA LEU A 135 -39.19 14.62 -22.92
C LEU A 135 -37.73 14.93 -23.16
N GLN A 136 -37.45 15.58 -24.28
CA GLN A 136 -36.12 16.07 -24.59
C GLN A 136 -35.62 17.11 -23.57
N HIS A 137 -36.52 17.94 -23.05
CA HIS A 137 -36.22 18.92 -21.99
C HIS A 137 -36.45 18.35 -20.59
N GLY A 138 -36.38 17.02 -20.45
CA GLY A 138 -36.36 16.37 -19.14
C GLY A 138 -37.67 16.27 -18.42
N ALA A 139 -38.77 16.10 -19.16
CA ALA A 139 -40.06 15.83 -18.54
C ALA A 139 -40.04 14.39 -18.05
N ASP A 140 -40.82 14.14 -17.01
CA ASP A 140 -40.88 12.85 -16.34
C ASP A 140 -42.21 12.14 -16.69
N PRO A 141 -42.14 11.00 -17.43
CA PRO A 141 -43.38 10.24 -17.71
C PRO A 141 -44.02 9.62 -16.47
N ASN A 142 -43.23 9.46 -15.41
CA ASN A 142 -43.61 8.67 -14.23
C ASN A 142 -44.23 9.48 -13.08
N ILE A 143 -44.30 10.80 -13.20
CA ILE A 143 -45.01 11.61 -12.20
C ILE A 143 -46.49 11.24 -12.23
N ARG A 144 -47.05 10.98 -11.06
CA ARG A 144 -48.44 10.57 -10.91
C ARG A 144 -49.28 11.72 -10.38
N ASN A 145 -50.50 11.85 -10.89
CA ASN A 145 -51.46 12.85 -10.40
C ASN A 145 -52.05 12.40 -9.05
N THR A 146 -52.93 13.21 -8.48
CA THR A 146 -53.56 12.89 -7.19
C THR A 146 -54.43 11.61 -7.22
N ASP A 147 -54.87 11.20 -8.40
CA ASP A 147 -55.55 9.91 -8.61
C ASP A 147 -54.57 8.75 -8.86
N GLY A 148 -53.27 8.98 -8.68
CA GLY A 148 -52.25 7.94 -8.84
C GLY A 148 -51.91 7.56 -10.28
N LYS A 149 -52.40 8.33 -11.25
CA LYS A 149 -52.23 8.01 -12.67
C LYS A 149 -51.10 8.84 -13.27
N SER A 150 -50.18 8.17 -13.97
CA SER A 150 -49.08 8.84 -14.66
C SER A 150 -49.51 9.43 -15.99
N ALA A 151 -48.55 10.01 -16.72
CA ALA A 151 -48.78 10.50 -18.07
C ALA A 151 -49.08 9.34 -19.02
N LEU A 152 -48.34 8.25 -18.88
CA LEU A 152 -48.55 7.04 -19.69
C LEU A 152 -49.92 6.39 -19.44
N ASP A 153 -50.42 6.50 -18.21
CA ASP A 153 -51.70 5.92 -17.83
C ASP A 153 -52.88 6.67 -18.45
N LEU A 154 -52.80 7.99 -18.47
CA LEU A 154 -53.82 8.84 -19.10
C LEU A 154 -53.57 9.12 -20.58
N ALA A 155 -52.61 8.43 -21.20
CA ALA A 155 -52.15 8.77 -22.54
C ALA A 155 -53.17 8.44 -23.62
N ASP A 156 -53.09 9.19 -24.72
CA ASP A 156 -53.82 8.88 -25.96
C ASP A 156 -53.11 7.68 -26.60
N PRO A 157 -53.86 6.78 -27.29
CA PRO A 157 -53.24 5.63 -27.95
C PRO A 157 -52.01 5.94 -28.83
N SER A 158 -52.02 7.09 -29.51
CA SER A 158 -50.86 7.57 -30.30
C SER A 158 -49.68 8.00 -29.40
N ALA A 159 -49.96 8.91 -28.47
CA ALA A 159 -48.96 9.40 -27.51
C ALA A 159 -48.43 8.33 -26.54
N LYS A 160 -49.18 7.22 -26.38
CA LYS A 160 -48.72 6.10 -25.56
C LYS A 160 -47.47 5.45 -26.15
N ALA A 161 -47.38 5.42 -27.48
CA ALA A 161 -46.18 4.91 -28.16
C ALA A 161 -44.91 5.74 -27.93
N VAL A 162 -45.06 7.05 -27.71
CA VAL A 162 -43.93 7.95 -27.42
C VAL A 162 -43.43 7.77 -25.99
N LEU A 163 -44.36 7.66 -25.03
CA LEU A 163 -44.02 7.50 -23.61
C LEU A 163 -43.54 6.09 -23.21
N THR A 164 -43.50 5.15 -24.17
CA THR A 164 -42.83 3.88 -24.01
C THR A 164 -41.50 3.79 -24.79
N GLY A 165 -41.08 4.90 -25.42
CA GLY A 165 -39.81 4.95 -26.15
C GLY A 165 -39.78 4.10 -27.41
N GLU A 166 -40.95 3.83 -27.99
CA GLU A 166 -41.09 2.95 -29.12
C GLU A 166 -41.66 3.65 -30.39
N TYR A 167 -41.70 4.99 -30.42
CA TYR A 167 -42.23 5.82 -31.54
C TYR A 167 -41.32 6.31 -32.73
N LYS A 168 -41.78 6.03 -33.96
CA LYS A 168 -40.95 6.10 -35.21
C LYS A 168 -39.59 5.51 -34.91
N LYS A 169 -39.65 4.38 -34.23
CA LYS A 169 -38.45 3.69 -33.73
C LYS A 169 -37.62 3.09 -34.87
N ASP A 170 -38.30 2.67 -35.94
CA ASP A 170 -37.65 2.22 -37.17
C ASP A 170 -36.90 3.37 -37.82
N GLU A 171 -37.52 4.55 -37.83
CA GLU A 171 -36.94 5.75 -38.40
C GLU A 171 -35.77 6.27 -37.56
N LEU A 172 -35.90 6.15 -36.24
CA LEU A 172 -34.83 6.50 -35.28
C LEU A 172 -33.59 5.62 -35.50
N LEU A 173 -33.80 4.31 -35.54
CA LEU A 173 -32.73 3.34 -35.78
C LEU A 173 -32.07 3.52 -37.15
N GLU A 174 -32.87 3.73 -38.18
CA GLU A 174 -32.36 3.96 -39.54
C GLU A 174 -31.50 5.23 -39.63
N ALA A 175 -31.91 6.27 -38.91
CA ALA A 175 -31.12 7.52 -38.82
C ALA A 175 -29.75 7.28 -38.19
N ALA A 176 -29.70 6.43 -37.17
CA ALA A 176 -28.46 6.11 -36.48
C ALA A 176 -27.47 5.37 -37.37
N ARG A 177 -27.94 4.36 -38.10
CA ARG A 177 -27.07 3.57 -38.99
C ARG A 177 -26.74 4.29 -40.32
N SER A 178 -27.63 5.17 -40.77
CA SER A 178 -27.38 6.00 -41.97
C SER A 178 -26.58 7.28 -41.67
N GLY A 179 -26.35 7.58 -40.39
CA GLY A 179 -25.52 8.72 -39.98
C GLY A 179 -26.20 10.07 -40.09
N ASN A 180 -27.51 10.10 -39.85
CA ASN A 180 -28.37 11.26 -40.11
C ASN A 180 -28.63 12.04 -38.81
N GLU A 181 -27.85 13.10 -38.60
CA GLU A 181 -27.79 13.78 -37.30
C GLU A 181 -29.10 14.46 -36.90
N GLU A 182 -29.63 15.29 -37.79
CA GLU A 182 -30.83 16.09 -37.47
C GLU A 182 -32.12 15.28 -37.44
N LYS A 183 -32.21 14.23 -38.25
CA LYS A 183 -33.38 13.36 -38.24
C LYS A 183 -33.40 12.41 -37.03
N LEU A 184 -32.22 12.14 -36.46
CA LEU A 184 -32.11 11.45 -35.16
C LEU A 184 -32.60 12.36 -34.04
N MET A 185 -32.03 13.57 -33.98
CA MET A 185 -32.35 14.52 -32.90
C MET A 185 -33.79 15.07 -32.96
N ALA A 186 -34.44 14.91 -34.11
CA ALA A 186 -35.89 15.13 -34.22
C ALA A 186 -36.70 14.14 -33.35
N LEU A 187 -36.25 12.87 -33.30
CA LEU A 187 -37.00 11.78 -32.65
C LEU A 187 -36.48 11.34 -31.29
N LEU A 188 -35.20 11.64 -31.00
CA LEU A 188 -34.49 11.07 -29.84
C LEU A 188 -35.01 11.66 -28.51
N THR A 189 -35.69 10.83 -27.73
CA THR A 189 -36.08 11.19 -26.36
C THR A 189 -35.10 10.39 -25.46
N PRO A 190 -35.02 10.75 -24.17
CA PRO A 190 -34.21 9.92 -23.27
C PRO A 190 -34.76 8.50 -23.06
N LEU A 191 -35.99 8.25 -23.51
CA LEU A 191 -36.61 6.91 -23.51
C LEU A 191 -36.33 6.04 -24.74
N ASN A 192 -36.38 6.61 -25.94
CA ASN A 192 -36.15 5.79 -27.17
C ASN A 192 -34.66 5.65 -27.52
N VAL A 193 -33.77 6.02 -26.60
CA VAL A 193 -32.31 5.96 -26.85
C VAL A 193 -31.68 4.56 -26.72
N ASN A 194 -32.23 3.76 -25.80
CA ASN A 194 -31.82 2.36 -25.62
C ASN A 194 -32.97 1.41 -25.97
N CYS A 195 -33.64 1.70 -27.08
CA CYS A 195 -34.64 0.80 -27.64
C CYS A 195 -33.90 -0.30 -28.38
N HIS A 196 -34.61 -1.38 -28.69
CA HIS A 196 -34.10 -2.45 -29.53
C HIS A 196 -34.93 -2.58 -30.79
N ALA A 197 -34.31 -3.04 -31.87
CA ALA A 197 -35.03 -3.33 -33.12
C ALA A 197 -35.99 -4.51 -32.90
N SER A 198 -37.07 -4.52 -33.67
CA SER A 198 -38.08 -5.60 -33.59
C SER A 198 -37.53 -6.97 -34.00
N ASP A 199 -36.57 -6.99 -34.94
CA ASP A 199 -36.13 -8.22 -35.59
C ASP A 199 -34.65 -8.18 -35.98
N GLY A 200 -34.17 -9.28 -36.53
CA GLY A 200 -32.80 -9.38 -37.01
C GLY A 200 -31.88 -9.52 -35.83
N ARG A 201 -30.91 -8.60 -35.74
CA ARG A 201 -29.93 -8.65 -34.67
C ARG A 201 -30.48 -8.13 -33.33
N LYS A 202 -31.60 -7.38 -33.38
CA LYS A 202 -32.22 -6.74 -32.21
C LYS A 202 -31.26 -5.75 -31.54
N SER A 203 -30.63 -4.93 -32.38
CA SER A 203 -29.62 -3.99 -31.96
C SER A 203 -30.23 -2.72 -31.38
N THR A 204 -29.43 -1.98 -30.62
CA THR A 204 -29.79 -0.64 -30.13
C THR A 204 -29.28 0.44 -31.11
N PRO A 205 -29.70 1.71 -30.92
CA PRO A 205 -29.13 2.79 -31.73
C PRO A 205 -27.60 2.82 -31.68
N LEU A 206 -27.04 2.70 -30.47
CA LEU A 206 -25.60 2.74 -30.26
C LEU A 206 -24.84 1.60 -30.98
N HIS A 207 -25.39 0.38 -30.93
CA HIS A 207 -24.86 -0.79 -31.68
C HIS A 207 -24.64 -0.50 -33.15
N LEU A 208 -25.65 0.11 -33.77
CA LEU A 208 -25.65 0.40 -35.19
C LEU A 208 -24.70 1.53 -35.51
N ALA A 209 -24.85 2.63 -34.79
CA ALA A 209 -23.98 3.79 -34.96
C ALA A 209 -22.51 3.40 -34.83
N ALA A 210 -22.21 2.53 -33.86
CA ALA A 210 -20.86 2.04 -33.62
C ALA A 210 -20.37 1.14 -34.73
N GLY A 211 -21.23 0.21 -35.16
CA GLY A 211 -20.92 -0.68 -36.27
C GLY A 211 -20.69 0.02 -37.60
N TYR A 212 -21.53 1.00 -37.93
CA TYR A 212 -21.45 1.73 -39.20
C TYR A 212 -20.56 3.00 -39.18
N ASN A 213 -19.83 3.22 -38.08
CA ASN A 213 -18.83 4.28 -37.95
C ASN A 213 -19.44 5.70 -38.03
N ARG A 214 -20.52 5.89 -37.27
CA ARG A 214 -21.15 7.20 -37.12
C ARG A 214 -20.63 7.85 -35.84
N VAL A 215 -19.42 8.40 -35.96
CA VAL A 215 -18.67 8.94 -34.84
C VAL A 215 -19.43 10.06 -34.12
N ARG A 216 -20.08 10.92 -34.90
CA ARG A 216 -20.89 12.02 -34.39
C ARG A 216 -22.20 11.57 -33.75
N ILE A 217 -22.84 10.57 -34.37
CA ILE A 217 -24.09 9.99 -33.83
C ILE A 217 -23.81 9.30 -32.49
N VAL A 218 -22.64 8.68 -32.36
CA VAL A 218 -22.24 8.04 -31.11
C VAL A 218 -22.09 9.07 -30.00
N GLN A 219 -21.40 10.18 -30.28
CA GLN A 219 -21.27 11.27 -29.31
C GLN A 219 -22.62 11.75 -28.80
N LEU A 220 -23.58 11.93 -29.71
CA LEU A 220 -24.93 12.37 -29.35
C LEU A 220 -25.70 11.31 -28.57
N LEU A 221 -25.57 10.04 -28.96
CA LEU A 221 -26.25 8.97 -28.25
C LEU A 221 -25.69 8.83 -26.85
N LEU A 222 -24.36 8.77 -26.74
CA LEU A 222 -23.68 8.67 -25.44
C LEU A 222 -24.04 9.82 -24.51
N GLN A 223 -24.06 11.04 -25.05
CA GLN A 223 -24.53 12.20 -24.32
C GLN A 223 -25.93 11.99 -23.75
N HIS A 224 -26.85 11.56 -24.61
CA HIS A 224 -28.27 11.43 -24.23
C HIS A 224 -28.61 10.11 -23.55
N GLY A 225 -27.61 9.46 -22.96
CA GLY A 225 -27.81 8.36 -22.03
C GLY A 225 -27.79 6.98 -22.62
N ALA A 226 -27.15 6.84 -23.77
CA ALA A 226 -27.10 5.54 -24.44
C ALA A 226 -26.30 4.59 -23.58
N ASP A 227 -26.69 3.31 -23.63
CA ASP A 227 -26.14 2.28 -22.77
C ASP A 227 -24.98 1.64 -23.51
N VAL A 228 -23.78 1.83 -22.98
CA VAL A 228 -22.59 1.24 -23.56
C VAL A 228 -22.55 -0.29 -23.32
N HIS A 229 -23.30 -0.75 -22.30
CA HIS A 229 -23.40 -2.17 -21.95
C HIS A 229 -24.58 -2.94 -22.56
N ALA A 230 -25.39 -2.28 -23.39
CA ALA A 230 -26.62 -2.89 -23.89
C ALA A 230 -26.32 -4.05 -24.84
N LYS A 231 -26.91 -5.21 -24.58
CA LYS A 231 -26.64 -6.41 -25.36
C LYS A 231 -27.63 -6.59 -26.51
N ASP A 232 -27.17 -7.10 -27.65
CA ASP A 232 -28.07 -7.50 -28.75
C ASP A 232 -28.52 -8.98 -28.59
N LYS A 233 -29.30 -9.47 -29.55
CA LYS A 233 -29.86 -10.84 -29.51
C LYS A 233 -28.81 -11.91 -29.24
N GLY A 234 -27.62 -11.77 -29.84
CA GLY A 234 -26.54 -12.75 -29.73
C GLY A 234 -25.48 -12.43 -28.70
N GLY A 235 -25.82 -11.62 -27.71
CA GLY A 235 -24.91 -11.29 -26.60
C GLY A 235 -23.98 -10.10 -26.78
N LEU A 236 -23.84 -9.57 -27.99
CA LEU A 236 -22.84 -8.52 -28.28
C LEU A 236 -23.19 -7.20 -27.60
N VAL A 237 -22.24 -6.28 -27.62
CA VAL A 237 -22.38 -4.92 -27.07
C VAL A 237 -21.71 -3.99 -28.08
N PRO A 238 -22.10 -2.71 -28.12
CA PRO A 238 -21.56 -1.79 -29.11
C PRO A 238 -20.07 -1.94 -29.43
N LEU A 239 -19.25 -2.18 -28.41
CA LEU A 239 -17.82 -2.35 -28.59
C LEU A 239 -17.42 -3.53 -29.51
N HIS A 240 -18.16 -4.64 -29.45
CA HIS A 240 -17.96 -5.79 -30.38
C HIS A 240 -18.12 -5.36 -31.86
N ASN A 241 -19.19 -4.61 -32.12
CA ASN A 241 -19.51 -4.15 -33.47
C ASN A 241 -18.39 -3.26 -34.00
N ALA A 242 -18.00 -2.28 -33.19
CA ALA A 242 -16.95 -1.32 -33.53
C ALA A 242 -15.60 -1.97 -33.83
N CYS A 243 -15.26 -3.00 -33.03
CA CYS A 243 -13.97 -3.67 -33.15
C CYS A 243 -13.92 -4.63 -34.31
N SER A 244 -15.01 -5.36 -34.53
CA SER A 244 -15.12 -6.28 -35.66
C SER A 244 -14.80 -5.59 -36.99
N TYR A 245 -15.42 -4.42 -37.21
CA TYR A 245 -15.29 -3.69 -38.47
C TYR A 245 -14.17 -2.65 -38.48
N GLY A 246 -13.43 -2.54 -37.38
CA GLY A 246 -12.15 -1.82 -37.37
C GLY A 246 -12.29 -0.31 -37.39
N HIS A 247 -13.12 0.20 -36.49
CA HIS A 247 -13.37 1.64 -36.36
C HIS A 247 -12.66 2.17 -35.11
N TYR A 248 -11.45 2.71 -35.29
CA TYR A 248 -10.59 3.16 -34.18
C TYR A 248 -11.19 4.37 -33.48
N GLU A 249 -11.65 5.32 -34.29
CA GLU A 249 -12.37 6.51 -33.83
C GLU A 249 -13.39 6.15 -32.76
N VAL A 250 -14.36 5.34 -33.15
CA VAL A 250 -15.51 5.01 -32.31
C VAL A 250 -15.19 4.01 -31.20
N THR A 251 -14.21 3.13 -31.43
CA THR A 251 -13.74 2.17 -30.42
C THR A 251 -13.17 2.92 -29.21
N GLU A 252 -12.31 3.90 -29.48
CA GLU A 252 -11.69 4.72 -28.44
C GLU A 252 -12.74 5.52 -27.67
N LEU A 253 -13.72 6.04 -28.39
CA LEU A 253 -14.81 6.80 -27.80
C LEU A 253 -15.69 5.96 -26.87
N LEU A 254 -16.00 4.73 -27.27
CA LEU A 254 -16.79 3.80 -26.43
C LEU A 254 -16.03 3.40 -25.18
N LEU A 255 -14.73 3.16 -25.31
CA LEU A 255 -13.86 2.81 -24.18
C LEU A 255 -13.78 3.94 -23.17
N LYS A 256 -13.61 5.16 -23.68
CA LYS A 256 -13.63 6.38 -22.86
C LYS A 256 -14.85 6.47 -21.96
N HIS A 257 -15.99 6.01 -22.47
CA HIS A 257 -17.28 6.02 -21.75
C HIS A 257 -17.60 4.72 -20.99
N GLY A 258 -16.57 3.96 -20.63
CA GLY A 258 -16.72 2.83 -19.71
C GLY A 258 -17.10 1.51 -20.33
N ALA A 259 -16.81 1.32 -21.61
CA ALA A 259 -17.09 0.06 -22.27
C ALA A 259 -16.18 -0.99 -21.67
N CYS A 260 -16.71 -2.19 -21.38
CA CYS A 260 -15.89 -3.31 -20.89
C CYS A 260 -15.07 -3.94 -22.04
N VAL A 261 -13.75 -3.80 -21.94
CA VAL A 261 -12.83 -4.20 -23.01
C VAL A 261 -12.80 -5.73 -23.27
N ASN A 262 -13.07 -6.52 -22.24
CA ASN A 262 -13.18 -7.97 -22.36
C ASN A 262 -14.62 -8.45 -22.18
N ALA A 263 -15.58 -7.64 -22.64
CA ALA A 263 -16.99 -8.00 -22.53
C ALA A 263 -17.27 -9.23 -23.38
N MET A 264 -18.08 -10.14 -22.88
CA MET A 264 -18.31 -11.42 -23.54
C MET A 264 -19.75 -11.58 -24.00
N ASP A 265 -19.90 -12.06 -25.24
CA ASP A 265 -21.21 -12.43 -25.78
C ASP A 265 -21.61 -13.86 -25.34
N LEU A 266 -22.63 -14.45 -25.97
CA LEU A 266 -23.13 -15.76 -25.58
C LEU A 266 -22.15 -16.90 -25.90
N TRP A 267 -21.27 -16.69 -26.88
CA TRP A 267 -20.23 -17.65 -27.25
C TRP A 267 -18.87 -17.34 -26.63
N GLN A 268 -18.84 -16.35 -25.73
CA GLN A 268 -17.63 -15.90 -25.06
C GLN A 268 -16.51 -15.35 -25.99
N PHE A 269 -16.93 -14.64 -27.03
CA PHE A 269 -16.03 -13.84 -27.85
C PHE A 269 -15.87 -12.48 -27.19
N THR A 270 -14.64 -12.09 -26.87
CA THR A 270 -14.33 -10.72 -26.46
C THR A 270 -14.21 -9.84 -27.70
N PRO A 271 -14.27 -8.51 -27.53
CA PRO A 271 -13.96 -7.61 -28.64
C PRO A 271 -12.63 -7.87 -29.32
N LEU A 272 -11.62 -8.28 -28.55
CA LEU A 272 -10.32 -8.63 -29.13
C LEU A 272 -10.38 -9.88 -30.06
N HIS A 273 -11.30 -10.82 -29.80
CA HIS A 273 -11.56 -11.96 -30.71
C HIS A 273 -12.05 -11.41 -32.04
N GLU A 274 -13.08 -10.55 -31.97
CA GLU A 274 -13.69 -9.96 -33.15
C GLU A 274 -12.65 -9.19 -33.95
N ALA A 275 -11.86 -8.35 -33.27
CA ALA A 275 -10.84 -7.55 -33.96
C ALA A 275 -9.73 -8.41 -34.57
N ALA A 276 -9.26 -9.39 -33.80
CA ALA A 276 -8.12 -10.22 -34.21
C ALA A 276 -8.46 -11.10 -35.40
N SER A 277 -9.64 -11.72 -35.38
CA SER A 277 -10.08 -12.56 -36.50
C SER A 277 -10.17 -11.78 -37.82
N LYS A 278 -10.54 -10.50 -37.74
CA LYS A 278 -10.64 -9.66 -38.93
C LYS A 278 -9.38 -8.81 -39.14
N ASN A 279 -8.24 -9.24 -38.61
CA ASN A 279 -6.95 -8.56 -38.75
C ASN A 279 -7.00 -7.03 -38.63
N ARG A 280 -7.65 -6.55 -37.56
CA ARG A 280 -7.66 -5.12 -37.22
C ARG A 280 -6.46 -4.85 -36.32
N VAL A 281 -5.29 -4.71 -36.93
CA VAL A 281 -4.02 -4.60 -36.19
C VAL A 281 -4.05 -3.44 -35.19
N GLU A 282 -4.63 -2.31 -35.61
CA GLU A 282 -4.58 -1.10 -34.81
C GLU A 282 -5.62 -1.04 -33.70
N VAL A 283 -6.77 -1.67 -33.90
CA VAL A 283 -7.80 -1.76 -32.86
C VAL A 283 -7.34 -2.76 -31.79
N CYS A 284 -6.67 -3.83 -32.21
CA CYS A 284 -6.09 -4.82 -31.27
C CYS A 284 -5.09 -4.15 -30.35
N SER A 285 -4.12 -3.47 -30.97
CA SER A 285 -3.15 -2.62 -30.29
C SER A 285 -3.81 -1.71 -29.23
N LEU A 286 -4.89 -1.02 -29.63
CA LEU A 286 -5.66 -0.12 -28.76
C LEU A 286 -6.33 -0.86 -27.62
N LEU A 287 -7.03 -1.94 -27.93
CA LEU A 287 -7.71 -2.75 -26.90
C LEU A 287 -6.74 -3.31 -25.87
N LEU A 288 -5.60 -3.82 -26.31
CA LEU A 288 -4.59 -4.38 -25.41
C LEU A 288 -4.14 -3.37 -24.36
N SER A 289 -3.94 -2.12 -24.80
CA SER A 289 -3.54 -1.04 -23.90
C SER A 289 -4.64 -0.66 -22.91
N HIS A 290 -5.90 -0.91 -23.24
CA HIS A 290 -7.00 -0.76 -22.27
C HIS A 290 -7.29 -2.03 -21.46
N GLY A 291 -6.36 -2.97 -21.47
CA GLY A 291 -6.44 -4.16 -20.61
C GLY A 291 -7.04 -5.40 -21.25
N ALA A 292 -7.08 -5.45 -22.57
CA ALA A 292 -7.63 -6.62 -23.26
C ALA A 292 -6.72 -7.81 -23.06
N ASP A 293 -7.34 -9.00 -22.98
CA ASP A 293 -6.66 -10.26 -22.72
C ASP A 293 -6.77 -11.17 -23.95
N PRO A 294 -5.63 -11.39 -24.64
CA PRO A 294 -5.66 -12.26 -25.82
C PRO A 294 -5.67 -13.74 -25.48
N THR A 295 -5.32 -14.10 -24.24
CA THR A 295 -5.32 -15.50 -23.80
C THR A 295 -6.71 -15.99 -23.37
N LEU A 296 -7.69 -15.09 -23.28
CA LEU A 296 -9.07 -15.49 -22.96
C LEU A 296 -9.62 -16.40 -24.06
N VAL A 297 -10.02 -17.62 -23.69
CA VAL A 297 -10.67 -18.57 -24.61
C VAL A 297 -12.18 -18.32 -24.71
N ASN A 298 -12.75 -18.79 -25.83
CA ASN A 298 -14.18 -18.66 -26.12
C ASN A 298 -14.87 -20.02 -25.92
N CYS A 299 -16.13 -20.14 -26.35
CA CYS A 299 -16.83 -21.44 -26.35
C CYS A 299 -16.11 -22.52 -27.12
N HIS A 300 -15.53 -22.15 -28.26
CA HIS A 300 -14.82 -23.10 -29.13
C HIS A 300 -13.33 -23.27 -28.78
N GLY A 301 -12.98 -23.01 -27.51
CA GLY A 301 -11.61 -23.22 -27.00
C GLY A 301 -10.52 -22.44 -27.70
N LYS A 302 -10.89 -21.33 -28.33
CA LYS A 302 -9.97 -20.54 -29.15
C LYS A 302 -9.78 -19.18 -28.54
N SER A 303 -8.51 -18.79 -28.41
CA SER A 303 -8.14 -17.49 -27.91
C SER A 303 -8.17 -16.45 -29.04
N ALA A 304 -7.89 -15.21 -28.69
CA ALA A 304 -7.66 -14.17 -29.69
C ALA A 304 -6.36 -14.42 -30.50
N VAL A 305 -5.34 -14.99 -29.84
CA VAL A 305 -4.07 -15.29 -30.51
C VAL A 305 -4.29 -16.39 -31.55
N ASP A 306 -5.15 -17.35 -31.23
CA ASP A 306 -5.51 -18.42 -32.17
C ASP A 306 -6.16 -17.86 -33.44
N MET A 307 -7.16 -17.01 -33.23
CA MET A 307 -7.97 -16.47 -34.32
C MET A 307 -7.29 -15.41 -35.17
N ALA A 308 -6.12 -14.91 -34.75
CA ALA A 308 -5.33 -13.99 -35.57
C ALA A 308 -4.81 -14.70 -36.83
N PRO A 309 -5.16 -14.20 -38.02
CA PRO A 309 -4.70 -14.85 -39.24
C PRO A 309 -3.23 -14.60 -39.60
N THR A 310 -2.79 -13.36 -39.48
CA THR A 310 -1.41 -12.97 -39.79
C THR A 310 -0.47 -13.52 -38.71
N PRO A 311 0.74 -14.01 -39.09
CA PRO A 311 1.72 -14.39 -38.06
C PRO A 311 2.33 -13.21 -37.30
N GLU A 312 2.32 -12.01 -37.92
CA GLU A 312 2.74 -10.75 -37.28
C GLU A 312 1.78 -10.33 -36.18
N LEU A 313 0.48 -10.53 -36.40
CA LEU A 313 -0.53 -10.21 -35.39
C LEU A 313 -0.47 -11.18 -34.21
N ARG A 314 -0.12 -12.44 -34.45
CA ARG A 314 0.03 -13.43 -33.37
C ARG A 314 1.17 -13.08 -32.43
N GLU A 315 2.32 -12.67 -32.97
CA GLU A 315 3.46 -12.29 -32.12
C GLU A 315 3.25 -10.91 -31.49
N ARG A 316 2.66 -9.98 -32.24
CA ARG A 316 2.38 -8.64 -31.73
C ARG A 316 1.31 -8.65 -30.62
N LEU A 317 0.27 -9.48 -30.76
CA LEU A 317 -0.71 -9.67 -29.69
C LEU A 317 -0.07 -10.17 -28.41
N THR A 318 0.85 -11.12 -28.55
CA THR A 318 1.55 -11.65 -27.38
C THR A 318 2.55 -10.63 -26.79
N TYR A 319 3.34 -9.98 -27.66
CA TYR A 319 4.35 -8.99 -27.21
C TYR A 319 3.69 -7.83 -26.49
N GLU A 320 2.72 -7.21 -27.15
CA GLU A 320 1.99 -6.09 -26.56
C GLU A 320 1.23 -6.46 -25.31
N PHE A 321 0.74 -7.70 -25.23
CA PHE A 321 0.04 -8.15 -24.02
C PHE A 321 0.96 -8.29 -22.82
N LYS A 322 2.15 -8.86 -23.00
CA LYS A 322 3.04 -9.01 -21.86
C LYS A 322 3.40 -7.62 -21.43
N GLY A 323 3.68 -6.77 -22.42
CA GLY A 323 4.12 -5.41 -22.20
C GLY A 323 3.22 -4.64 -21.28
N HIS A 324 1.95 -4.56 -21.65
CA HIS A 324 0.98 -3.91 -20.82
C HIS A 324 0.80 -4.61 -19.48
N SER A 325 0.61 -5.92 -19.53
CA SER A 325 0.50 -6.72 -18.30
C SER A 325 1.66 -6.52 -17.34
N LEU A 326 2.85 -6.20 -17.87
CA LEU A 326 3.99 -5.85 -17.02
C LEU A 326 3.82 -4.44 -16.48
N LEU A 327 3.57 -3.48 -17.36
CA LEU A 327 3.38 -2.08 -16.94
C LEU A 327 2.38 -1.97 -15.79
N GLN A 328 1.27 -2.71 -15.92
CA GLN A 328 0.21 -2.70 -14.93
C GLN A 328 0.67 -3.29 -13.61
N ALA A 329 1.33 -4.44 -13.68
CA ALA A 329 1.94 -5.04 -12.49
C ALA A 329 2.91 -4.09 -11.83
N ALA A 330 3.72 -3.40 -12.62
CA ALA A 330 4.68 -2.44 -12.09
C ALA A 330 4.00 -1.32 -11.34
N ARG A 331 2.90 -0.79 -11.86
CA ARG A 331 2.23 0.36 -11.22
C ARG A 331 1.37 0.01 -10.00
N GLU A 332 0.91 -1.22 -9.91
CA GLU A 332 0.33 -1.69 -8.64
C GLU A 332 1.37 -2.48 -7.84
N ALA A 333 2.64 -2.14 -8.03
CA ALA A 333 3.79 -2.82 -7.44
C ALA A 333 3.61 -4.31 -7.07
N ASP A 334 3.01 -5.07 -7.98
CA ASP A 334 2.73 -6.50 -7.76
C ASP A 334 4.02 -7.30 -8.04
N LEU A 335 4.86 -7.41 -7.02
CA LEU A 335 6.21 -7.98 -7.16
C LEU A 335 6.22 -9.39 -7.72
N ALA A 336 5.29 -10.23 -7.28
CA ALA A 336 5.20 -11.60 -7.78
C ALA A 336 4.86 -11.63 -9.26
N LYS A 337 3.92 -10.78 -9.64
CA LYS A 337 3.46 -10.67 -11.04
C LYS A 337 4.60 -10.22 -11.94
N VAL A 338 5.45 -9.33 -11.43
CA VAL A 338 6.59 -8.78 -12.18
C VAL A 338 7.63 -9.89 -12.42
N LYS A 339 7.97 -10.65 -11.39
CA LYS A 339 8.92 -11.77 -11.56
C LYS A 339 8.50 -12.78 -12.66
N LYS A 340 7.20 -13.05 -12.77
CA LYS A 340 6.68 -13.91 -13.84
C LYS A 340 6.84 -13.27 -15.23
N THR A 341 6.09 -12.19 -15.50
CA THR A 341 6.10 -11.51 -16.82
C THR A 341 7.42 -10.74 -17.04
N LEU A 342 8.48 -11.47 -17.41
CA LEU A 342 9.83 -10.91 -17.46
C LEU A 342 10.79 -11.61 -18.45
N ALA A 343 10.92 -11.03 -19.64
CA ALA A 343 12.00 -11.32 -20.61
C ALA A 343 12.61 -9.97 -20.97
N LEU A 344 13.81 -9.96 -21.56
CA LEU A 344 14.48 -8.69 -21.90
C LEU A 344 13.70 -7.83 -22.90
N GLU A 345 13.09 -8.50 -23.89
CA GLU A 345 12.21 -7.86 -24.90
C GLU A 345 11.09 -7.01 -24.25
N ILE A 346 10.53 -7.52 -23.16
CA ILE A 346 9.41 -6.89 -22.48
C ILE A 346 9.84 -5.88 -21.42
N ILE A 347 11.03 -6.03 -20.82
CA ILE A 347 11.44 -5.09 -19.75
C ILE A 347 11.28 -3.63 -20.16
N ASN A 348 11.91 -3.28 -21.27
CA ASN A 348 11.90 -1.89 -21.72
C ASN A 348 10.75 -1.50 -22.65
N PHE A 349 9.75 -2.38 -22.73
CA PHE A 349 8.49 -2.08 -23.42
C PHE A 349 7.95 -0.75 -22.98
N LYS A 350 7.57 0.06 -23.97
CA LYS A 350 7.05 1.40 -23.77
C LYS A 350 5.58 1.44 -24.12
N GLN A 351 4.89 2.39 -23.51
CA GLN A 351 3.45 2.54 -23.65
C GLN A 351 3.28 3.39 -24.89
N PRO A 352 2.48 2.92 -25.89
CA PRO A 352 2.36 3.64 -27.17
C PRO A 352 2.21 5.19 -27.09
N GLN A 353 1.37 5.67 -26.18
CA GLN A 353 1.06 7.10 -26.06
C GLN A 353 2.09 7.82 -25.18
N SER A 354 2.16 7.42 -23.92
CA SER A 354 2.98 8.10 -22.90
C SER A 354 4.48 7.83 -22.98
N HIS A 355 4.88 6.79 -23.73
CA HIS A 355 6.27 6.34 -23.81
C HIS A 355 6.85 5.95 -22.43
N GLU A 356 5.98 5.42 -21.59
CA GLU A 356 6.36 5.04 -20.23
C GLU A 356 6.80 3.60 -20.18
N THR A 357 8.10 3.38 -20.01
CA THR A 357 8.62 2.09 -19.56
C THR A 357 8.05 1.64 -18.20
N ALA A 358 8.18 0.35 -17.90
CA ALA A 358 7.77 -0.24 -16.62
C ALA A 358 8.43 0.41 -15.41
N LEU A 359 9.65 0.92 -15.57
CA LEU A 359 10.35 1.61 -14.50
C LEU A 359 9.65 2.92 -14.11
N HIS A 360 9.15 3.69 -15.08
CA HIS A 360 8.36 4.90 -14.80
C HIS A 360 7.09 4.59 -14.00
N CYS A 361 6.45 3.49 -14.32
CA CYS A 361 5.24 3.08 -13.64
C CYS A 361 5.53 2.64 -12.19
N ALA A 362 6.67 1.97 -11.98
CA ALA A 362 7.07 1.48 -10.66
C ALA A 362 7.41 2.60 -9.68
N VAL A 363 8.24 3.53 -10.11
CA VAL A 363 8.63 4.64 -9.23
C VAL A 363 7.50 5.63 -8.94
N ALA A 364 6.42 5.59 -9.72
CA ALA A 364 5.27 6.40 -9.42
C ALA A 364 4.17 5.70 -8.61
N SER A 365 4.37 4.44 -8.25
CA SER A 365 3.34 3.65 -7.56
C SER A 365 3.16 4.13 -6.13
N LEU A 366 1.91 4.22 -5.68
CA LEU A 366 1.63 4.49 -4.28
C LEU A 366 1.82 3.24 -3.41
N HIS A 367 1.82 2.08 -4.04
CA HIS A 367 1.76 0.81 -3.34
C HIS A 367 3.09 0.54 -2.62
N PRO A 368 3.07 -0.30 -1.59
CA PRO A 368 4.16 -0.32 -0.63
C PRO A 368 5.44 -1.07 -1.09
N LYS A 369 5.35 -2.00 -2.02
CA LYS A 369 6.52 -2.75 -2.49
C LYS A 369 7.29 -2.07 -3.63
N ARG A 370 6.99 -0.80 -3.91
CA ARG A 370 7.52 -0.14 -5.11
C ARG A 370 9.05 0.00 -5.16
N LYS A 371 9.72 -0.01 -4.01
CA LYS A 371 11.18 -0.02 -4.01
C LYS A 371 11.69 -1.32 -4.58
N GLN A 372 11.13 -2.43 -4.11
CA GLN A 372 11.53 -3.77 -4.58
C GLN A 372 11.24 -4.04 -6.04
N VAL A 373 10.15 -3.49 -6.55
CA VAL A 373 9.82 -3.61 -7.96
C VAL A 373 10.83 -2.83 -8.79
N THR A 374 11.12 -1.61 -8.38
CA THR A 374 12.16 -0.81 -9.04
C THR A 374 13.51 -1.53 -9.05
N GLU A 375 13.90 -2.06 -7.89
CA GLU A 375 15.15 -2.81 -7.73
C GLU A 375 15.21 -4.00 -8.71
N LEU A 376 14.18 -4.84 -8.67
CA LEU A 376 14.07 -6.01 -9.54
C LEU A 376 14.11 -5.66 -11.03
N LEU A 377 13.34 -4.65 -11.44
CA LEU A 377 13.32 -4.23 -12.85
C LEU A 377 14.69 -3.77 -13.34
N LEU A 378 15.46 -3.13 -12.48
CA LEU A 378 16.81 -2.69 -12.85
C LEU A 378 17.80 -3.86 -12.87
N ARG A 379 17.67 -4.78 -11.91
CA ARG A 379 18.45 -6.02 -11.92
C ARG A 379 18.17 -6.83 -13.18
N LYS A 380 16.90 -6.89 -13.57
CA LYS A 380 16.50 -7.59 -14.80
C LYS A 380 16.74 -6.79 -16.09
N GLY A 381 17.32 -5.58 -15.95
CA GLY A 381 17.94 -4.88 -17.07
C GLY A 381 17.07 -3.84 -17.73
N ALA A 382 16.55 -2.93 -16.91
CA ALA A 382 15.76 -1.81 -17.40
C ALA A 382 16.67 -0.63 -17.64
N ASN A 383 16.21 0.30 -18.45
CA ASN A 383 16.98 1.49 -18.78
C ASN A 383 16.67 2.54 -17.77
N VAL A 384 17.64 2.77 -16.90
CA VAL A 384 17.49 3.65 -15.75
C VAL A 384 17.24 5.11 -16.17
N ASN A 385 17.69 5.48 -17.37
CA ASN A 385 17.52 6.83 -17.91
C ASN A 385 16.55 6.93 -19.09
N GLU A 386 15.63 5.98 -19.18
CA GLU A 386 14.64 5.98 -20.24
C GLU A 386 13.80 7.26 -20.14
N LYS A 387 13.59 7.93 -21.27
CA LYS A 387 12.74 9.12 -21.30
C LYS A 387 11.30 8.75 -21.66
N ASN A 388 10.36 9.49 -21.06
CA ASN A 388 8.94 9.34 -21.30
C ASN A 388 8.60 10.44 -22.30
N LYS A 389 7.32 10.56 -22.70
CA LYS A 389 6.96 11.43 -23.84
C LYS A 389 7.42 12.90 -23.70
N ASP A 390 7.45 13.41 -22.48
CA ASP A 390 8.01 14.76 -22.21
C ASP A 390 9.38 14.70 -21.52
N PHE A 391 10.20 13.77 -22.00
CA PHE A 391 11.64 13.70 -21.72
C PHE A 391 12.04 13.52 -20.24
N MET A 392 11.10 13.14 -19.38
CA MET A 392 11.36 12.92 -17.97
C MET A 392 11.89 11.51 -17.79
N THR A 393 12.98 11.38 -17.02
CA THR A 393 13.48 10.06 -16.61
C THR A 393 12.67 9.56 -15.40
N PRO A 394 12.90 8.31 -14.95
CA PRO A 394 12.23 7.88 -13.72
C PRO A 394 12.59 8.72 -12.50
N LEU A 395 13.81 9.22 -12.43
CA LEU A 395 14.21 10.12 -11.35
C LEU A 395 13.36 11.37 -11.27
N HIS A 396 12.98 11.93 -12.42
CA HIS A 396 12.08 13.10 -12.47
C HIS A 396 10.72 12.73 -11.93
N VAL A 397 10.22 11.56 -12.35
CA VAL A 397 8.89 11.11 -11.97
C VAL A 397 8.82 10.90 -10.46
N ALA A 398 9.83 10.22 -9.92
CA ALA A 398 9.93 9.98 -8.49
C ALA A 398 10.11 11.28 -7.71
N ALA A 399 10.94 12.18 -8.23
CA ALA A 399 11.26 13.43 -7.54
C ALA A 399 10.11 14.40 -7.47
N GLU A 400 9.27 14.47 -8.51
CA GLU A 400 8.14 15.39 -8.42
C GLU A 400 7.02 14.90 -7.51
N ARG A 401 7.08 13.62 -7.11
CA ARG A 401 6.10 13.03 -6.19
C ARG A 401 6.62 12.85 -4.77
N ALA A 402 7.90 13.15 -4.54
CA ALA A 402 8.60 12.80 -3.30
C ALA A 402 8.43 11.33 -2.92
N HIS A 403 8.63 10.46 -3.92
CA HIS A 403 8.84 9.05 -3.69
C HIS A 403 10.36 8.90 -3.54
N ASN A 404 10.85 9.21 -2.35
CA ASN A 404 12.28 9.28 -2.12
C ASN A 404 12.94 7.92 -1.93
N ASP A 405 12.19 6.90 -1.52
CA ASP A 405 12.82 5.59 -1.29
C ASP A 405 13.46 5.01 -2.54
N VAL A 406 12.76 5.09 -3.66
CA VAL A 406 13.26 4.58 -4.94
C VAL A 406 14.46 5.34 -5.52
N MET A 407 14.65 6.60 -5.12
CA MET A 407 15.81 7.35 -5.58
C MET A 407 17.14 6.75 -5.17
N GLU A 408 17.19 6.04 -4.05
CA GLU A 408 18.40 5.31 -3.65
C GLU A 408 18.72 4.27 -4.69
N VAL A 409 17.70 3.54 -5.13
CA VAL A 409 17.86 2.44 -6.10
C VAL A 409 18.29 2.96 -7.47
N LEU A 410 17.62 4.01 -7.95
CA LEU A 410 17.96 4.65 -9.23
C LEU A 410 19.38 5.17 -9.25
N HIS A 411 19.78 5.84 -8.18
CA HIS A 411 21.15 6.29 -8.04
C HIS A 411 22.14 5.15 -8.10
N LYS A 412 21.90 4.06 -7.38
CA LYS A 412 22.82 2.93 -7.37
C LYS A 412 23.01 2.35 -8.77
N HIS A 413 21.92 2.21 -9.52
CA HIS A 413 21.99 1.72 -10.91
C HIS A 413 22.35 2.78 -11.95
N GLY A 414 22.79 3.96 -11.49
CA GLY A 414 23.51 4.92 -12.33
C GLY A 414 22.65 5.91 -13.07
N ALA A 415 21.57 6.37 -12.44
CA ALA A 415 20.73 7.37 -13.07
C ALA A 415 21.47 8.69 -13.13
N LYS A 416 21.47 9.30 -14.31
CA LYS A 416 21.88 10.69 -14.46
C LYS A 416 21.01 11.63 -13.61
N MET A 417 21.62 12.24 -12.60
CA MET A 417 20.92 13.14 -11.69
C MET A 417 20.58 14.47 -12.35
N ASN A 418 21.35 14.82 -13.37
CA ASN A 418 21.16 16.07 -14.11
C ASN A 418 20.67 15.85 -15.55
N ALA A 419 19.87 14.81 -15.73
CA ALA A 419 19.12 14.62 -16.96
C ALA A 419 18.11 15.74 -17.08
N LEU A 420 18.03 16.34 -18.26
CA LEU A 420 17.12 17.46 -18.50
C LEU A 420 15.85 16.98 -19.21
N ASP A 421 14.73 17.63 -18.91
CA ASP A 421 13.44 17.29 -19.51
C ASP A 421 13.19 18.24 -20.69
N THR A 422 11.96 18.28 -21.20
CA THR A 422 11.60 19.17 -22.31
C THR A 422 11.94 20.65 -22.08
N LEU A 423 11.77 21.11 -20.84
CA LEU A 423 12.01 22.53 -20.48
C LEU A 423 13.40 22.78 -19.89
N GLY A 424 14.33 21.84 -20.03
CA GLY A 424 15.68 22.00 -19.50
C GLY A 424 15.84 21.88 -17.99
N GLN A 425 14.80 21.36 -17.34
CA GLN A 425 14.74 21.24 -15.89
C GLN A 425 15.32 19.88 -15.48
N THR A 426 16.01 19.83 -14.34
CA THR A 426 16.52 18.58 -13.76
C THR A 426 15.42 17.95 -12.88
N ALA A 427 15.76 16.90 -12.16
CA ALA A 427 14.86 16.37 -11.14
C ALA A 427 14.69 17.39 -10.01
N LEU A 428 15.80 18.01 -9.63
CA LEU A 428 15.84 18.99 -8.53
C LEU A 428 14.89 20.17 -8.75
N HIS A 429 14.84 20.66 -9.98
CA HIS A 429 13.90 21.72 -10.37
C HIS A 429 12.47 21.31 -10.03
N ARG A 430 12.13 20.07 -10.39
CA ARG A 430 10.78 19.56 -10.19
C ARG A 430 10.41 19.40 -8.72
N ALA A 431 11.36 18.91 -7.93
CA ALA A 431 11.17 18.75 -6.49
C ALA A 431 11.02 20.11 -5.82
N ALA A 432 11.94 21.01 -6.13
CA ALA A 432 11.93 22.38 -5.62
C ALA A 432 10.60 23.09 -5.89
N LEU A 433 10.09 22.90 -7.10
CA LEU A 433 8.81 23.47 -7.51
C LEU A 433 7.63 22.95 -6.66
N ALA A 434 7.63 21.66 -6.36
CA ALA A 434 6.57 21.03 -5.54
C ALA A 434 6.74 21.24 -4.02
N GLY A 435 7.85 21.85 -3.61
CA GLY A 435 8.13 22.11 -2.21
C GLY A 435 8.62 20.89 -1.44
N HIS A 436 9.08 19.87 -2.15
CA HIS A 436 9.53 18.63 -1.49
C HIS A 436 10.92 18.81 -0.90
N LEU A 437 10.96 19.05 0.41
CA LEU A 437 12.18 19.48 1.08
C LEU A 437 13.18 18.35 1.23
N GLN A 438 12.74 17.18 1.69
CA GLN A 438 13.65 16.03 1.84
C GLN A 438 14.07 15.47 0.49
N THR A 439 13.18 15.57 -0.49
CA THR A 439 13.55 15.19 -1.85
C THR A 439 14.69 16.07 -2.33
N CYS A 440 14.56 17.39 -2.19
CA CYS A 440 15.64 18.32 -2.56
C CYS A 440 16.96 17.95 -1.90
N ARG A 441 16.91 17.76 -0.58
CA ARG A 441 18.10 17.40 0.20
C ARG A 441 18.78 16.18 -0.38
N LEU A 442 18.00 15.12 -0.55
CA LEU A 442 18.54 13.85 -1.05
C LEU A 442 19.10 13.98 -2.46
N LEU A 443 18.38 14.69 -3.33
CA LEU A 443 18.83 14.90 -4.71
C LEU A 443 20.21 15.56 -4.75
N LEU A 444 20.45 16.50 -3.82
CA LEU A 444 21.76 17.14 -3.70
C LEU A 444 22.80 16.16 -3.18
N SER A 445 22.43 15.36 -2.18
CA SER A 445 23.35 14.33 -1.66
C SER A 445 23.76 13.34 -2.75
N TYR A 446 22.81 13.00 -3.63
CA TYR A 446 23.08 12.09 -4.77
C TYR A 446 23.86 12.76 -5.91
N GLY A 447 23.79 14.08 -5.99
CA GLY A 447 24.64 14.85 -6.89
C GLY A 447 24.01 15.85 -7.83
N SER A 448 22.71 16.10 -7.72
CA SER A 448 22.06 17.14 -8.56
C SER A 448 22.71 18.50 -8.37
N ASP A 449 23.28 19.03 -9.44
CA ASP A 449 23.76 20.41 -9.50
C ASP A 449 22.61 21.41 -9.43
N PRO A 450 22.61 22.30 -8.39
CA PRO A 450 21.54 23.31 -8.26
C PRO A 450 21.63 24.47 -9.24
N SER A 451 22.86 24.86 -9.57
CA SER A 451 23.13 26.01 -10.43
C SER A 451 22.69 25.85 -11.89
N ILE A 452 22.28 24.66 -12.30
CA ILE A 452 21.71 24.46 -13.63
C ILE A 452 20.52 25.38 -13.86
N ILE A 453 20.57 26.12 -14.97
CA ILE A 453 19.53 27.05 -15.40
C ILE A 453 18.60 26.33 -16.39
N SER A 454 17.29 26.46 -16.19
CA SER A 454 16.31 25.83 -17.09
C SER A 454 16.31 26.59 -18.39
N LEU A 455 15.58 26.07 -19.38
CA LEU A 455 15.41 26.79 -20.65
C LEU A 455 14.70 28.13 -20.48
N GLN A 456 14.04 28.33 -19.34
CA GLN A 456 13.35 29.57 -19.05
C GLN A 456 14.10 30.56 -18.17
N GLY A 457 15.31 30.19 -17.74
CA GLY A 457 16.18 31.07 -16.96
C GLY A 457 16.14 30.88 -15.46
N PHE A 458 15.58 29.76 -15.00
CA PHE A 458 15.40 29.54 -13.59
C PHE A 458 16.34 28.46 -13.10
N THR A 459 16.99 28.72 -11.98
CA THR A 459 17.62 27.68 -11.17
C THR A 459 16.54 26.95 -10.38
N ALA A 460 16.86 25.78 -9.83
CA ALA A 460 15.92 25.09 -8.93
C ALA A 460 15.49 25.99 -7.77
N ALA A 461 16.46 26.71 -7.20
CA ALA A 461 16.24 27.68 -6.14
C ALA A 461 15.16 28.70 -6.46
N GLN A 462 15.25 29.28 -7.66
CA GLN A 462 14.31 30.33 -8.09
C GLN A 462 12.87 29.88 -8.26
N MET A 463 12.67 28.57 -8.44
CA MET A 463 11.33 27.95 -8.55
C MET A 463 10.69 27.58 -7.21
N GLY A 464 11.51 27.47 -6.17
CA GLY A 464 11.07 26.97 -4.87
C GLY A 464 10.63 28.02 -3.89
N ASN A 465 9.90 27.58 -2.87
CA ASN A 465 9.49 28.42 -1.75
C ASN A 465 10.68 28.79 -0.84
N GLU A 466 10.39 29.54 0.23
CA GLU A 466 11.40 29.97 1.20
C GLU A 466 12.20 28.78 1.75
N ALA A 467 11.48 27.77 2.21
CA ALA A 467 12.08 26.56 2.79
C ALA A 467 13.00 25.83 1.81
N VAL A 468 12.61 25.75 0.55
CA VAL A 468 13.47 25.17 -0.48
C VAL A 468 14.73 26.01 -0.65
N GLN A 469 14.59 27.34 -0.73
CA GLN A 469 15.74 28.24 -0.91
C GLN A 469 16.79 28.09 0.19
N GLN A 470 16.30 27.96 1.42
CA GLN A 470 17.16 27.68 2.58
C GLN A 470 18.13 26.54 2.29
N ILE A 471 17.58 25.44 1.78
CA ILE A 471 18.32 24.20 1.54
C ILE A 471 19.32 24.38 0.40
N LEU A 472 18.84 24.97 -0.70
CA LEU A 472 19.64 25.06 -1.91
C LEU A 472 20.75 26.13 -1.86
N SER A 473 20.60 27.15 -1.00
CA SER A 473 21.66 28.17 -0.79
C SER A 473 22.80 27.72 0.16
N GLU A 474 22.82 26.44 0.52
CA GLU A 474 24.00 25.77 1.06
C GLU A 474 24.58 24.83 -0.03
N SER A 475 25.42 25.46 -0.88
CA SER A 475 26.26 24.84 -1.92
C SER A 475 27.37 25.85 -2.33
N ALA B 15 38.74 34.88 57.82
CA ALA B 15 38.13 33.53 58.16
C ALA B 15 37.84 32.57 56.98
N LEU B 16 38.02 33.04 55.74
CA LEU B 16 37.99 32.14 54.57
C LEU B 16 39.17 31.17 54.63
N ARG B 17 40.36 31.68 54.94
CA ARG B 17 41.57 30.85 55.12
C ARG B 17 41.36 29.74 56.14
N GLU B 18 40.64 30.04 57.22
CA GLU B 18 40.31 29.05 58.23
C GLU B 18 39.49 27.90 57.65
N LEU B 19 38.52 28.23 56.80
CA LEU B 19 37.69 27.20 56.12
C LEU B 19 38.50 26.31 55.19
N LEU B 20 39.31 26.94 54.35
CA LEU B 20 40.09 26.21 53.34
C LEU B 20 41.07 25.24 53.99
N GLU B 21 41.63 25.63 55.14
CA GLU B 21 42.51 24.74 55.91
C GLU B 21 41.74 23.57 56.53
N ALA B 22 40.53 23.85 57.02
CA ALA B 22 39.66 22.80 57.56
C ALA B 22 39.28 21.77 56.49
N CYS B 23 39.11 22.24 55.25
CA CYS B 23 38.79 21.38 54.11
C CYS B 23 39.91 20.42 53.70
N ARG B 24 41.16 20.84 53.86
CA ARG B 24 42.32 19.98 53.57
C ARG B 24 42.50 18.89 54.63
N ASN B 25 42.31 19.27 55.90
CA ASN B 25 42.50 18.35 57.03
C ASN B 25 41.34 17.39 57.21
N GLY B 26 40.15 17.80 56.77
CA GLY B 26 38.95 16.99 56.96
C GLY B 26 38.34 17.17 58.32
N ASP B 27 38.48 18.37 58.89
CA ASP B 27 37.83 18.70 60.15
C ASP B 27 36.36 19.04 59.85
N VAL B 28 35.53 18.00 59.77
CA VAL B 28 34.09 18.13 59.49
C VAL B 28 33.36 19.11 60.41
N SER B 29 33.69 19.07 61.70
CA SER B 29 33.09 19.95 62.71
C SER B 29 33.38 21.43 62.42
N ARG B 30 34.61 21.70 61.98
CA ARG B 30 35.08 23.07 61.73
C ARG B 30 34.54 23.60 60.40
N VAL B 31 34.38 22.70 59.42
CA VAL B 31 33.77 23.07 58.13
C VAL B 31 32.30 23.38 58.36
N LYS B 32 31.64 22.54 59.16
CA LYS B 32 30.26 22.77 59.58
C LYS B 32 30.09 24.16 60.21
N ARG B 33 30.95 24.47 61.16
CA ARG B 33 30.91 25.75 61.86
C ARG B 33 31.12 26.94 60.92
N LEU B 34 32.09 26.80 60.01
CA LEU B 34 32.56 27.93 59.20
C LEU B 34 31.76 28.17 57.92
N VAL B 35 31.29 27.10 57.28
CA VAL B 35 30.71 27.21 55.94
C VAL B 35 29.25 27.65 55.96
N ASP B 36 28.89 28.47 54.98
CA ASP B 36 27.49 28.82 54.71
C ASP B 36 27.38 29.27 53.25
N ALA B 37 26.15 29.59 52.81
CA ALA B 37 25.90 30.01 51.42
C ALA B 37 26.82 31.14 50.95
N ALA B 38 27.07 32.10 51.84
CA ALA B 38 27.92 33.25 51.53
C ALA B 38 29.37 32.91 51.11
N ASN B 39 29.94 31.85 51.67
CA ASN B 39 31.35 31.49 51.40
C ASN B 39 31.60 30.07 50.87
N VAL B 40 30.55 29.29 50.61
CA VAL B 40 30.71 27.88 50.23
C VAL B 40 31.43 27.71 48.87
N ASN B 41 31.23 28.68 47.98
CA ASN B 41 31.88 28.71 46.67
C ASN B 41 32.93 29.82 46.56
N ALA B 42 33.58 30.16 47.67
CA ALA B 42 34.56 31.25 47.70
C ALA B 42 35.87 30.81 47.08
N LYS B 43 36.46 31.68 46.26
CA LYS B 43 37.74 31.40 45.64
C LYS B 43 38.89 31.82 46.55
N ASP B 44 39.90 30.96 46.65
CA ASP B 44 41.16 31.30 47.31
C ASP B 44 41.86 32.34 46.43
N MET B 45 41.72 33.63 46.76
CA MET B 45 42.20 34.71 45.88
C MET B 45 43.74 34.86 45.77
N ALA B 46 44.51 34.03 46.46
CA ALA B 46 45.94 33.81 46.14
C ALA B 46 46.18 32.37 45.68
N GLY B 47 47.26 32.15 44.93
CA GLY B 47 47.63 30.82 44.44
C GLY B 47 46.72 30.26 43.37
N ARG B 48 46.17 29.07 43.62
CA ARG B 48 45.45 28.31 42.58
C ARG B 48 44.06 28.85 42.21
N LYS B 49 43.47 29.70 43.06
CA LYS B 49 42.10 30.20 42.89
C LYS B 49 41.05 29.08 43.08
N SER B 50 41.29 28.21 44.07
CA SER B 50 40.45 27.03 44.31
C SER B 50 39.25 27.28 45.23
N SER B 51 38.18 26.53 44.98
CA SER B 51 36.97 26.46 45.82
C SER B 51 37.27 25.60 47.06
N PRO B 52 36.44 25.71 48.10
CA PRO B 52 36.53 24.73 49.20
C PRO B 52 36.38 23.28 48.75
N LEU B 53 35.45 23.05 47.83
CA LEU B 53 35.21 21.70 47.26
C LEU B 53 36.43 21.17 46.50
N HIS B 54 37.05 22.06 45.74
CA HIS B 54 38.33 21.77 45.08
C HIS B 54 39.34 21.13 46.03
N PHE B 55 39.63 21.81 47.13
CA PHE B 55 40.58 21.32 48.15
C PHE B 55 40.14 20.00 48.74
N ALA B 56 38.92 19.98 49.29
CA ALA B 56 38.34 18.78 49.92
C ALA B 56 38.39 17.56 49.01
N ALA B 57 38.02 17.77 47.74
CA ALA B 57 38.00 16.70 46.75
C ALA B 57 39.41 16.17 46.49
N GLY B 58 40.33 17.08 46.20
CA GLY B 58 41.73 16.76 45.99
C GLY B 58 42.38 16.02 47.16
N PHE B 59 41.95 16.35 48.38
CA PHE B 59 42.46 15.72 49.61
C PHE B 59 41.71 14.46 50.07
N GLY B 60 40.66 14.05 49.35
CA GLY B 60 39.97 12.79 49.63
C GLY B 60 39.10 12.82 50.89
N ARG B 61 38.48 13.98 51.13
CA ARG B 61 37.67 14.22 52.31
C ARG B 61 36.20 14.02 51.98
N LYS B 62 35.78 12.75 52.00
CA LYS B 62 34.42 12.33 51.57
C LYS B 62 33.34 13.04 52.38
N ASP B 63 33.55 13.13 53.69
CA ASP B 63 32.57 13.70 54.61
C ASP B 63 32.46 15.21 54.48
N VAL B 64 33.60 15.87 54.27
CA VAL B 64 33.60 17.30 54.02
C VAL B 64 32.93 17.58 52.68
N VAL B 65 33.26 16.76 51.67
CA VAL B 65 32.61 16.85 50.36
C VAL B 65 31.09 16.66 50.44
N GLU B 66 30.64 15.65 51.21
CA GLU B 66 29.20 15.42 51.42
C GLU B 66 28.51 16.67 51.94
N HIS B 67 29.06 17.23 53.01
CA HIS B 67 28.48 18.40 53.64
C HIS B 67 28.58 19.66 52.78
N LEU B 68 29.71 19.84 52.10
CA LEU B 68 29.86 20.98 51.19
C LEU B 68 28.79 20.93 50.09
N LEU B 69 28.56 19.74 49.52
CA LEU B 69 27.55 19.57 48.48
C LEU B 69 26.14 19.84 48.99
N GLN B 70 25.83 19.44 50.22
CA GLN B 70 24.55 19.81 50.85
C GLN B 70 24.34 21.31 51.04
N MET B 71 25.44 22.03 51.28
CA MET B 71 25.42 23.50 51.44
C MET B 71 25.46 24.26 50.11
N GLY B 72 25.34 23.53 48.99
CA GLY B 72 25.21 24.15 47.68
C GLY B 72 26.54 24.38 46.99
N ALA B 73 27.52 23.53 47.28
CA ALA B 73 28.84 23.66 46.69
C ALA B 73 28.77 23.38 45.21
N ASN B 74 29.38 24.24 44.40
CA ASN B 74 29.32 24.12 42.95
C ASN B 74 30.33 23.07 42.46
N VAL B 75 29.80 22.01 41.86
CA VAL B 75 30.60 20.89 41.42
C VAL B 75 31.23 21.16 40.04
N HIS B 76 30.76 22.22 39.35
CA HIS B 76 31.35 22.70 38.10
C HIS B 76 32.20 23.97 38.27
N ALA B 77 32.62 24.26 39.50
CA ALA B 77 33.43 25.45 39.77
C ALA B 77 34.82 25.31 39.16
N ARG B 78 35.26 26.36 38.47
CA ARG B 78 36.56 26.36 37.82
C ARG B 78 37.60 27.06 38.71
N ASP B 79 38.78 26.49 38.81
CA ASP B 79 39.93 27.19 39.40
C ASP B 79 40.62 28.00 38.29
N ASP B 80 41.79 28.56 38.58
CA ASP B 80 42.50 29.41 37.63
C ASP B 80 42.98 28.63 36.41
N GLY B 81 43.38 27.37 36.63
CA GLY B 81 43.83 26.49 35.56
C GLY B 81 42.76 25.86 34.71
N GLY B 82 41.48 26.03 35.09
CA GLY B 82 40.34 25.47 34.37
C GLY B 82 39.82 24.16 34.97
N LEU B 83 40.39 23.73 36.08
CA LEU B 83 40.04 22.44 36.66
C LEU B 83 38.72 22.50 37.40
N ILE B 84 38.23 21.32 37.73
CA ILE B 84 36.92 21.06 38.33
C ILE B 84 37.28 20.18 39.50
N PRO B 85 36.55 20.29 40.63
CA PRO B 85 36.83 19.39 41.77
C PRO B 85 37.09 17.93 41.37
N LEU B 86 36.36 17.45 40.35
CA LEU B 86 36.58 16.10 39.79
C LEU B 86 38.00 15.86 39.26
N HIS B 87 38.58 16.84 38.55
CA HIS B 87 39.99 16.77 38.14
C HIS B 87 40.89 16.46 39.34
N ASN B 88 40.68 17.23 40.41
CA ASN B 88 41.48 17.16 41.64
C ASN B 88 41.43 15.79 42.30
N ALA B 89 40.21 15.27 42.48
CA ALA B 89 40.01 13.94 43.09
C ALA B 89 40.57 12.81 42.25
N CYS B 90 40.56 13.01 40.93
CA CYS B 90 41.07 12.00 39.99
C CYS B 90 42.60 11.90 39.98
N SER B 91 43.28 13.05 40.09
CA SER B 91 44.75 13.10 40.13
C SER B 91 45.30 12.34 41.31
N PHE B 92 44.59 12.38 42.43
CA PHE B 92 45.06 11.82 43.70
C PHE B 92 44.30 10.55 44.13
N GLY B 93 43.57 9.94 43.19
CA GLY B 93 43.04 8.59 43.37
C GLY B 93 41.98 8.39 44.44
N HIS B 94 41.10 9.38 44.60
CA HIS B 94 40.04 9.30 45.63
C HIS B 94 38.74 8.81 45.01
N ALA B 95 38.78 7.56 44.56
CA ALA B 95 37.70 6.93 43.80
C ALA B 95 36.33 7.00 44.49
N GLU B 96 36.34 7.01 45.83
CA GLU B 96 35.17 7.26 46.64
C GLU B 96 34.59 8.65 46.36
N VAL B 97 35.46 9.66 46.39
CA VAL B 97 35.08 11.05 46.16
C VAL B 97 34.76 11.29 44.68
N VAL B 98 35.42 10.55 43.79
CA VAL B 98 35.13 10.62 42.35
C VAL B 98 33.69 10.19 42.11
N SER B 99 33.35 9.00 42.59
CA SER B 99 31.99 8.44 42.47
C SER B 99 30.91 9.41 42.99
N LEU B 100 31.23 10.12 44.07
CA LEU B 100 30.33 11.07 44.71
C LEU B 100 30.13 12.39 43.92
N LEU B 101 31.20 12.90 43.29
CA LEU B 101 31.12 14.10 42.44
C LEU B 101 30.42 13.82 41.11
N LEU B 102 30.65 12.63 40.56
CA LEU B 102 29.95 12.16 39.35
C LEU B 102 28.45 12.06 39.59
N CYS B 103 28.07 11.49 40.73
CA CYS B 103 26.66 11.46 41.19
C CYS B 103 25.97 12.81 41.38
N GLN B 104 26.72 13.86 41.66
CA GLN B 104 26.18 15.24 41.69
C GLN B 104 26.23 15.95 40.32
N GLY B 105 26.83 15.30 39.33
CA GLY B 105 26.71 15.73 37.95
C GLY B 105 27.94 16.36 37.33
N ALA B 106 29.08 16.32 38.01
CA ALA B 106 30.32 16.80 37.41
C ALA B 106 30.58 15.93 36.20
N ASP B 107 30.79 16.53 35.02
CA ASP B 107 30.96 15.72 33.80
C ASP B 107 32.41 15.20 33.68
N PRO B 108 32.56 13.89 33.45
CA PRO B 108 33.90 13.31 33.39
C PRO B 108 34.71 13.66 32.13
N ASN B 109 34.15 14.53 31.29
CA ASN B 109 34.86 15.07 30.13
C ASN B 109 34.94 16.59 30.21
N ALA B 110 35.20 17.12 31.40
CA ALA B 110 35.44 18.54 31.60
C ALA B 110 36.82 18.90 31.05
N ARG B 111 36.95 20.12 30.51
CA ARG B 111 38.19 20.58 29.92
C ARG B 111 38.77 21.66 30.79
N ASP B 112 40.05 21.54 31.12
CA ASP B 112 40.79 22.66 31.72
C ASP B 112 41.31 23.56 30.58
N ASN B 113 42.15 24.54 30.92
CA ASN B 113 42.64 25.47 29.88
C ASN B 113 43.56 24.83 28.82
N TRP B 114 44.11 23.66 29.13
CA TRP B 114 44.90 22.85 28.19
C TRP B 114 44.11 21.68 27.59
N ASN B 115 42.81 21.59 27.89
CA ASN B 115 41.93 20.49 27.45
C ASN B 115 42.31 19.07 27.93
N TYR B 116 42.87 19.00 29.13
CA TYR B 116 43.02 17.75 29.87
C TYR B 116 41.66 17.43 30.51
N THR B 117 41.16 16.21 30.33
CA THR B 117 39.98 15.73 31.04
C THR B 117 40.39 15.05 32.32
N PRO B 118 39.45 14.87 33.27
CA PRO B 118 39.76 14.06 34.47
C PRO B 118 40.32 12.67 34.17
N LEU B 119 39.96 12.10 33.01
CA LEU B 119 40.55 10.84 32.57
C LEU B 119 42.04 10.94 32.17
N HIS B 120 42.46 12.08 31.60
CA HIS B 120 43.90 12.34 31.40
C HIS B 120 44.61 12.29 32.74
N GLU B 121 44.08 13.05 33.68
CA GLU B 121 44.66 13.24 35.01
C GLU B 121 44.85 11.94 35.81
N ALA B 122 43.93 11.00 35.66
CA ALA B 122 44.01 9.71 36.37
C ALA B 122 44.82 8.67 35.60
N ALA B 123 44.81 8.74 34.27
CA ALA B 123 45.61 7.86 33.43
C ALA B 123 47.10 8.19 33.53
N ILE B 124 47.42 9.48 33.60
CA ILE B 124 48.81 9.95 33.79
C ILE B 124 49.37 9.44 35.12
N LYS B 125 48.57 9.58 36.18
CA LYS B 125 48.95 9.18 37.54
C LYS B 125 48.75 7.69 37.86
N GLY B 126 48.43 6.86 36.85
CA GLY B 126 48.28 5.42 37.04
C GLY B 126 47.13 4.96 37.94
N LYS B 127 46.11 5.81 38.10
CA LYS B 127 45.01 5.53 39.01
C LYS B 127 43.97 4.67 38.30
N ILE B 128 44.00 3.36 38.57
CA ILE B 128 43.18 2.37 37.86
C ILE B 128 41.73 2.41 38.32
N ASP B 129 41.50 2.51 39.63
CA ASP B 129 40.16 2.60 40.20
C ASP B 129 39.42 3.84 39.73
N VAL B 130 40.12 4.97 39.67
CA VAL B 130 39.55 6.20 39.13
C VAL B 130 39.26 6.10 37.62
N CYS B 131 40.18 5.51 36.87
CA CYS B 131 40.01 5.31 35.40
C CYS B 131 38.74 4.55 35.07
N ILE B 132 38.52 3.43 35.75
CA ILE B 132 37.36 2.57 35.47
C ILE B 132 36.05 3.24 35.90
N VAL B 133 36.05 3.87 37.07
CA VAL B 133 34.88 4.63 37.55
C VAL B 133 34.51 5.75 36.57
N LEU B 134 35.49 6.44 36.01
CA LEU B 134 35.24 7.48 35.01
C LEU B 134 34.68 6.91 33.69
N LEU B 135 35.28 5.82 33.21
CA LEU B 135 34.84 5.19 31.96
C LEU B 135 33.44 4.63 32.06
N GLN B 136 33.11 4.06 33.22
CA GLN B 136 31.74 3.61 33.52
C GLN B 136 30.72 4.74 33.50
N HIS B 137 31.12 5.93 33.95
CA HIS B 137 30.29 7.13 33.87
C HIS B 137 30.50 7.95 32.57
N GLY B 138 30.95 7.28 31.50
CA GLY B 138 30.96 7.86 30.17
C GLY B 138 32.08 8.84 29.89
N ALA B 139 33.26 8.60 30.47
CA ALA B 139 34.43 9.38 30.10
C ALA B 139 34.92 8.93 28.74
N ASP B 140 35.57 9.86 28.03
CA ASP B 140 36.02 9.65 26.66
C ASP B 140 37.55 9.51 26.64
N PRO B 141 38.05 8.30 26.27
CA PRO B 141 39.51 8.14 26.16
C PRO B 141 40.13 8.94 25.03
N ASN B 142 39.31 9.33 24.05
CA ASN B 142 39.77 9.89 22.78
C ASN B 142 39.84 11.42 22.73
N ILE B 143 39.40 12.11 23.79
CA ILE B 143 39.54 13.56 23.86
C ILE B 143 41.03 13.91 23.92
N ARG B 144 41.44 14.85 23.08
CA ARG B 144 42.83 15.24 22.95
C ARG B 144 43.04 16.59 23.61
N ASN B 145 44.18 16.76 24.28
CA ASN B 145 44.56 18.05 24.85
C ASN B 145 45.05 19.01 23.76
N THR B 146 45.43 20.22 24.14
CA THR B 146 45.94 21.22 23.19
C THR B 146 47.23 20.82 22.46
N ASP B 147 47.99 19.88 23.03
CA ASP B 147 49.15 19.26 22.37
C ASP B 147 48.78 18.05 21.49
N GLY B 148 47.47 17.82 21.27
CA GLY B 148 46.99 16.72 20.44
C GLY B 148 47.07 15.33 21.05
N LYS B 149 47.37 15.23 22.34
CA LYS B 149 47.56 13.94 23.00
C LYS B 149 46.32 13.53 23.79
N SER B 150 45.87 12.31 23.58
CA SER B 150 44.70 11.76 24.28
C SER B 150 45.08 11.27 25.68
N ALA B 151 44.10 10.70 26.38
CA ALA B 151 44.34 10.07 27.67
C ALA B 151 45.21 8.83 27.53
N LEU B 152 44.95 8.03 26.49
CA LEU B 152 45.74 6.83 26.18
C LEU B 152 47.20 7.18 25.83
N ASP B 153 47.41 8.32 25.20
CA ASP B 153 48.74 8.77 24.78
C ASP B 153 49.61 9.17 25.98
N LEU B 154 49.01 9.89 26.93
CA LEU B 154 49.70 10.30 28.16
C LEU B 154 49.59 9.26 29.30
N ALA B 155 49.10 8.06 29.00
CA ALA B 155 48.76 7.08 30.04
C ALA B 155 49.99 6.48 30.71
N ASP B 156 49.81 6.07 31.96
CA ASP B 156 50.79 5.25 32.68
C ASP B 156 50.74 3.85 32.08
N PRO B 157 51.88 3.13 32.04
CA PRO B 157 51.87 1.74 31.52
C PRO B 157 50.78 0.81 32.07
N SER B 158 50.44 0.96 33.37
CA SER B 158 49.34 0.21 33.99
C SER B 158 47.97 0.66 33.48
N ALA B 159 47.72 1.96 33.57
CA ALA B 159 46.46 2.56 33.12
C ALA B 159 46.25 2.48 31.59
N LYS B 160 47.32 2.26 30.84
CA LYS B 160 47.21 2.06 29.39
C LYS B 160 46.41 0.78 29.06
N ALA B 161 46.56 -0.26 29.88
CA ALA B 161 45.80 -1.51 29.71
C ALA B 161 44.28 -1.36 29.92
N VAL B 162 43.88 -0.40 30.75
CA VAL B 162 42.46 -0.10 31.00
C VAL B 162 41.85 0.65 29.82
N LEU B 163 42.58 1.65 29.30
CA LEU B 163 42.09 2.49 28.19
C LEU B 163 42.15 1.81 26.82
N THR B 164 42.62 0.57 26.76
CA THR B 164 42.48 -0.29 25.59
C THR B 164 41.41 -1.40 25.76
N GLY B 165 40.71 -1.40 26.90
CA GLY B 165 39.65 -2.40 27.18
C GLY B 165 40.14 -3.81 27.38
N GLU B 166 41.40 -3.96 27.79
CA GLU B 166 42.04 -5.27 27.92
C GLU B 166 42.50 -5.60 29.35
N TYR B 167 42.05 -4.82 30.35
CA TYR B 167 42.41 -4.97 31.80
C TYR B 167 41.58 -5.93 32.75
N LYS B 168 42.29 -6.85 33.42
CA LYS B 168 41.72 -8.04 34.12
C LYS B 168 40.65 -8.65 33.26
N LYS B 169 40.99 -8.76 31.98
CA LYS B 169 40.07 -9.21 30.94
C LYS B 169 39.71 -10.69 31.09
N ASP B 170 40.66 -11.48 31.59
CA ASP B 170 40.41 -12.88 31.95
C ASP B 170 39.41 -12.97 33.09
N GLU B 171 39.56 -12.08 34.08
CA GLU B 171 38.68 -12.03 35.24
C GLU B 171 37.28 -11.53 34.87
N LEU B 172 37.24 -10.59 33.93
CA LEU B 172 35.98 -10.05 33.37
C LEU B 172 35.19 -11.15 32.67
N LEU B 173 35.86 -11.87 31.77
CA LEU B 173 35.24 -12.97 31.02
C LEU B 173 34.79 -14.10 31.94
N GLU B 174 35.63 -14.46 32.91
CA GLU B 174 35.29 -15.52 33.90
C GLU B 174 34.06 -15.16 34.73
N ALA B 175 33.95 -13.89 35.10
CA ALA B 175 32.77 -13.39 35.82
C ALA B 175 31.49 -13.55 35.00
N ALA B 176 31.59 -13.29 33.68
CA ALA B 176 30.45 -13.40 32.78
C ALA B 176 29.94 -14.83 32.67
N ARG B 177 30.86 -15.78 32.49
CA ARG B 177 30.48 -17.20 32.35
C ARG B 177 30.13 -17.89 33.68
N SER B 178 30.71 -17.40 34.78
CA SER B 178 30.37 -17.90 36.12
C SER B 178 29.13 -17.23 36.73
N GLY B 179 28.60 -16.19 36.07
CA GLY B 179 27.37 -15.52 36.50
C GLY B 179 27.54 -14.60 37.70
N ASN B 180 28.70 -13.94 37.78
CA ASN B 180 29.10 -13.16 38.95
C ASN B 180 28.86 -11.66 38.71
N GLU B 181 27.72 -11.17 39.21
CA GLU B 181 27.21 -9.84 38.85
C GLU B 181 28.10 -8.70 39.31
N GLU B 182 28.44 -8.69 40.61
CA GLU B 182 29.20 -7.57 41.19
C GLU B 182 30.68 -7.57 40.80
N LYS B 183 31.26 -8.75 40.58
CA LYS B 183 32.66 -8.82 40.13
C LYS B 183 32.81 -8.45 38.65
N LEU B 184 31.73 -8.61 37.87
CA LEU B 184 31.66 -8.09 36.48
C LEU B 184 31.60 -6.57 36.50
N MET B 185 30.64 -6.01 37.24
CA MET B 185 30.43 -4.57 37.30
C MET B 185 31.57 -3.81 37.97
N ALA B 186 32.41 -4.51 38.73
CA ALA B 186 33.67 -3.96 39.21
C ALA B 186 34.61 -3.60 38.07
N LEU B 187 34.65 -4.44 37.03
CA LEU B 187 35.61 -4.32 35.93
C LEU B 187 35.08 -3.75 34.61
N LEU B 188 33.75 -3.84 34.41
CA LEU B 188 33.13 -3.56 33.10
C LEU B 188 33.18 -2.09 32.75
N THR B 189 33.96 -1.73 31.73
CA THR B 189 33.95 -0.40 31.14
C THR B 189 33.21 -0.56 29.79
N PRO B 190 32.78 0.58 29.19
CA PRO B 190 32.21 0.45 27.84
C PRO B 190 33.22 -0.02 26.78
N LEU B 191 34.51 -0.04 27.14
CA LEU B 191 35.57 -0.55 26.26
C LEU B 191 35.85 -2.05 26.37
N ASN B 192 35.86 -2.59 27.59
CA ASN B 192 36.17 -4.03 27.76
C ASN B 192 34.90 -4.90 27.63
N VAL B 193 33.79 -4.34 27.12
CA VAL B 193 32.50 -5.07 27.00
C VAL B 193 32.41 -6.00 25.78
N ASN B 194 33.05 -5.59 24.68
CA ASN B 194 33.15 -6.40 23.46
C ASN B 194 34.58 -6.79 23.18
N CYS B 195 35.28 -7.19 24.24
CA CYS B 195 36.61 -7.76 24.12
C CYS B 195 36.44 -9.20 23.66
N HIS B 196 37.52 -9.79 23.18
CA HIS B 196 37.56 -11.21 22.85
C HIS B 196 38.59 -11.92 23.73
N ALA B 197 38.34 -13.20 24.00
CA ALA B 197 39.31 -14.03 24.73
C ALA B 197 40.58 -14.20 23.88
N SER B 198 41.71 -14.40 24.55
CA SER B 198 43.00 -14.59 23.87
C SER B 198 43.04 -15.88 23.03
N ASP B 199 42.32 -16.91 23.48
CA ASP B 199 42.46 -18.27 22.93
C ASP B 199 41.15 -19.05 22.98
N GLY B 200 41.18 -20.28 22.45
CA GLY B 200 40.05 -21.18 22.46
C GLY B 200 39.05 -20.73 21.43
N ARG B 201 37.83 -20.48 21.87
CA ARG B 201 36.76 -20.06 20.97
C ARG B 201 36.87 -18.57 20.57
N LYS B 202 37.63 -17.78 21.34
CA LYS B 202 37.78 -16.33 21.14
C LYS B 202 36.44 -15.61 21.28
N SER B 203 35.71 -15.98 22.32
CA SER B 203 34.37 -15.47 22.58
C SER B 203 34.40 -14.09 23.24
N THR B 204 33.27 -13.39 23.16
CA THR B 204 33.04 -12.14 23.88
C THR B 204 32.36 -12.42 25.23
N PRO B 205 32.29 -11.41 26.11
CA PRO B 205 31.49 -11.59 27.33
C PRO B 205 30.06 -12.07 27.05
N LEU B 206 29.41 -11.45 26.07
CA LEU B 206 28.01 -11.77 25.74
C LEU B 206 27.84 -13.21 25.26
N HIS B 207 28.77 -13.69 24.43
CA HIS B 207 28.80 -15.10 23.97
C HIS B 207 28.72 -16.07 25.11
N LEU B 208 29.53 -15.82 26.13
CA LEU B 208 29.67 -16.71 27.27
C LEU B 208 28.45 -16.64 28.17
N ALA B 209 28.08 -15.41 28.53
CA ALA B 209 26.89 -15.18 29.35
C ALA B 209 25.65 -15.81 28.72
N ALA B 210 25.54 -15.71 27.39
CA ALA B 210 24.42 -16.29 26.65
C ALA B 210 24.48 -17.80 26.64
N GLY B 211 25.66 -18.35 26.37
CA GLY B 211 25.88 -19.79 26.40
C GLY B 211 25.62 -20.45 27.75
N TYR B 212 26.11 -19.82 28.82
CA TYR B 212 25.98 -20.37 30.19
C TYR B 212 24.71 -19.93 30.95
N ASN B 213 23.77 -19.26 30.27
CA ASN B 213 22.46 -18.89 30.82
C ASN B 213 22.52 -17.91 32.00
N ARG B 214 23.33 -16.87 31.83
CA ARG B 214 23.44 -15.78 32.79
C ARG B 214 22.51 -14.65 32.34
N VAL B 215 21.23 -14.84 32.62
CA VAL B 215 20.15 -13.96 32.14
C VAL B 215 20.35 -12.52 32.61
N ARG B 216 20.76 -12.38 33.87
CA ARG B 216 21.01 -11.08 34.47
C ARG B 216 22.29 -10.43 33.95
N ILE B 217 23.33 -11.23 33.73
CA ILE B 217 24.60 -10.73 33.17
C ILE B 217 24.39 -10.23 31.73
N VAL B 218 23.51 -10.90 30.99
CA VAL B 218 23.18 -10.50 29.63
C VAL B 218 22.50 -9.12 29.63
N GLN B 219 21.51 -8.94 30.50
CA GLN B 219 20.84 -7.64 30.64
C GLN B 219 21.84 -6.52 30.89
N LEU B 220 22.80 -6.76 31.78
CA LEU B 220 23.82 -5.77 32.11
C LEU B 220 24.77 -5.53 30.95
N LEU B 221 25.17 -6.60 30.26
CA LEU B 221 26.06 -6.46 29.11
C LEU B 221 25.38 -5.68 27.98
N LEU B 222 24.17 -6.10 27.64
CA LEU B 222 23.37 -5.45 26.59
C LEU B 222 23.14 -3.98 26.90
N GLN B 223 22.82 -3.67 28.15
CA GLN B 223 22.72 -2.28 28.61
C GLN B 223 24.00 -1.51 28.33
N HIS B 224 25.14 -2.07 28.73
CA HIS B 224 26.42 -1.37 28.63
C HIS B 224 27.10 -1.51 27.27
N GLY B 225 26.31 -1.79 26.23
CA GLY B 225 26.75 -1.67 24.85
C GLY B 225 27.32 -2.91 24.22
N ALA B 226 26.96 -4.08 24.76
CA ALA B 226 27.48 -5.34 24.23
C ALA B 226 26.95 -5.53 22.82
N ASP B 227 27.76 -6.17 21.99
CA ASP B 227 27.47 -6.33 20.58
C ASP B 227 26.75 -7.66 20.38
N VAL B 228 25.50 -7.58 19.97
CA VAL B 228 24.70 -8.77 19.72
C VAL B 228 25.16 -9.50 18.43
N HIS B 229 25.85 -8.76 17.55
CA HIS B 229 26.38 -9.27 16.29
C HIS B 229 27.83 -9.75 16.32
N ALA B 230 28.48 -9.69 17.48
CA ALA B 230 29.92 -9.99 17.57
C ALA B 230 30.19 -11.46 17.30
N LYS B 231 31.11 -11.74 16.37
CA LYS B 231 31.42 -13.10 15.95
C LYS B 231 32.59 -13.69 16.73
N ASP B 232 32.52 -14.98 17.03
CA ASP B 232 33.66 -15.71 17.62
C ASP B 232 34.55 -16.29 16.51
N LYS B 233 35.60 -17.02 16.90
CA LYS B 233 36.59 -17.60 15.97
C LYS B 233 35.98 -18.42 14.83
N GLY B 234 34.93 -19.17 15.12
CA GLY B 234 34.25 -20.03 14.16
C GLY B 234 32.98 -19.46 13.54
N GLY B 235 32.84 -18.14 13.53
CA GLY B 235 31.71 -17.45 12.90
C GLY B 235 30.46 -17.21 13.73
N LEU B 236 30.35 -17.85 14.90
CA LEU B 236 29.10 -17.80 15.69
C LEU B 236 28.86 -16.40 16.26
N VAL B 237 27.65 -16.21 16.79
CA VAL B 237 27.22 -14.97 17.46
C VAL B 237 26.43 -15.41 18.70
N PRO B 238 26.34 -14.55 19.73
CA PRO B 238 25.69 -14.94 20.98
C PRO B 238 24.43 -15.80 20.83
N LEU B 239 23.59 -15.47 19.85
CA LEU B 239 22.36 -16.21 19.61
C LEU B 239 22.57 -17.71 19.28
N HIS B 240 23.63 -18.05 18.55
CA HIS B 240 23.99 -19.47 18.29
C HIS B 240 24.23 -20.25 19.60
N ASN B 241 25.00 -19.63 20.50
CA ASN B 241 25.35 -20.24 21.79
C ASN B 241 24.08 -20.51 22.59
N ALA B 242 23.25 -19.47 22.71
CA ALA B 242 22.01 -19.55 23.48
C ALA B 242 21.04 -20.61 22.96
N CYS B 243 20.95 -20.74 21.64
CA CYS B 243 20.01 -21.66 21.01
C CYS B 243 20.49 -23.10 21.08
N SER B 244 21.80 -23.30 20.88
CA SER B 244 22.41 -24.63 20.96
C SER B 244 22.11 -25.30 22.30
N TYR B 245 22.30 -24.58 23.39
CA TYR B 245 22.13 -25.12 24.74
C TYR B 245 20.72 -24.95 25.31
N GLY B 246 19.82 -24.33 24.55
CA GLY B 246 18.39 -24.33 24.86
C GLY B 246 17.97 -23.40 25.99
N HIS B 247 18.40 -22.15 25.91
CA HIS B 247 18.10 -21.15 26.92
C HIS B 247 17.07 -20.17 26.37
N TYR B 248 15.80 -20.42 26.68
CA TYR B 248 14.68 -19.64 26.13
C TYR B 248 14.68 -18.22 26.66
N GLU B 249 14.90 -18.10 27.97
CA GLU B 249 15.06 -16.82 28.66
C GLU B 249 15.95 -15.89 27.86
N VAL B 250 17.19 -16.30 27.68
CA VAL B 250 18.23 -15.47 27.08
C VAL B 250 18.11 -15.35 25.55
N THR B 251 17.55 -16.37 24.91
CA THR B 251 17.29 -16.34 23.46
C THR B 251 16.31 -15.22 23.12
N GLU B 252 15.21 -15.18 23.87
CA GLU B 252 14.18 -14.15 23.67
C GLU B 252 14.74 -12.75 23.93
N LEU B 253 15.59 -12.63 24.96
CA LEU B 253 16.24 -11.36 25.30
C LEU B 253 17.19 -10.85 24.23
N LEU B 254 17.97 -11.75 23.64
CA LEU B 254 18.88 -11.41 22.54
C LEU B 254 18.11 -10.98 21.30
N LEU B 255 17.03 -11.69 20.98
CA LEU B 255 16.18 -11.37 19.83
C LEU B 255 15.54 -9.99 19.98
N LYS B 256 15.04 -9.72 21.19
CA LYS B 256 14.47 -8.41 21.54
C LYS B 256 15.44 -7.26 21.21
N HIS B 257 16.73 -7.50 21.40
CA HIS B 257 17.80 -6.51 21.15
C HIS B 257 18.45 -6.61 19.76
N GLY B 258 17.70 -7.14 18.80
CA GLY B 258 18.09 -7.06 17.38
C GLY B 258 19.03 -8.14 16.89
N ALA B 259 19.02 -9.30 17.54
CA ALA B 259 19.83 -10.43 17.09
C ALA B 259 19.26 -10.94 15.77
N CYS B 260 20.12 -11.23 14.80
CA CYS B 260 19.67 -11.81 13.51
C CYS B 260 19.31 -13.30 13.68
N VAL B 261 18.03 -13.63 13.49
CA VAL B 261 17.49 -14.97 13.75
C VAL B 261 18.03 -16.05 12.80
N ASN B 262 18.39 -15.66 11.58
CA ASN B 262 19.03 -16.56 10.61
C ASN B 262 20.49 -16.17 10.38
N ALA B 263 21.17 -15.70 11.42
CA ALA B 263 22.59 -15.33 11.34
C ALA B 263 23.40 -16.58 11.04
N MET B 264 24.39 -16.46 10.17
CA MET B 264 25.16 -17.61 9.71
C MET B 264 26.61 -17.54 10.13
N ASP B 265 27.14 -18.67 10.61
CA ASP B 265 28.56 -18.81 10.91
C ASP B 265 29.35 -19.17 9.64
N LEU B 266 30.59 -19.62 9.80
CA LEU B 266 31.46 -19.94 8.65
C LEU B 266 31.03 -21.18 7.88
N TRP B 267 30.30 -22.09 8.53
CA TRP B 267 29.72 -23.29 7.89
C TRP B 267 28.24 -23.11 7.51
N GLN B 268 27.72 -21.89 7.64
CA GLN B 268 26.32 -21.57 7.32
C GLN B 268 25.26 -22.31 8.15
N PHE B 269 25.57 -22.52 9.42
CA PHE B 269 24.59 -22.99 10.41
C PHE B 269 23.87 -21.76 10.95
N THR B 270 22.55 -21.73 10.80
CA THR B 270 21.71 -20.74 11.48
C THR B 270 21.48 -21.18 12.94
N PRO B 271 21.05 -20.26 13.81
CA PRO B 271 20.65 -20.66 15.16
C PRO B 271 19.62 -21.79 15.19
N LEU B 272 18.72 -21.82 14.21
CA LEU B 272 17.74 -22.91 14.12
C LEU B 272 18.39 -24.28 13.85
N HIS B 273 19.51 -24.32 13.13
CA HIS B 273 20.29 -25.56 12.95
C HIS B 273 20.79 -26.05 14.31
N GLU B 274 21.42 -25.13 15.04
CA GLU B 274 21.96 -25.43 16.37
C GLU B 274 20.86 -25.94 17.29
N ALA B 275 19.74 -25.24 17.34
CA ALA B 275 18.64 -25.62 18.21
C ALA B 275 18.02 -26.95 17.80
N ALA B 276 17.80 -27.13 16.51
CA ALA B 276 17.11 -28.31 16.01
C ALA B 276 17.92 -29.59 16.18
N SER B 277 19.23 -29.52 15.91
CA SER B 277 20.12 -30.66 16.11
C SER B 277 20.16 -31.15 17.57
N LYS B 278 20.03 -30.21 18.52
CA LYS B 278 20.02 -30.54 19.93
C LYS B 278 18.60 -30.64 20.50
N ASN B 279 17.62 -30.94 19.65
CA ASN B 279 16.21 -31.10 20.04
C ASN B 279 15.71 -30.09 21.09
N ARG B 280 15.94 -28.80 20.83
CA ARG B 280 15.38 -27.71 21.64
C ARG B 280 14.05 -27.33 21.05
N VAL B 281 13.03 -28.12 21.38
CA VAL B 281 11.70 -27.96 20.78
C VAL B 281 11.14 -26.54 20.98
N GLU B 282 11.35 -25.98 22.17
CA GLU B 282 10.75 -24.70 22.52
C GLU B 282 11.49 -23.47 21.98
N VAL B 283 12.81 -23.58 21.83
CA VAL B 283 13.62 -22.53 21.23
C VAL B 283 13.38 -22.49 19.72
N CYS B 284 13.22 -23.65 19.11
CA CYS B 284 12.86 -23.74 17.69
C CYS B 284 11.53 -23.04 17.41
N SER B 285 10.50 -23.44 18.17
CA SER B 285 9.20 -22.79 18.17
C SER B 285 9.32 -21.25 18.23
N LEU B 286 10.13 -20.76 19.17
CA LEU B 286 10.38 -19.32 19.36
C LEU B 286 11.08 -18.67 18.18
N LEU B 287 12.16 -19.28 17.72
CA LEU B 287 12.88 -18.77 16.56
C LEU B 287 12.02 -18.67 15.30
N LEU B 288 11.21 -19.70 15.05
CA LEU B 288 10.34 -19.73 13.86
C LEU B 288 9.39 -18.54 13.82
N SER B 289 8.84 -18.20 14.99
CA SER B 289 7.96 -17.04 15.13
C SER B 289 8.67 -15.70 14.94
N HIS B 290 9.98 -15.64 15.19
CA HIS B 290 10.78 -14.46 14.83
C HIS B 290 11.37 -14.52 13.42
N GLY B 291 10.84 -15.40 12.57
CA GLY B 291 11.17 -15.44 11.16
C GLY B 291 12.27 -16.41 10.78
N ALA B 292 12.54 -17.39 11.61
CA ALA B 292 13.57 -18.37 11.30
C ALA B 292 13.10 -19.24 10.14
N ASP B 293 14.06 -19.66 9.33
CA ASP B 293 13.83 -20.45 8.13
C ASP B 293 14.45 -21.86 8.30
N PRO B 294 13.60 -22.92 8.41
CA PRO B 294 14.13 -24.26 8.55
C PRO B 294 14.59 -24.87 7.24
N THR B 295 14.18 -24.31 6.10
CA THR B 295 14.61 -24.79 4.80
C THR B 295 16.00 -24.28 4.38
N LEU B 296 16.58 -23.32 5.13
CA LEU B 296 17.95 -22.82 4.85
C LEU B 296 18.95 -23.96 4.99
N VAL B 297 19.69 -24.23 3.92
CA VAL B 297 20.76 -25.24 3.95
C VAL B 297 22.07 -24.64 4.44
N ASN B 298 22.95 -25.53 4.93
CA ASN B 298 24.28 -25.16 5.43
C ASN B 298 25.36 -25.57 4.41
N CYS B 299 26.64 -25.50 4.79
CA CYS B 299 27.75 -26.00 3.96
C CYS B 299 27.58 -27.46 3.56
N HIS B 300 27.10 -28.29 4.49
CA HIS B 300 26.93 -29.72 4.24
C HIS B 300 25.55 -30.08 3.66
N GLY B 301 24.92 -29.13 2.96
CA GLY B 301 23.65 -29.35 2.25
C GLY B 301 22.48 -29.79 3.10
N LYS B 302 22.54 -29.49 4.40
CA LYS B 302 21.57 -29.96 5.36
C LYS B 302 20.80 -28.79 5.94
N SER B 303 19.49 -28.92 5.93
CA SER B 303 18.61 -27.92 6.50
C SER B 303 18.46 -28.14 8.00
N ALA B 304 17.70 -27.28 8.64
CA ALA B 304 17.29 -27.48 10.04
C ALA B 304 16.32 -28.66 10.19
N VAL B 305 15.48 -28.89 9.17
CA VAL B 305 14.53 -30.01 9.19
C VAL B 305 15.28 -31.34 9.10
N ASP B 306 16.36 -31.37 8.32
CA ASP B 306 17.21 -32.55 8.21
C ASP B 306 17.83 -32.90 9.56
N MET B 307 18.42 -31.90 10.20
CA MET B 307 19.17 -32.08 11.45
C MET B 307 18.31 -32.33 12.70
N ALA B 308 16.99 -32.14 12.61
CA ALA B 308 16.08 -32.49 13.69
C ALA B 308 16.08 -34.02 13.92
N PRO B 309 16.44 -34.48 15.14
CA PRO B 309 16.46 -35.92 15.40
C PRO B 309 15.06 -36.55 15.59
N THR B 310 14.20 -35.89 16.36
CA THR B 310 12.84 -36.39 16.63
C THR B 310 11.98 -36.26 15.37
N PRO B 311 11.10 -37.25 15.08
CA PRO B 311 10.16 -37.08 13.96
C PRO B 311 9.04 -36.06 14.23
N GLU B 312 8.74 -35.82 15.51
CA GLU B 312 7.82 -34.77 15.95
C GLU B 312 8.37 -33.35 15.70
N LEU B 313 9.67 -33.17 15.90
CA LEU B 313 10.32 -31.89 15.61
C LEU B 313 10.40 -31.61 14.10
N ARG B 314 10.58 -32.65 13.28
CA ARG B 314 10.58 -32.49 11.83
C ARG B 314 9.25 -32.01 11.28
N GLU B 315 8.14 -32.57 11.77
CA GLU B 315 6.81 -32.15 11.32
C GLU B 315 6.42 -30.82 11.94
N ARG B 316 6.78 -30.60 13.21
CA ARG B 316 6.49 -29.34 13.90
C ARG B 316 7.29 -28.14 13.33
N LEU B 317 8.56 -28.36 12.97
CA LEU B 317 9.33 -27.34 12.26
C LEU B 317 8.69 -26.93 10.94
N THR B 318 8.18 -27.91 10.19
CA THR B 318 7.51 -27.63 8.93
C THR B 318 6.12 -26.99 9.14
N TYR B 319 5.32 -27.51 10.07
CA TYR B 319 3.97 -26.98 10.37
C TYR B 319 4.06 -25.54 10.83
N GLU B 320 4.86 -25.30 11.85
CA GLU B 320 5.04 -23.94 12.39
C GLU B 320 5.65 -22.97 11.37
N PHE B 321 6.51 -23.47 10.48
CA PHE B 321 7.10 -22.61 9.45
C PHE B 321 6.08 -22.17 8.41
N LYS B 322 5.21 -23.06 7.96
CA LYS B 322 4.20 -22.66 6.99
C LYS B 322 3.32 -21.66 7.67
N GLY B 323 2.96 -21.95 8.92
CA GLY B 323 2.04 -21.15 9.70
C GLY B 323 2.46 -19.71 9.78
N HIS B 324 3.67 -19.48 10.24
CA HIS B 324 4.23 -18.14 10.27
C HIS B 324 4.37 -17.54 8.87
N SER B 325 5.00 -18.28 7.96
CA SER B 325 5.10 -17.86 6.56
C SER B 325 3.77 -17.48 5.91
N LEU B 326 2.67 -18.08 6.35
CA LEU B 326 1.34 -17.65 5.91
C LEU B 326 0.93 -16.36 6.60
N LEU B 327 1.01 -16.34 7.93
CA LEU B 327 0.67 -15.13 8.68
C LEU B 327 1.35 -13.89 8.11
N GLN B 328 2.63 -14.03 7.78
CA GLN B 328 3.44 -12.94 7.25
C GLN B 328 2.97 -12.50 5.88
N ALA B 329 2.74 -13.47 5.00
CA ALA B 329 2.13 -13.21 3.70
C ALA B 329 0.79 -12.50 3.84
N ALA B 330 -0.04 -12.94 4.78
CA ALA B 330 -1.33 -12.32 5.01
C ALA B 330 -1.21 -10.85 5.41
N ARG B 331 -0.25 -10.53 6.28
CA ARG B 331 -0.13 -9.13 6.77
C ARG B 331 0.56 -8.17 5.79
N GLU B 332 1.37 -8.69 4.89
CA GLU B 332 1.82 -7.87 3.78
C GLU B 332 0.98 -8.16 2.54
N ALA B 333 -0.28 -8.53 2.77
CA ALA B 333 -1.25 -8.91 1.73
C ALA B 333 -0.68 -9.46 0.41
N ASP B 334 0.32 -10.35 0.52
CA ASP B 334 0.99 -10.95 -0.63
C ASP B 334 0.10 -12.09 -1.18
N LEU B 335 -0.84 -11.72 -2.04
CA LEU B 335 -1.89 -12.63 -2.53
C LEU B 335 -1.35 -13.90 -3.19
N ALA B 336 -0.30 -13.77 -3.99
CA ALA B 336 0.32 -14.92 -4.65
C ALA B 336 0.92 -15.88 -3.62
N LYS B 337 1.60 -15.31 -2.62
CA LYS B 337 2.25 -16.08 -1.56
C LYS B 337 1.21 -16.85 -0.75
N VAL B 338 0.05 -16.25 -0.54
CA VAL B 338 -1.04 -16.86 0.22
C VAL B 338 -1.61 -18.06 -0.54
N LYS B 339 -1.88 -17.90 -1.83
CA LYS B 339 -2.37 -19.03 -2.66
C LYS B 339 -1.46 -20.27 -2.61
N LYS B 340 -0.14 -20.07 -2.57
CA LYS B 340 0.83 -21.17 -2.43
C LYS B 340 0.73 -21.83 -1.05
N THR B 341 1.14 -21.12 0.02
CA THR B 341 1.14 -21.66 1.40
C THR B 341 -0.29 -21.81 1.95
N LEU B 342 -0.99 -22.88 1.53
CA LEU B 342 -2.40 -23.05 1.82
C LEU B 342 -2.88 -24.52 1.84
N ALA B 343 -2.96 -25.07 3.05
CA ALA B 343 -3.70 -26.31 3.35
C ALA B 343 -4.61 -25.99 4.52
N LEU B 344 -5.63 -26.82 4.77
CA LEU B 344 -6.59 -26.53 5.86
C LEU B 344 -5.94 -26.47 7.24
N GLU B 345 -4.97 -27.36 7.48
CA GLU B 345 -4.17 -27.40 8.72
C GLU B 345 -3.51 -26.04 9.04
N ILE B 346 -3.05 -25.36 8.00
CA ILE B 346 -2.34 -24.10 8.15
C ILE B 346 -3.27 -22.89 8.13
N ILE B 347 -4.43 -22.95 7.49
CA ILE B 347 -5.32 -21.78 7.41
C ILE B 347 -5.57 -21.13 8.77
N ASN B 348 -6.05 -21.94 9.71
CA ASN B 348 -6.42 -21.42 11.02
C ASN B 348 -5.30 -21.46 12.06
N PHE B 349 -4.07 -21.69 11.60
CA PHE B 349 -2.86 -21.57 12.42
C PHE B 349 -2.87 -20.26 13.16
N LYS B 350 -2.58 -20.34 14.46
CA LYS B 350 -2.59 -19.20 15.36
C LYS B 350 -1.16 -18.92 15.78
N GLN B 351 -0.95 -17.66 16.15
CA GLN B 351 0.35 -17.18 16.55
C GLN B 351 0.46 -17.48 18.05
N PRO B 352 1.52 -18.22 18.48
CA PRO B 352 1.63 -18.64 19.88
C PRO B 352 1.28 -17.59 20.96
N GLN B 353 1.75 -16.36 20.79
CA GLN B 353 1.57 -15.29 21.78
C GLN B 353 0.22 -14.57 21.61
N SER B 354 0.05 -13.94 20.45
CA SER B 354 -1.12 -13.10 20.17
C SER B 354 -2.42 -13.86 19.85
N HIS B 355 -2.32 -15.15 19.56
CA HIS B 355 -3.46 -15.97 19.11
C HIS B 355 -4.11 -15.42 17.83
N GLU B 356 -3.30 -14.82 16.97
CA GLU B 356 -3.77 -14.22 15.75
C GLU B 356 -3.73 -15.21 14.59
N THR B 357 -4.90 -15.68 14.18
CA THR B 357 -5.06 -16.32 12.87
C THR B 357 -4.64 -15.41 11.70
N ALA B 358 -4.41 -16.03 10.54
CA ALA B 358 -4.08 -15.31 9.31
C ALA B 358 -5.11 -14.27 8.87
N LEU B 359 -6.37 -14.51 9.21
CA LEU B 359 -7.44 -13.56 8.92
C LEU B 359 -7.29 -12.25 9.70
N HIS B 360 -6.87 -12.31 10.96
CA HIS B 360 -6.59 -11.10 11.76
C HIS B 360 -5.46 -10.28 11.15
N CYS B 361 -4.46 -10.96 10.62
CA CYS B 361 -3.32 -10.29 10.01
C CYS B 361 -3.71 -9.63 8.69
N ALA B 362 -4.59 -10.26 7.93
CA ALA B 362 -5.07 -9.75 6.64
C ALA B 362 -5.92 -8.49 6.80
N VAL B 363 -6.92 -8.53 7.66
CA VAL B 363 -7.80 -7.37 7.84
C VAL B 363 -7.12 -6.19 8.49
N ALA B 364 -5.96 -6.38 9.09
CA ALA B 364 -5.21 -5.28 9.64
C ALA B 364 -4.09 -4.75 8.72
N SER B 365 -3.94 -5.33 7.53
CA SER B 365 -2.87 -4.94 6.60
C SER B 365 -3.12 -3.55 6.01
N LEU B 366 -2.06 -2.74 5.89
CA LEU B 366 -2.16 -1.46 5.20
C LEU B 366 -2.10 -1.66 3.69
N HIS B 367 -1.60 -2.81 3.26
CA HIS B 367 -1.28 -3.07 1.86
C HIS B 367 -2.55 -3.19 1.03
N PRO B 368 -2.44 -2.98 -0.30
CA PRO B 368 -3.63 -2.66 -1.07
C PRO B 368 -4.50 -3.85 -1.47
N LYS B 369 -3.94 -5.06 -1.51
CA LYS B 369 -4.72 -6.25 -1.88
C LYS B 369 -5.44 -6.91 -0.69
N ARG B 370 -5.50 -6.27 0.47
CA ARG B 370 -5.99 -6.91 1.68
C ARG B 370 -7.45 -7.38 1.65
N LYS B 371 -8.28 -6.80 0.79
CA LYS B 371 -9.65 -7.30 0.61
C LYS B 371 -9.61 -8.68 -0.04
N GLN B 372 -8.82 -8.82 -1.11
CA GLN B 372 -8.68 -10.10 -1.81
C GLN B 372 -8.04 -11.21 -0.99
N VAL B 373 -7.11 -10.86 -0.10
CA VAL B 373 -6.50 -11.84 0.79
C VAL B 373 -7.53 -12.31 1.81
N THR B 374 -8.26 -11.38 2.40
CA THR B 374 -9.37 -11.74 3.28
C THR B 374 -10.38 -12.65 2.60
N GLU B 375 -10.79 -12.28 1.39
CA GLU B 375 -11.73 -13.06 0.58
C GLU B 375 -11.25 -14.49 0.35
N LEU B 376 -10.03 -14.61 -0.16
CA LEU B 376 -9.38 -15.91 -0.40
C LEU B 376 -9.25 -16.76 0.85
N LEU B 377 -8.77 -16.19 1.96
CA LEU B 377 -8.64 -16.93 3.21
C LEU B 377 -9.96 -17.48 3.72
N LEU B 378 -11.04 -16.74 3.52
CA LEU B 378 -12.37 -17.24 3.90
C LEU B 378 -12.92 -18.30 2.94
N ARG B 379 -12.67 -18.13 1.64
CA ARG B 379 -13.02 -19.15 0.65
C ARG B 379 -12.26 -20.44 0.93
N LYS B 380 -10.98 -20.32 1.30
CA LYS B 380 -10.16 -21.48 1.67
C LYS B 380 -10.41 -22.00 3.10
N GLY B 381 -11.35 -21.39 3.82
CA GLY B 381 -11.95 -22.00 5.00
C GLY B 381 -11.35 -21.52 6.31
N ALA B 382 -11.32 -20.23 6.50
CA ALA B 382 -10.84 -19.61 7.74
C ALA B 382 -12.02 -19.41 8.64
N ASN B 383 -11.74 -19.26 9.92
CA ASN B 383 -12.77 -19.04 10.93
C ASN B 383 -13.01 -17.56 11.05
N VAL B 384 -14.15 -17.15 10.52
CA VAL B 384 -14.50 -15.74 10.42
C VAL B 384 -14.67 -15.09 11.79
N ASN B 385 -14.98 -15.89 12.81
CA ASN B 385 -15.15 -15.40 14.17
C ASN B 385 -14.06 -15.84 15.15
N GLU B 386 -12.88 -16.15 14.62
CA GLU B 386 -11.74 -16.56 15.45
C GLU B 386 -11.38 -15.44 16.42
N LYS B 387 -11.19 -15.77 17.70
CA LYS B 387 -10.79 -14.79 18.69
C LYS B 387 -9.28 -14.76 18.82
N ASN B 388 -8.76 -13.56 19.08
CA ASN B 388 -7.34 -13.31 19.30
C ASN B 388 -7.19 -13.26 20.82
N LYS B 389 -5.98 -13.03 21.33
CA LYS B 389 -5.71 -13.18 22.78
C LYS B 389 -6.61 -12.36 23.71
N ASP B 390 -7.05 -11.18 23.26
CA ASP B 390 -8.05 -10.37 24.00
C ASP B 390 -9.43 -10.40 23.32
N PHE B 391 -9.81 -11.60 22.88
CA PHE B 391 -11.18 -11.95 22.46
C PHE B 391 -11.78 -11.14 21.28
N MET B 392 -10.93 -10.42 20.55
CA MET B 392 -11.36 -9.62 19.41
C MET B 392 -11.46 -10.53 18.19
N THR B 393 -12.55 -10.45 17.46
CA THR B 393 -12.68 -11.12 16.16
C THR B 393 -11.98 -10.28 15.08
N PRO B 394 -11.87 -10.78 13.84
CA PRO B 394 -11.35 -9.91 12.77
C PRO B 394 -12.17 -8.65 12.51
N LEU B 395 -13.49 -8.72 12.69
CA LEU B 395 -14.34 -7.55 12.57
C LEU B 395 -13.95 -6.45 13.55
N HIS B 396 -13.57 -6.81 14.77
CA HIS B 396 -13.12 -5.83 15.77
C HIS B 396 -11.83 -5.19 15.30
N VAL B 397 -10.92 -6.01 14.79
CA VAL B 397 -9.61 -5.53 14.37
C VAL B 397 -9.77 -4.55 13.23
N ALA B 398 -10.59 -4.92 12.25
CA ALA B 398 -10.87 -4.07 11.09
C ALA B 398 -11.60 -2.79 11.51
N ALA B 399 -12.57 -2.91 12.41
CA ALA B 399 -13.39 -1.79 12.81
C ALA B 399 -12.64 -0.76 13.61
N GLU B 400 -11.71 -1.16 14.45
CA GLU B 400 -10.97 -0.14 15.22
C GLU B 400 -9.93 0.61 14.38
N ARG B 401 -9.64 0.11 13.17
CA ARG B 401 -8.73 0.77 12.24
C ARG B 401 -9.43 1.50 11.09
N ALA B 402 -10.76 1.40 11.03
CA ALA B 402 -11.52 1.82 9.85
C ALA B 402 -10.96 1.26 8.54
N HIS B 403 -10.67 -0.04 8.54
CA HIS B 403 -10.45 -0.80 7.31
C HIS B 403 -11.84 -1.32 6.92
N ASN B 404 -12.62 -0.45 6.29
CA ASN B 404 -14.01 -0.74 6.01
C ASN B 404 -14.22 -1.65 4.83
N ASP B 405 -13.27 -1.73 3.90
CA ASP B 405 -13.46 -2.56 2.69
C ASP B 405 -13.65 -4.03 3.03
N VAL B 406 -12.82 -4.53 3.95
CA VAL B 406 -12.87 -5.95 4.37
C VAL B 406 -14.11 -6.32 5.17
N MET B 407 -14.76 -5.36 5.81
CA MET B 407 -16.01 -5.62 6.51
C MET B 407 -17.14 -6.15 5.63
N GLU B 408 -17.16 -5.80 4.34
CA GLU B 408 -18.12 -6.37 3.40
C GLU B 408 -17.90 -7.86 3.29
N VAL B 409 -16.63 -8.26 3.18
CA VAL B 409 -16.25 -9.67 3.01
C VAL B 409 -16.57 -10.48 4.27
N LEU B 410 -16.18 -9.96 5.44
CA LEU B 410 -16.46 -10.62 6.71
C LEU B 410 -17.95 -10.83 6.93
N HIS B 411 -18.73 -9.80 6.63
CA HIS B 411 -20.18 -9.90 6.72
C HIS B 411 -20.75 -10.97 5.81
N LYS B 412 -20.31 -11.01 4.56
CA LYS B 412 -20.80 -12.02 3.62
C LYS B 412 -20.53 -13.45 4.13
N HIS B 413 -19.34 -13.70 4.65
CA HIS B 413 -18.98 -15.00 5.22
C HIS B 413 -19.48 -15.23 6.66
N GLY B 414 -20.36 -14.36 7.15
CA GLY B 414 -21.18 -14.63 8.32
C GLY B 414 -20.56 -14.27 9.65
N ALA B 415 -19.80 -13.18 9.69
CA ALA B 415 -19.22 -12.72 10.94
C ALA B 415 -20.31 -12.24 11.87
N LYS B 416 -20.29 -12.72 13.11
CA LYS B 416 -21.08 -12.13 14.19
C LYS B 416 -20.72 -10.66 14.40
N MET B 417 -21.67 -9.78 14.10
CA MET B 417 -21.48 -8.34 14.23
C MET B 417 -21.46 -7.90 15.68
N ASN B 418 -22.11 -8.69 16.54
CA ASN B 418 -22.20 -8.43 17.97
C ASN B 418 -21.41 -9.41 18.83
N ALA B 419 -20.29 -9.88 18.29
CA ALA B 419 -19.31 -10.62 19.06
C ALA B 419 -18.72 -9.67 20.10
N LEU B 420 -18.61 -10.12 21.34
CA LEU B 420 -18.08 -9.31 22.41
C LEU B 420 -16.62 -9.65 22.68
N ASP B 421 -15.85 -8.65 23.09
CA ASP B 421 -14.42 -8.83 23.40
C ASP B 421 -14.27 -9.02 24.91
N THR B 422 -13.05 -8.90 25.43
CA THR B 422 -12.78 -9.04 26.87
C THR B 422 -13.62 -8.10 27.76
N LEU B 423 -13.85 -6.88 27.29
CA LEU B 423 -14.59 -5.87 28.04
C LEU B 423 -16.09 -5.78 27.67
N GLY B 424 -16.63 -6.79 26.97
CA GLY B 424 -18.03 -6.80 26.57
C GLY B 424 -18.41 -5.82 25.45
N GLN B 425 -17.41 -5.30 24.75
CA GLN B 425 -17.59 -4.30 23.69
C GLN B 425 -17.73 -5.01 22.35
N THR B 426 -18.58 -4.48 21.48
CA THR B 426 -18.77 -5.01 20.12
C THR B 426 -17.72 -4.38 19.21
N ALA B 427 -17.83 -4.62 17.90
CA ALA B 427 -17.01 -3.88 16.95
C ALA B 427 -17.40 -2.39 16.94
N LEU B 428 -18.71 -2.13 17.00
CA LEU B 428 -19.25 -0.77 16.98
C LEU B 428 -18.73 0.10 18.10
N HIS B 429 -18.59 -0.48 19.29
CA HIS B 429 -17.99 0.22 20.45
C HIS B 429 -16.60 0.72 20.11
N ARG B 430 -15.82 -0.16 19.49
CA ARG B 430 -14.43 0.15 19.14
C ARG B 430 -14.32 1.23 18.09
N ALA B 431 -15.19 1.17 17.08
CA ALA B 431 -15.24 2.19 16.02
C ALA B 431 -15.67 3.54 16.59
N ALA B 432 -16.76 3.53 17.34
CA ALA B 432 -17.29 4.73 18.00
C ALA B 432 -16.23 5.43 18.85
N LEU B 433 -15.47 4.63 19.59
CA LEU B 433 -14.40 5.14 20.43
C LEU B 433 -13.32 5.86 19.62
N ALA B 434 -12.96 5.30 18.47
CA ALA B 434 -11.92 5.88 17.62
C ALA B 434 -12.41 7.05 16.76
N GLY B 435 -13.72 7.32 16.80
CA GLY B 435 -14.32 8.38 16.00
C GLY B 435 -14.54 8.01 14.53
N HIS B 436 -14.48 6.72 14.19
CA HIS B 436 -14.61 6.30 12.80
C HIS B 436 -16.07 6.33 12.35
N LEU B 437 -16.44 7.40 11.63
CA LEU B 437 -17.83 7.71 11.35
C LEU B 437 -18.44 6.80 10.31
N GLN B 438 -17.73 6.60 9.19
CA GLN B 438 -18.21 5.69 8.15
C GLN B 438 -18.16 4.22 8.59
N THR B 439 -17.20 3.88 9.43
CA THR B 439 -17.14 2.55 10.02
C THR B 439 -18.41 2.33 10.84
N CYS B 440 -18.75 3.26 11.74
CA CYS B 440 -19.98 3.18 12.52
C CYS B 440 -21.20 2.96 11.65
N ARG B 441 -21.34 3.81 10.63
CA ARG B 441 -22.47 3.73 9.71
C ARG B 441 -22.61 2.35 9.09
N LEU B 442 -21.52 1.87 8.52
CA LEU B 442 -21.52 0.56 7.89
C LEU B 442 -21.81 -0.57 8.87
N LEU B 443 -21.20 -0.52 10.06
CA LEU B 443 -21.43 -1.55 11.08
C LEU B 443 -22.91 -1.66 11.42
N LEU B 444 -23.61 -0.53 11.46
CA LEU B 444 -25.06 -0.51 11.67
C LEU B 444 -25.80 -1.10 10.49
N SER B 445 -25.39 -0.73 9.27
CA SER B 445 -26.00 -1.30 8.07
C SER B 445 -25.85 -2.81 8.02
N TYR B 446 -24.71 -3.31 8.49
CA TYR B 446 -24.45 -4.77 8.55
C TYR B 446 -25.16 -5.48 9.71
N GLY B 447 -25.51 -4.73 10.76
CA GLY B 447 -26.40 -5.22 11.81
C GLY B 447 -25.95 -5.07 13.25
N SER B 448 -24.84 -4.38 13.52
CA SER B 448 -24.43 -4.12 14.90
C SER B 448 -25.52 -3.41 15.68
N ASP B 449 -26.02 -4.06 16.73
CA ASP B 449 -26.91 -3.44 17.73
C ASP B 449 -26.16 -2.38 18.56
N PRO B 450 -26.63 -1.10 18.49
CA PRO B 450 -26.00 -0.03 19.28
C PRO B 450 -26.28 -0.07 20.78
N SER B 451 -27.47 -0.52 21.14
CA SER B 451 -27.93 -0.53 22.53
C SER B 451 -27.21 -1.51 23.45
N ILE B 452 -26.36 -2.39 22.91
CA ILE B 452 -25.51 -3.27 23.72
C ILE B 452 -24.65 -2.45 24.69
N ILE B 453 -24.73 -2.84 25.96
CA ILE B 453 -24.00 -2.19 27.04
C ILE B 453 -22.72 -3.00 27.26
N SER B 454 -21.59 -2.31 27.38
CA SER B 454 -20.31 -2.98 27.67
C SER B 454 -20.31 -3.46 29.11
N LEU B 455 -19.28 -4.22 29.48
CA LEU B 455 -19.11 -4.64 30.88
C LEU B 455 -18.93 -3.45 31.84
N GLN B 456 -18.60 -2.28 31.29
CA GLN B 456 -18.41 -1.07 32.07
C GLN B 456 -19.60 -0.13 32.12
N GLY B 457 -20.68 -0.47 31.41
CA GLY B 457 -21.91 0.30 31.45
C GLY B 457 -22.10 1.29 30.30
N PHE B 458 -21.32 1.14 29.25
CA PHE B 458 -21.33 2.09 28.15
C PHE B 458 -21.94 1.45 26.92
N THR B 459 -22.85 2.18 26.27
CA THR B 459 -23.25 1.89 24.89
C THR B 459 -22.16 2.43 23.97
N ALA B 460 -22.19 2.00 22.72
CA ALA B 460 -21.27 2.56 21.71
C ALA B 460 -21.37 4.09 21.65
N ALA B 461 -22.61 4.58 21.67
CA ALA B 461 -22.92 6.00 21.68
C ALA B 461 -22.19 6.77 22.78
N GLN B 462 -22.24 6.23 24.00
CA GLN B 462 -21.65 6.90 25.17
C GLN B 462 -20.12 7.03 25.12
N MET B 463 -19.47 6.17 24.33
CA MET B 463 -18.01 6.20 24.12
C MET B 463 -17.57 7.18 23.06
N GLY B 464 -18.49 7.55 22.16
CA GLY B 464 -18.14 8.33 20.98
C GLY B 464 -18.26 9.82 21.15
N ASN B 465 -17.63 10.55 20.22
CA ASN B 465 -17.74 12.00 20.13
C ASN B 465 -19.13 12.44 19.66
N GLU B 466 -19.33 13.76 19.52
CA GLU B 466 -20.59 14.35 19.05
C GLU B 466 -21.03 13.77 17.72
N ALA B 467 -20.11 13.76 16.76
CA ALA B 467 -20.38 13.23 15.43
C ALA B 467 -20.81 11.76 15.43
N VAL B 468 -20.19 10.94 16.28
CA VAL B 468 -20.61 9.55 16.44
C VAL B 468 -22.02 9.46 17.00
N GLN B 469 -22.31 10.25 18.05
CA GLN B 469 -23.64 10.25 18.67
C GLN B 469 -24.75 10.58 17.69
N GLN B 470 -24.49 11.56 16.83
CA GLN B 470 -25.41 11.93 15.73
C GLN B 470 -25.88 10.68 14.98
N ILE B 471 -24.91 9.86 14.60
CA ILE B 471 -25.15 8.68 13.76
C ILE B 471 -25.92 7.63 14.53
N LEU B 472 -25.47 7.35 15.75
CA LEU B 472 -26.01 6.24 16.55
C LEU B 472 -27.39 6.52 17.16
N SER B 473 -27.75 7.79 17.35
CA SER B 473 -29.11 8.16 17.81
C SER B 473 -30.20 8.17 16.71
N GLU B 474 -29.85 7.67 15.51
CA GLU B 474 -30.82 7.23 14.51
C GLU B 474 -30.61 5.69 14.56
N SER B 475 -31.05 5.12 15.68
CA SER B 475 -30.59 3.79 16.15
C SER B 475 -30.71 2.65 15.13
N ALA C 15 41.80 -54.10 19.90
CA ALA C 15 41.78 -52.97 20.88
C ALA C 15 40.45 -52.22 21.05
N LEU C 16 39.43 -52.53 20.24
CA LEU C 16 38.06 -52.05 20.48
C LEU C 16 37.48 -52.66 21.77
N ARG C 17 37.66 -53.96 21.95
CA ARG C 17 37.27 -54.64 23.19
C ARG C 17 37.88 -54.00 24.44
N GLU C 18 39.14 -53.56 24.35
CA GLU C 18 39.81 -52.85 25.44
C GLU C 18 39.07 -51.56 25.83
N LEU C 19 38.61 -50.80 24.83
CA LEU C 19 37.84 -49.57 25.05
C LEU C 19 36.50 -49.85 25.72
N LEU C 20 35.76 -50.81 25.18
CA LEU C 20 34.42 -51.12 25.68
C LEU C 20 34.45 -51.59 27.12
N GLU C 21 35.50 -52.31 27.50
CA GLU C 21 35.70 -52.71 28.89
C GLU C 21 36.05 -51.53 29.80
N ALA C 22 36.87 -50.61 29.30
CA ALA C 22 37.18 -49.38 30.04
C ALA C 22 35.93 -48.52 30.29
N CYS C 23 35.01 -48.53 29.33
CA CYS C 23 33.76 -47.79 29.43
C CYS C 23 32.81 -48.34 30.50
N ARG C 24 32.82 -49.65 30.72
CA ARG C 24 31.99 -50.27 31.77
C ARG C 24 32.53 -49.98 33.17
N ASN C 25 33.86 -50.04 33.31
CA ASN C 25 34.53 -49.85 34.60
C ASN C 25 34.62 -48.38 35.00
N GLY C 26 34.62 -47.48 34.01
CA GLY C 26 34.79 -46.07 34.27
C GLY C 26 36.23 -45.67 34.45
N ASP C 27 37.13 -46.37 33.75
CA ASP C 27 38.54 -46.00 33.74
C ASP C 27 38.72 -44.84 32.74
N VAL C 28 38.48 -43.62 33.23
CA VAL C 28 38.60 -42.39 32.43
C VAL C 28 39.94 -42.24 31.73
N SER C 29 41.03 -42.57 32.43
CA SER C 29 42.38 -42.50 31.88
C SER C 29 42.56 -43.42 30.68
N ARG C 30 41.99 -44.63 30.76
CA ARG C 30 42.11 -45.64 29.71
C ARG C 30 41.21 -45.35 28.53
N VAL C 31 40.04 -44.76 28.79
CA VAL C 31 39.15 -44.31 27.71
C VAL C 31 39.79 -43.15 26.97
N LYS C 32 40.39 -42.22 27.72
CA LYS C 32 41.17 -41.12 27.15
C LYS C 32 42.28 -41.61 26.22
N ARG C 33 43.06 -42.58 26.70
CA ARG C 33 44.14 -43.18 25.92
C ARG C 33 43.65 -43.88 24.65
N LEU C 34 42.56 -44.64 24.77
CA LEU C 34 42.08 -45.51 23.68
C LEU C 34 41.18 -44.84 22.65
N VAL C 35 40.31 -43.91 23.08
CA VAL C 35 39.28 -43.38 22.19
C VAL C 35 39.78 -42.27 21.26
N ASP C 36 39.25 -42.28 20.03
CA ASP C 36 39.44 -41.19 19.07
C ASP C 36 38.29 -41.22 18.06
N ALA C 37 38.27 -40.26 17.15
CA ALA C 37 37.22 -40.16 16.13
C ALA C 37 36.98 -41.47 15.39
N ALA C 38 38.06 -42.18 15.06
CA ALA C 38 38.00 -43.45 14.33
C ALA C 38 37.18 -44.57 15.01
N ASN C 39 37.18 -44.61 16.34
CA ASN C 39 36.49 -45.69 17.08
C ASN C 39 35.46 -45.23 18.13
N VAL C 40 35.20 -43.93 18.25
CA VAL C 40 34.30 -43.41 19.30
C VAL C 40 32.85 -43.90 19.16
N ASN C 41 32.41 -44.12 17.92
CA ASN C 41 31.08 -44.65 17.63
C ASN C 41 31.12 -46.08 17.07
N ALA C 42 32.11 -46.87 17.50
CA ALA C 42 32.29 -48.24 17.01
C ALA C 42 31.26 -49.18 17.65
N LYS C 43 30.67 -50.06 16.83
CA LYS C 43 29.71 -51.03 17.32
C LYS C 43 30.45 -52.29 17.81
N ASP C 44 30.02 -52.80 18.96
CA ASP C 44 30.44 -54.11 19.45
C ASP C 44 29.84 -55.16 18.51
N MET C 45 30.60 -55.62 17.53
CA MET C 45 30.07 -56.50 16.47
C MET C 45 29.65 -57.92 16.91
N ALA C 46 29.82 -58.28 18.18
CA ALA C 46 29.14 -59.43 18.78
C ALA C 46 28.18 -58.97 19.88
N GLY C 47 27.18 -59.80 20.17
CA GLY C 47 26.21 -59.51 21.24
C GLY C 47 25.26 -58.37 20.90
N ARG C 48 25.21 -57.35 21.75
CA ARG C 48 24.16 -56.34 21.68
C ARG C 48 24.31 -55.32 20.55
N LYS C 49 25.51 -55.23 19.96
CA LYS C 49 25.82 -54.22 18.93
C LYS C 49 25.83 -52.79 19.50
N SER C 50 26.39 -52.65 20.70
CA SER C 50 26.40 -51.39 21.42
C SER C 50 27.59 -50.47 21.08
N SER C 51 27.34 -49.17 21.16
CA SER C 51 28.36 -48.11 21.12
C SER C 51 29.13 -48.05 22.46
N PRO C 52 30.32 -47.40 22.48
CA PRO C 52 30.95 -47.09 23.76
C PRO C 52 30.08 -46.26 24.70
N LEU C 53 29.36 -45.28 24.15
CA LEU C 53 28.45 -44.43 24.92
C LEU C 53 27.30 -45.24 25.53
N HIS C 54 26.76 -46.17 24.74
CA HIS C 54 25.76 -47.13 25.22
C HIS C 54 26.18 -47.78 26.55
N PHE C 55 27.37 -48.40 26.55
CA PHE C 55 27.91 -49.07 27.75
C PHE C 55 28.10 -48.09 28.91
N ALA C 56 28.86 -47.03 28.65
CA ALA C 56 29.15 -45.98 29.65
C ALA C 56 27.89 -45.41 30.30
N ALA C 57 26.89 -45.13 29.48
CA ALA C 57 25.61 -44.58 29.95
C ALA C 57 24.87 -45.57 30.82
N GLY C 58 24.72 -46.80 30.33
CA GLY C 58 24.11 -47.89 31.10
C GLY C 58 24.77 -48.19 32.43
N PHE C 59 26.10 -48.01 32.48
CA PHE C 59 26.88 -48.24 33.71
C PHE C 59 27.04 -47.00 34.63
N GLY C 60 26.48 -45.84 34.24
CA GLY C 60 26.46 -44.67 35.12
C GLY C 60 27.81 -43.98 35.25
N ARG C 61 28.57 -43.99 34.16
CA ARG C 61 29.92 -43.43 34.11
C ARG C 61 29.87 -42.01 33.55
N LYS C 62 29.53 -41.06 34.42
CA LYS C 62 29.32 -39.64 34.04
C LYS C 62 30.55 -39.06 33.34
N ASP C 63 31.72 -39.34 33.91
CA ASP C 63 32.99 -38.77 33.43
C ASP C 63 33.41 -39.36 32.11
N VAL C 64 33.19 -40.66 31.94
CA VAL C 64 33.44 -41.31 30.66
C VAL C 64 32.47 -40.77 29.61
N VAL C 65 31.20 -40.63 29.99
CA VAL C 65 30.17 -40.04 29.13
C VAL C 65 30.53 -38.61 28.72
N GLU C 66 30.97 -37.79 29.67
CA GLU C 66 31.41 -36.42 29.38
C GLU C 66 32.48 -36.39 28.30
N HIS C 67 33.53 -37.19 28.50
CA HIS C 67 34.65 -37.24 27.56
C HIS C 67 34.27 -37.88 26.21
N LEU C 68 33.47 -38.93 26.23
CA LEU C 68 32.98 -39.54 24.98
C LEU C 68 32.20 -38.53 24.15
N LEU C 69 31.32 -37.76 24.78
CA LEU C 69 30.54 -36.71 24.10
C LEU C 69 31.42 -35.60 23.51
N GLN C 70 32.47 -35.20 24.23
CA GLN C 70 33.48 -34.27 23.69
C GLN C 70 34.22 -34.80 22.47
N MET C 71 34.45 -36.10 22.41
CA MET C 71 35.10 -36.76 21.26
C MET C 71 34.14 -37.08 20.09
N GLY C 72 32.89 -36.58 20.17
CA GLY C 72 31.92 -36.69 19.08
C GLY C 72 31.08 -37.95 19.14
N ALA C 73 30.82 -38.44 20.35
CA ALA C 73 30.03 -39.66 20.54
C ALA C 73 28.59 -39.40 20.13
N ASN C 74 28.02 -40.30 19.35
CA ASN C 74 26.67 -40.14 18.82
C ASN C 74 25.63 -40.52 19.88
N VAL C 75 24.83 -39.53 20.28
CA VAL C 75 23.85 -39.71 21.34
C VAL C 75 22.53 -40.32 20.82
N HIS C 76 22.37 -40.36 19.49
CA HIS C 76 21.26 -41.05 18.81
C HIS C 76 21.67 -42.40 18.19
N ALA C 77 22.80 -42.97 18.61
CA ALA C 77 23.28 -44.24 18.07
C ALA C 77 22.35 -45.38 18.49
N ARG C 78 21.98 -46.22 17.54
CA ARG C 78 21.10 -47.36 17.79
C ARG C 78 21.92 -48.63 18.00
N ASP C 79 21.56 -49.42 19.00
CA ASP C 79 22.09 -50.78 19.12
C ASP C 79 21.21 -51.71 18.28
N ASP C 80 21.41 -53.02 18.40
CA ASP C 80 20.65 -53.99 17.61
C ASP C 80 19.16 -54.02 17.97
N GLY C 81 18.84 -53.82 19.24
CA GLY C 81 17.47 -53.79 19.73
C GLY C 81 16.70 -52.50 19.46
N GLY C 82 17.39 -51.47 18.96
CA GLY C 82 16.80 -50.16 18.68
C GLY C 82 17.01 -49.13 19.76
N LEU C 83 17.76 -49.48 20.81
CA LEU C 83 17.94 -48.60 21.95
C LEU C 83 18.92 -47.48 21.66
N ILE C 84 18.92 -46.52 22.57
CA ILE C 84 19.67 -45.28 22.50
C ILE C 84 20.37 -45.24 23.84
N PRO C 85 21.60 -44.68 23.92
CA PRO C 85 22.25 -44.55 25.23
C PRO C 85 21.33 -44.08 26.38
N LEU C 86 20.41 -43.18 26.07
CA LEU C 86 19.39 -42.74 27.02
C LEU C 86 18.50 -43.87 27.57
N HIS C 87 18.06 -44.80 26.72
CA HIS C 87 17.33 -46.01 27.18
C HIS C 87 18.12 -46.73 28.29
N ASN C 88 19.42 -46.94 28.01
CA ASN C 88 20.35 -47.68 28.89
C ASN C 88 20.49 -47.01 30.26
N ALA C 89 20.75 -45.70 30.26
CA ALA C 89 20.89 -44.93 31.51
C ALA C 89 19.60 -44.87 32.33
N CYS C 90 18.46 -44.90 31.64
CA CYS C 90 17.16 -44.85 32.28
C CYS C 90 16.76 -46.14 32.99
N SER C 91 17.10 -47.28 32.38
CA SER C 91 16.81 -48.60 32.95
C SER C 91 17.51 -48.80 34.28
N PHE C 92 18.73 -48.23 34.40
CA PHE C 92 19.58 -48.44 35.58
C PHE C 92 19.72 -47.20 36.48
N GLY C 93 18.82 -46.22 36.30
CA GLY C 93 18.62 -45.14 37.27
C GLY C 93 19.78 -44.17 37.43
N HIS C 94 20.46 -43.85 36.34
CA HIS C 94 21.60 -42.93 36.38
C HIS C 94 21.15 -41.54 36.00
N ALA C 95 20.31 -40.96 36.86
CA ALA C 95 19.64 -39.67 36.61
C ALA C 95 20.62 -38.54 36.27
N GLU C 96 21.83 -38.62 36.82
CA GLU C 96 22.94 -37.72 36.47
C GLU C 96 23.28 -37.83 34.98
N VAL C 97 23.47 -39.07 34.53
CA VAL C 97 23.81 -39.37 33.13
C VAL C 97 22.61 -39.13 32.21
N VAL C 98 21.40 -39.33 32.72
CA VAL C 98 20.17 -39.04 31.95
C VAL C 98 20.11 -37.55 31.62
N SER C 99 20.23 -36.72 32.66
CA SER C 99 20.25 -35.26 32.52
C SER C 99 21.29 -34.76 31.51
N LEU C 100 22.45 -35.42 31.50
CA LEU C 100 23.55 -35.09 30.60
C LEU C 100 23.33 -35.48 29.13
N LEU C 101 22.68 -36.62 28.89
CA LEU C 101 22.34 -37.07 27.52
C LEU C 101 21.19 -36.27 26.92
N LEU C 102 20.23 -35.92 27.75
CA LEU C 102 19.11 -35.04 27.35
C LEU C 102 19.62 -33.67 26.93
N CYS C 103 20.52 -33.14 27.72
CA CYS C 103 21.23 -31.93 27.38
C CYS C 103 22.04 -31.90 26.07
N GLN C 104 22.51 -33.06 25.61
CA GLN C 104 23.14 -33.20 24.29
C GLN C 104 22.13 -33.50 23.16
N GLY C 105 20.87 -33.68 23.52
CA GLY C 105 19.77 -33.74 22.55
C GLY C 105 19.15 -35.09 22.29
N ALA C 106 19.50 -36.11 23.06
CA ALA C 106 18.84 -37.41 22.93
C ALA C 106 17.38 -37.21 23.27
N ASP C 107 16.47 -37.62 22.39
CA ASP C 107 15.05 -37.35 22.63
C ASP C 107 14.45 -38.38 23.59
N PRO C 108 13.74 -37.91 24.63
CA PRO C 108 13.19 -38.81 25.62
C PRO C 108 11.98 -39.64 25.16
N ASN C 109 11.63 -39.53 23.88
CA ASN C 109 10.60 -40.35 23.26
C ASN C 109 11.16 -41.14 22.08
N ALA C 110 12.37 -41.66 22.24
CA ALA C 110 12.98 -42.53 21.24
C ALA C 110 12.28 -43.89 21.28
N ARG C 111 12.17 -44.53 20.12
CA ARG C 111 11.52 -45.82 20.00
C ARG C 111 12.56 -46.88 19.72
N ASP C 112 12.54 -47.97 20.48
CA ASP C 112 13.32 -49.17 20.11
C ASP C 112 12.47 -50.00 19.14
N ASN C 113 12.90 -51.21 18.82
CA ASN C 113 12.19 -52.04 17.84
C ASN C 113 10.81 -52.53 18.31
N TRP C 114 10.56 -52.49 19.63
CA TRP C 114 9.25 -52.77 20.22
C TRP C 114 8.47 -51.48 20.62
N ASN C 115 9.01 -50.31 20.28
CA ASN C 115 8.43 -49.00 20.63
C ASN C 115 8.31 -48.70 22.15
N TYR C 116 9.26 -49.22 22.92
CA TYR C 116 9.46 -48.79 24.30
C TYR C 116 10.24 -47.47 24.25
N THR C 117 9.75 -46.46 24.98
CA THR C 117 10.50 -45.21 25.17
C THR C 117 11.36 -45.32 26.42
N PRO C 118 12.39 -44.45 26.56
CA PRO C 118 13.13 -44.38 27.84
C PRO C 118 12.25 -44.23 29.07
N LEU C 119 11.08 -43.59 28.93
CA LEU C 119 10.11 -43.50 30.03
C LEU C 119 9.45 -44.84 30.40
N HIS C 120 9.22 -45.72 29.41
CA HIS C 120 8.80 -47.11 29.69
C HIS C 120 9.84 -47.77 30.58
N GLU C 121 11.08 -47.69 30.12
CA GLU C 121 12.22 -48.36 30.75
C GLU C 121 12.47 -47.96 32.21
N ALA C 122 12.22 -46.70 32.54
CA ALA C 122 12.40 -46.20 33.92
C ALA C 122 11.17 -46.41 34.79
N ALA C 123 9.99 -46.36 34.18
CA ALA C 123 8.73 -46.61 34.89
C ALA C 123 8.60 -48.09 35.27
N ILE C 124 9.01 -48.99 34.38
CA ILE C 124 9.03 -50.43 34.65
C ILE C 124 9.94 -50.75 35.85
N LYS C 125 11.15 -50.17 35.83
CA LYS C 125 12.16 -50.40 36.86
C LYS C 125 11.99 -49.53 38.13
N GLY C 126 10.87 -48.82 38.26
CA GLY C 126 10.58 -48.02 39.45
C GLY C 126 11.51 -46.85 39.71
N LYS C 127 12.18 -46.34 38.67
CA LYS C 127 13.16 -45.26 38.80
C LYS C 127 12.46 -43.90 38.80
N ILE C 128 12.25 -43.33 39.98
CA ILE C 128 11.44 -42.11 40.16
C ILE C 128 12.20 -40.86 39.71
N ASP C 129 13.48 -40.79 40.09
CA ASP C 129 14.33 -39.66 39.68
C ASP C 129 14.50 -39.57 38.18
N VAL C 130 14.66 -40.71 37.53
CA VAL C 130 14.73 -40.76 36.05
C VAL C 130 13.39 -40.39 35.41
N CYS C 131 12.27 -40.89 35.97
CA CYS C 131 10.93 -40.58 35.47
C CYS C 131 10.64 -39.07 35.44
N ILE C 132 10.94 -38.39 36.53
CA ILE C 132 10.66 -36.96 36.67
C ILE C 132 11.58 -36.13 35.77
N VAL C 133 12.86 -36.48 35.73
CA VAL C 133 13.81 -35.82 34.83
C VAL C 133 13.39 -35.96 33.34
N LEU C 134 12.88 -37.13 32.96
CA LEU C 134 12.37 -37.34 31.59
C LEU C 134 11.11 -36.53 31.29
N LEU C 135 10.17 -36.53 32.23
CA LEU C 135 8.92 -35.79 32.05
C LEU C 135 9.14 -34.29 31.98
N GLN C 136 10.08 -33.79 32.79
CA GLN C 136 10.52 -32.39 32.72
C GLN C 136 11.11 -32.01 31.36
N HIS C 137 11.81 -32.94 30.73
CA HIS C 137 12.34 -32.75 29.37
C HIS C 137 11.37 -33.25 28.28
N GLY C 138 10.07 -33.28 28.57
CA GLY C 138 9.05 -33.52 27.57
C GLY C 138 8.87 -34.96 27.11
N ALA C 139 9.06 -35.91 28.01
CA ALA C 139 8.74 -37.31 27.71
C ALA C 139 7.22 -37.47 27.73
N ASP C 140 6.75 -38.44 26.96
CA ASP C 140 5.32 -38.69 26.74
C ASP C 140 4.92 -39.96 27.49
N PRO C 141 4.08 -39.83 28.54
CA PRO C 141 3.57 -41.04 29.22
C PRO C 141 2.67 -41.92 28.36
N ASN C 142 2.09 -41.33 27.32
CA ASN C 142 1.03 -41.98 26.55
C ASN C 142 1.49 -42.75 25.31
N ILE C 143 2.78 -42.73 24.99
CA ILE C 143 3.31 -43.52 23.87
C ILE C 143 3.15 -44.98 24.21
N ARG C 144 2.60 -45.75 23.27
CA ARG C 144 2.31 -47.17 23.45
C ARG C 144 3.32 -48.01 22.71
N ASN C 145 3.74 -49.11 23.32
CA ASN C 145 4.64 -50.09 22.66
C ASN C 145 3.86 -50.92 21.63
N THR C 146 4.54 -51.84 20.96
CA THR C 146 3.90 -52.72 19.95
C THR C 146 2.80 -53.64 20.52
N ASP C 147 2.83 -53.88 21.83
CA ASP C 147 1.75 -54.60 22.55
C ASP C 147 0.62 -53.66 23.01
N GLY C 148 0.63 -52.38 22.57
CA GLY C 148 -0.40 -51.41 22.93
C GLY C 148 -0.35 -50.86 24.34
N LYS C 149 0.74 -51.13 25.08
CA LYS C 149 0.85 -50.73 26.47
C LYS C 149 1.72 -49.48 26.62
N SER C 150 1.20 -48.49 27.36
CA SER C 150 1.91 -47.24 27.62
C SER C 150 2.94 -47.39 28.73
N ALA C 151 3.61 -46.30 29.07
CA ALA C 151 4.51 -46.27 30.22
C ALA C 151 3.76 -46.46 31.54
N LEU C 152 2.60 -45.80 31.65
CA LEU C 152 1.72 -45.92 32.82
C LEU C 152 1.17 -47.35 33.00
N ASP C 153 0.94 -48.04 31.89
CA ASP C 153 0.42 -49.42 31.91
C ASP C 153 1.46 -50.43 32.42
N LEU C 154 2.71 -50.28 31.98
CA LEU C 154 3.82 -51.14 32.43
C LEU C 154 4.52 -50.60 33.69
N ALA C 155 3.95 -49.59 34.36
CA ALA C 155 4.63 -48.88 35.44
C ALA C 155 4.75 -49.70 36.70
N ASP C 156 5.78 -49.40 37.48
CA ASP C 156 5.94 -49.92 38.83
C ASP C 156 4.93 -49.19 39.71
N PRO C 157 4.36 -49.86 40.73
CA PRO C 157 3.43 -49.19 41.65
C PRO C 157 3.88 -47.82 42.20
N SER C 158 5.18 -47.66 42.46
CA SER C 158 5.75 -46.36 42.88
C SER C 158 5.74 -45.34 41.75
N ALA C 159 6.35 -45.73 40.62
CA ALA C 159 6.42 -44.87 39.43
C ALA C 159 5.06 -44.58 38.79
N LYS C 160 4.05 -45.39 39.10
CA LYS C 160 2.68 -45.13 38.63
C LYS C 160 2.10 -43.82 39.20
N ALA C 161 2.46 -43.50 40.44
CA ALA C 161 2.05 -42.25 41.07
C ALA C 161 2.65 -40.99 40.39
N VAL C 162 3.83 -41.12 39.79
CA VAL C 162 4.51 -40.01 39.08
C VAL C 162 3.84 -39.76 37.74
N LEU C 163 3.54 -40.84 37.01
CA LEU C 163 2.93 -40.75 35.68
C LEU C 163 1.43 -40.38 35.68
N THR C 164 0.83 -40.23 36.87
CA THR C 164 -0.50 -39.64 37.03
C THR C 164 -0.46 -38.20 37.56
N GLY C 165 0.73 -37.64 37.75
CA GLY C 165 0.92 -36.28 38.26
C GLY C 165 0.49 -36.06 39.70
N GLU C 166 0.48 -37.12 40.49
CA GLU C 166 -0.03 -37.10 41.86
C GLU C 166 1.05 -37.48 42.89
N TYR C 167 2.30 -37.54 42.45
CA TYR C 167 3.40 -37.82 43.34
C TYR C 167 3.40 -36.46 44.04
N LYS C 168 2.89 -36.53 45.26
CA LYS C 168 3.19 -35.56 46.32
C LYS C 168 2.81 -34.12 45.96
N LYS C 169 1.55 -33.96 45.55
CA LYS C 169 1.01 -32.65 45.11
C LYS C 169 0.90 -31.63 46.25
N ASP C 170 0.62 -32.13 47.46
CA ASP C 170 0.62 -31.31 48.67
C ASP C 170 2.03 -30.79 48.96
N GLU C 171 3.01 -31.68 48.78
CA GLU C 171 4.42 -31.35 48.98
C GLU C 171 4.95 -30.39 47.91
N LEU C 172 4.48 -30.57 46.68
CA LEU C 172 4.80 -29.67 45.56
C LEU C 172 4.29 -28.25 45.82
N LEU C 173 3.00 -28.14 46.19
CA LEU C 173 2.39 -26.84 46.50
C LEU C 173 3.03 -26.16 47.69
N GLU C 174 3.32 -26.93 48.74
CA GLU C 174 3.98 -26.40 49.94
C GLU C 174 5.38 -25.87 49.64
N ALA C 175 6.11 -26.56 48.76
CA ALA C 175 7.43 -26.10 48.31
C ALA C 175 7.35 -24.75 47.59
N ALA C 176 6.31 -24.57 46.77
CA ALA C 176 6.10 -23.33 46.04
C ALA C 176 5.85 -22.14 46.96
N ARG C 177 4.98 -22.31 47.95
CA ARG C 177 4.64 -21.23 48.89
C ARG C 177 5.70 -21.00 49.98
N SER C 178 6.45 -22.05 50.34
CA SER C 178 7.58 -21.93 51.26
C SER C 178 8.90 -21.48 50.59
N GLY C 179 8.92 -21.41 49.26
CA GLY C 179 10.08 -20.90 48.51
C GLY C 179 11.24 -21.88 48.41
N ASN C 180 10.91 -23.17 48.32
CA ASN C 180 11.89 -24.25 48.40
C ASN C 180 12.25 -24.78 46.99
N GLU C 181 13.37 -24.29 46.46
CA GLU C 181 13.71 -24.48 45.05
C GLU C 181 13.95 -25.94 44.65
N GLU C 182 14.84 -26.61 45.38
CA GLU C 182 15.27 -27.97 45.02
C GLU C 182 14.22 -29.03 45.34
N LYS C 183 13.41 -28.79 46.37
CA LYS C 183 12.32 -29.73 46.70
C LYS C 183 11.14 -29.59 45.72
N LEU C 184 10.99 -28.42 45.10
CA LEU C 184 10.04 -28.22 43.99
C LEU C 184 10.51 -28.98 42.75
N MET C 185 11.76 -28.73 42.36
CA MET C 185 12.32 -29.33 41.14
C MET C 185 12.53 -30.85 41.25
N ALA C 186 12.55 -31.37 42.47
CA ALA C 186 12.46 -32.82 42.69
C ALA C 186 11.14 -33.41 42.17
N LEU C 187 10.03 -32.68 42.36
CA LEU C 187 8.68 -33.18 42.06
C LEU C 187 8.03 -32.66 40.78
N LEU C 188 8.50 -31.51 40.29
CA LEU C 188 7.81 -30.75 39.22
C LEU C 188 7.88 -31.44 37.85
N THR C 189 6.74 -31.91 37.35
CA THR C 189 6.58 -32.38 35.97
C THR C 189 5.61 -31.46 35.23
N PRO C 190 5.36 -31.67 33.91
CA PRO C 190 4.21 -31.02 33.24
C PRO C 190 2.86 -31.62 33.59
N LEU C 191 2.86 -32.78 34.22
CA LEU C 191 1.65 -33.39 34.73
C LEU C 191 1.20 -32.72 36.04
N ASN C 192 2.12 -32.06 36.79
CA ASN C 192 1.77 -31.35 38.05
C ASN C 192 2.07 -29.82 38.23
N VAL C 193 2.37 -29.08 37.16
CA VAL C 193 2.71 -27.63 37.24
C VAL C 193 1.49 -26.68 37.35
N ASN C 194 0.39 -27.06 36.70
CA ASN C 194 -0.88 -26.34 36.80
C ASN C 194 -1.94 -27.19 37.48
N CYS C 195 -1.54 -27.84 38.57
CA CYS C 195 -2.47 -28.54 39.42
C CYS C 195 -3.16 -27.52 40.30
N HIS C 196 -4.27 -27.92 40.91
CA HIS C 196 -4.95 -27.10 41.91
C HIS C 196 -4.95 -27.80 43.27
N ALA C 197 -4.97 -27.02 44.34
CA ALA C 197 -5.12 -27.56 45.68
C ALA C 197 -6.50 -28.19 45.84
N SER C 198 -6.59 -29.19 46.72
CA SER C 198 -7.85 -29.89 46.99
C SER C 198 -8.92 -28.98 47.63
N ASP C 199 -8.49 -28.00 48.42
CA ASP C 199 -9.38 -27.22 49.29
C ASP C 199 -8.90 -25.78 49.48
N GLY C 200 -9.71 -25.01 50.20
CA GLY C 200 -9.38 -23.63 50.52
C GLY C 200 -9.59 -22.76 49.30
N ARG C 201 -8.54 -22.06 48.89
CA ARG C 201 -8.61 -21.17 47.75
C ARG C 201 -8.57 -21.93 46.41
N LYS C 202 -8.11 -23.19 46.43
CA LYS C 202 -7.92 -24.02 45.22
C LYS C 202 -6.94 -23.39 44.25
N SER C 203 -5.81 -22.94 44.80
CA SER C 203 -4.79 -22.22 44.06
C SER C 203 -3.87 -23.18 43.30
N THR C 204 -3.18 -22.63 42.32
CA THR C 204 -2.11 -23.35 41.58
C THR C 204 -0.76 -23.08 42.24
N PRO C 205 0.29 -23.82 41.83
CA PRO C 205 1.64 -23.46 42.29
C PRO C 205 1.99 -21.99 42.04
N LEU C 206 1.69 -21.49 40.83
CA LEU C 206 2.01 -20.11 40.45
C LEU C 206 1.29 -19.06 41.30
N HIS C 207 0.01 -19.29 41.59
CA HIS C 207 -0.78 -18.45 42.50
C HIS C 207 -0.09 -18.21 43.84
N LEU C 208 0.42 -19.30 44.42
CA LEU C 208 1.02 -19.30 45.75
C LEU C 208 2.39 -18.64 45.71
N ALA C 209 3.22 -19.10 44.78
CA ALA C 209 4.55 -18.52 44.57
C ALA C 209 4.48 -17.01 44.34
N ALA C 210 3.48 -16.58 43.55
CA ALA C 210 3.26 -15.15 43.28
C ALA C 210 2.79 -14.38 44.51
N GLY C 211 1.82 -14.96 45.22
CA GLY C 211 1.31 -14.37 46.47
C GLY C 211 2.35 -14.23 47.57
N TYR C 212 3.17 -15.27 47.77
CA TYR C 212 4.20 -15.30 48.83
C TYR C 212 5.59 -14.76 48.41
N ASN C 213 5.68 -14.17 47.22
CA ASN C 213 6.89 -13.47 46.74
C ASN C 213 8.10 -14.40 46.56
N ARG C 214 7.86 -15.53 45.91
CA ARG C 214 8.92 -16.48 45.55
C ARG C 214 9.34 -16.20 44.11
N VAL C 215 10.16 -15.17 43.97
CA VAL C 215 10.57 -14.64 42.65
C VAL C 215 11.29 -15.69 41.80
N ARG C 216 12.14 -16.49 42.44
CA ARG C 216 12.88 -17.57 41.80
C ARG C 216 11.99 -18.77 41.44
N ILE C 217 11.05 -19.11 42.33
CA ILE C 217 10.10 -20.21 42.09
C ILE C 217 9.18 -19.86 40.91
N VAL C 218 8.83 -18.59 40.79
CA VAL C 218 7.99 -18.11 39.68
C VAL C 218 8.72 -18.30 38.36
N GLN C 219 9.99 -17.88 38.29
CA GLN C 219 10.81 -18.08 37.09
C GLN C 219 10.83 -19.55 36.66
N LEU C 220 11.01 -20.46 37.61
CA LEU C 220 11.04 -21.89 37.32
C LEU C 220 9.68 -22.44 36.90
N LEU C 221 8.61 -21.98 37.55
CA LEU C 221 7.25 -22.41 37.17
C LEU C 221 6.88 -21.93 35.78
N LEU C 222 7.10 -20.64 35.53
CA LEU C 222 6.85 -20.03 34.22
C LEU C 222 7.62 -20.71 33.12
N GLN C 223 8.90 -21.00 33.37
CA GLN C 223 9.73 -21.79 32.45
C GLN C 223 9.08 -23.14 32.12
N HIS C 224 8.68 -23.87 33.16
CA HIS C 224 8.14 -25.22 32.98
C HIS C 224 6.64 -25.27 32.67
N GLY C 225 6.11 -24.18 32.10
CA GLY C 225 4.80 -24.18 31.48
C GLY C 225 3.65 -23.78 32.37
N ALA C 226 3.94 -23.06 33.46
CA ALA C 226 2.89 -22.64 34.38
C ALA C 226 1.95 -21.68 33.66
N ASP C 227 0.67 -21.74 34.05
CA ASP C 227 -0.38 -21.01 33.37
C ASP C 227 -0.55 -19.68 34.10
N VAL C 228 -0.23 -18.60 33.40
CA VAL C 228 -0.36 -17.26 33.96
C VAL C 228 -1.85 -16.85 34.04
N HIS C 229 -2.70 -17.52 33.25
CA HIS C 229 -4.15 -17.29 33.23
C HIS C 229 -4.99 -18.21 34.12
N ALA C 230 -4.35 -19.11 34.88
CA ALA C 230 -5.09 -20.12 35.67
C ALA C 230 -5.87 -19.46 36.82
N LYS C 231 -7.17 -19.76 36.88
CA LYS C 231 -8.05 -19.15 37.87
C LYS C 231 -8.17 -19.99 39.14
N ASP C 232 -8.25 -19.32 40.29
CA ASP C 232 -8.56 -20.02 41.56
C ASP C 232 -10.08 -20.08 41.79
N LYS C 233 -10.49 -20.64 42.92
CA LYS C 233 -11.91 -20.84 43.27
C LYS C 233 -12.78 -19.58 43.14
N GLY C 234 -12.22 -18.43 43.53
CA GLY C 234 -12.93 -17.13 43.48
C GLY C 234 -12.62 -16.24 42.28
N GLY C 235 -12.17 -16.85 41.17
CA GLY C 235 -11.94 -16.13 39.92
C GLY C 235 -10.55 -15.52 39.71
N LEU C 236 -9.73 -15.44 40.75
CA LEU C 236 -8.44 -14.73 40.67
C LEU C 236 -7.46 -15.44 39.78
N VAL C 237 -6.35 -14.76 39.47
CA VAL C 237 -5.24 -15.28 38.67
C VAL C 237 -3.98 -14.81 39.38
N PRO C 238 -2.85 -15.52 39.20
CA PRO C 238 -1.60 -15.16 39.86
C PRO C 238 -1.33 -13.65 40.03
N LEU C 239 -1.61 -12.87 38.99
CA LEU C 239 -1.41 -11.41 39.02
C LEU C 239 -2.21 -10.68 40.13
N HIS C 240 -3.44 -11.12 40.41
CA HIS C 240 -4.25 -10.58 41.52
C HIS C 240 -3.54 -10.74 42.86
N ASN C 241 -3.01 -11.95 43.09
CA ASN C 241 -2.31 -12.29 44.34
C ASN C 241 -1.09 -11.40 44.52
N ALA C 242 -0.28 -11.33 43.47
CA ALA C 242 0.96 -10.53 43.47
C ALA C 242 0.71 -9.04 43.72
N CYS C 243 -0.35 -8.50 43.13
CA CYS C 243 -0.66 -7.08 43.22
C CYS C 243 -1.28 -6.70 44.56
N SER C 244 -2.16 -7.57 45.07
CA SER C 244 -2.79 -7.37 46.37
C SER C 244 -1.76 -7.15 47.49
N TYR C 245 -0.75 -8.02 47.53
CA TYR C 245 0.28 -8.00 48.57
C TYR C 245 1.53 -7.16 48.22
N GLY C 246 1.54 -6.55 47.04
CA GLY C 246 2.51 -5.51 46.70
C GLY C 246 3.90 -6.03 46.41
N HIS C 247 3.98 -7.02 45.52
CA HIS C 247 5.25 -7.63 45.12
C HIS C 247 5.62 -7.16 43.71
N TYR C 248 6.44 -6.12 43.62
CA TYR C 248 6.79 -5.47 42.34
C TYR C 248 7.64 -6.40 41.49
N GLU C 249 8.62 -7.04 42.12
CA GLU C 249 9.46 -8.06 41.50
C GLU C 249 8.64 -9.02 40.66
N VAL C 250 7.74 -9.73 41.34
CA VAL C 250 6.96 -10.81 40.72
C VAL C 250 5.82 -10.31 39.82
N THR C 251 5.27 -9.13 40.11
CA THR C 251 4.24 -8.50 39.29
C THR C 251 4.78 -8.22 37.89
N GLU C 252 5.97 -7.62 37.84
CA GLU C 252 6.64 -7.28 36.58
C GLU C 252 6.96 -8.54 35.78
N LEU C 253 7.40 -9.58 36.49
CA LEU C 253 7.71 -10.88 35.87
C LEU C 253 6.49 -11.58 35.27
N LEU C 254 5.36 -11.54 35.97
CA LEU C 254 4.11 -12.11 35.45
C LEU C 254 3.60 -11.36 34.22
N LEU C 255 3.69 -10.03 34.25
CA LEU C 255 3.29 -9.17 33.12
C LEU C 255 4.14 -9.45 31.88
N LYS C 256 5.44 -9.55 32.08
CA LYS C 256 6.40 -9.91 31.03
C LYS C 256 5.97 -11.19 30.28
N HIS C 257 5.39 -12.15 31.01
CA HIS C 257 4.93 -13.45 30.47
C HIS C 257 3.46 -13.48 30.07
N GLY C 258 2.90 -12.33 29.74
CA GLY C 258 1.58 -12.25 29.14
C GLY C 258 0.40 -12.28 30.08
N ALA C 259 0.60 -11.86 31.33
CA ALA C 259 -0.51 -11.74 32.28
C ALA C 259 -1.42 -10.62 31.83
N CYS C 260 -2.73 -10.86 31.87
CA CYS C 260 -3.71 -9.81 31.54
C CYS C 260 -3.83 -8.79 32.68
N VAL C 261 -3.43 -7.55 32.40
CA VAL C 261 -3.34 -6.48 33.39
C VAL C 261 -4.70 -6.04 33.97
N ASN C 262 -5.75 -6.17 33.17
CA ASN C 262 -7.12 -5.90 33.62
C ASN C 262 -7.94 -7.20 33.71
N ALA C 263 -7.30 -8.30 34.11
CA ALA C 263 -7.98 -9.59 34.26
C ALA C 263 -9.00 -9.48 35.38
N MET C 264 -10.17 -10.07 35.19
CA MET C 264 -11.27 -9.92 36.14
C MET C 264 -11.64 -11.24 36.81
N ASP C 265 -11.84 -11.19 38.12
CA ASP C 265 -12.34 -12.32 38.89
C ASP C 265 -13.89 -12.36 38.82
N LEU C 266 -14.52 -13.15 39.69
CA LEU C 266 -15.98 -13.34 39.67
C LEU C 266 -16.76 -12.09 40.10
N TRP C 267 -16.13 -11.23 40.89
CA TRP C 267 -16.70 -9.93 41.31
C TRP C 267 -16.22 -8.73 40.46
N GLN C 268 -15.49 -9.01 39.37
CA GLN C 268 -14.95 -8.00 38.46
C GLN C 268 -13.96 -7.01 39.10
N PHE C 269 -13.14 -7.52 40.02
CA PHE C 269 -11.99 -6.80 40.54
C PHE C 269 -10.82 -7.05 39.59
N THR C 270 -10.26 -5.97 39.03
CA THR C 270 -8.99 -6.04 38.31
C THR C 270 -7.83 -6.07 39.31
N PRO C 271 -6.63 -6.47 38.87
CA PRO C 271 -5.45 -6.35 39.72
C PRO C 271 -5.23 -4.94 40.27
N LEU C 272 -5.58 -3.91 39.49
CA LEU C 272 -5.47 -2.52 39.95
C LEU C 272 -6.43 -2.21 41.12
N HIS C 273 -7.60 -2.87 41.18
CA HIS C 273 -8.51 -2.78 42.34
C HIS C 273 -7.80 -3.32 43.59
N GLU C 274 -7.25 -4.52 43.46
CA GLU C 274 -6.53 -5.18 44.55
C GLU C 274 -5.38 -4.32 45.03
N ALA C 275 -4.56 -3.83 44.11
CA ALA C 275 -3.40 -3.01 44.47
C ALA C 275 -3.81 -1.69 45.10
N ALA C 276 -4.81 -1.03 44.52
CA ALA C 276 -5.21 0.30 44.95
C ALA C 276 -5.86 0.29 46.34
N SER C 277 -6.72 -0.69 46.59
CA SER C 277 -7.35 -0.83 47.92
C SER C 277 -6.33 -1.03 49.04
N LYS C 278 -5.23 -1.73 48.74
CA LYS C 278 -4.16 -1.97 49.72
C LYS C 278 -3.02 -0.95 49.61
N ASN C 279 -3.30 0.24 49.04
CA ASN C 279 -2.32 1.31 48.87
C ASN C 279 -0.91 0.84 48.42
N ARG C 280 -0.86 0.04 47.35
CA ARG C 280 0.40 -0.35 46.72
C ARG C 280 0.72 0.68 45.64
N VAL C 281 1.27 1.80 46.08
CA VAL C 281 1.51 2.94 45.19
C VAL C 281 2.36 2.56 43.98
N GLU C 282 3.39 1.74 44.20
CA GLU C 282 4.37 1.43 43.16
C GLU C 282 3.92 0.32 42.20
N VAL C 283 3.09 -0.60 42.67
CA VAL C 283 2.49 -1.62 41.81
C VAL C 283 1.39 -1.00 40.93
N CYS C 284 0.63 -0.05 41.48
CA CYS C 284 -0.36 0.71 40.71
C CYS C 284 0.30 1.46 39.55
N SER C 285 1.32 2.25 39.89
CA SER C 285 2.18 2.93 38.93
C SER C 285 2.63 1.99 37.79
N LEU C 286 3.12 0.81 38.16
CA LEU C 286 3.56 -0.22 37.20
C LEU C 286 2.42 -0.76 36.34
N LEU C 287 1.32 -1.14 36.97
CA LEU C 287 0.15 -1.66 36.24
C LEU C 287 -0.40 -0.64 35.23
N LEU C 288 -0.50 0.63 35.62
CA LEU C 288 -1.01 1.69 34.74
C LEU C 288 -0.21 1.82 33.46
N SER C 289 1.10 1.71 33.58
CA SER C 289 2.00 1.73 32.41
C SER C 289 1.87 0.50 31.51
N HIS C 290 1.44 -0.63 32.05
CA HIS C 290 1.08 -1.80 31.23
C HIS C 290 -0.38 -1.81 30.75
N GLY C 291 -1.05 -0.67 30.85
CA GLY C 291 -2.38 -0.49 30.27
C GLY C 291 -3.52 -0.72 31.22
N ALA C 292 -3.26 -0.66 32.52
CA ALA C 292 -4.32 -0.83 33.49
C ALA C 292 -5.27 0.35 33.43
N ASP C 293 -6.55 0.06 33.69
CA ASP C 293 -7.63 1.03 33.63
C ASP C 293 -8.21 1.24 35.04
N PRO C 294 -7.99 2.44 35.62
CA PRO C 294 -8.54 2.71 36.94
C PRO C 294 -10.02 3.06 36.91
N THR C 295 -10.57 3.42 35.76
CA THR C 295 -11.99 3.74 35.63
C THR C 295 -12.88 2.49 35.48
N LEU C 296 -12.29 1.30 35.33
CA LEU C 296 -13.05 0.04 35.28
C LEU C 296 -13.78 -0.19 36.60
N VAL C 297 -15.11 -0.30 36.53
CA VAL C 297 -15.93 -0.63 37.70
C VAL C 297 -16.03 -2.14 37.94
N ASN C 298 -16.34 -2.50 39.18
CA ASN C 298 -16.50 -3.90 39.63
C ASN C 298 -17.99 -4.23 39.80
N CYS C 299 -18.31 -5.38 40.39
CA CYS C 299 -19.69 -5.73 40.75
C CYS C 299 -20.37 -4.69 41.62
N HIS C 300 -19.62 -4.13 42.57
CA HIS C 300 -20.16 -3.16 43.53
C HIS C 300 -20.05 -1.71 43.03
N GLY C 301 -20.01 -1.52 41.71
CA GLY C 301 -20.00 -0.19 41.08
C GLY C 301 -18.84 0.71 41.44
N LYS C 302 -17.73 0.12 41.88
CA LYS C 302 -16.60 0.86 42.42
C LYS C 302 -15.40 0.65 41.52
N SER C 303 -14.76 1.76 41.16
CA SER C 303 -13.56 1.76 40.36
C SER C 303 -12.34 1.55 41.24
N ALA C 304 -11.18 1.50 40.60
CA ALA C 304 -9.91 1.51 41.33
C ALA C 304 -9.63 2.87 41.99
N VAL C 305 -10.08 3.96 41.37
CA VAL C 305 -9.93 5.30 41.94
C VAL C 305 -10.78 5.47 43.20
N ASP C 306 -11.98 4.88 43.19
CA ASP C 306 -12.84 4.84 44.38
C ASP C 306 -12.15 4.13 45.56
N MET C 307 -11.64 2.94 45.30
CA MET C 307 -11.06 2.08 46.34
C MET C 307 -9.68 2.50 46.86
N ALA C 308 -9.05 3.48 46.21
CA ALA C 308 -7.81 4.06 46.72
C ALA C 308 -8.08 4.81 48.04
N PRO C 309 -7.42 4.41 49.15
CA PRO C 309 -7.64 5.10 50.42
C PRO C 309 -6.97 6.48 50.51
N THR C 310 -5.72 6.58 50.09
CA THR C 310 -4.94 7.83 50.15
C THR C 310 -5.49 8.82 49.11
N PRO C 311 -5.57 10.13 49.45
CA PRO C 311 -5.95 11.12 48.41
C PRO C 311 -4.85 11.37 47.36
N GLU C 312 -3.60 11.10 47.72
CA GLU C 312 -2.45 11.13 46.78
C GLU C 312 -2.53 10.02 45.72
N LEU C 313 -2.97 8.83 46.13
CA LEU C 313 -3.15 7.71 45.21
C LEU C 313 -4.33 7.95 44.26
N ARG C 314 -5.39 8.61 44.73
CA ARG C 314 -6.53 8.95 43.86
C ARG C 314 -6.15 9.92 42.74
N GLU C 315 -5.36 10.95 43.04
CA GLU C 315 -4.92 11.90 42.02
C GLU C 315 -3.81 11.32 41.15
N ARG C 316 -2.91 10.54 41.74
CA ARG C 316 -1.81 9.88 41.01
C ARG C 316 -2.34 8.78 40.05
N LEU C 317 -3.34 8.01 40.48
CA LEU C 317 -4.01 7.05 39.59
C LEU C 317 -4.63 7.74 38.37
N THR C 318 -5.27 8.90 38.59
CA THR C 318 -5.87 9.66 37.49
C THR C 318 -4.79 10.35 36.61
N TYR C 319 -3.79 10.98 37.23
CA TYR C 319 -2.69 11.65 36.49
C TYR C 319 -1.92 10.67 35.62
N GLU C 320 -1.43 9.60 36.23
CA GLU C 320 -0.71 8.58 35.48
C GLU C 320 -1.56 7.89 34.40
N PHE C 321 -2.87 7.74 34.64
CA PHE C 321 -3.74 7.14 33.64
C PHE C 321 -3.88 8.02 32.40
N LYS C 322 -3.96 9.34 32.57
CA LYS C 322 -3.96 10.28 31.41
C LYS C 322 -2.65 10.35 30.62
N GLY C 323 -1.54 10.46 31.36
CA GLY C 323 -0.20 10.39 30.81
C GLY C 323 -0.02 9.18 29.92
N HIS C 324 -0.39 8.00 30.43
CA HIS C 324 -0.36 6.79 29.62
C HIS C 324 -1.32 6.83 28.45
N SER C 325 -2.58 7.21 28.70
CA SER C 325 -3.55 7.42 27.61
C SER C 325 -3.06 8.34 26.47
N LEU C 326 -2.19 9.31 26.78
CA LEU C 326 -1.54 10.12 25.75
C LEU C 326 -0.45 9.33 25.06
N LEU C 327 0.47 8.77 25.84
CA LEU C 327 1.56 7.96 25.27
C LEU C 327 1.03 6.93 24.29
N GLN C 328 -0.06 6.26 24.66
CA GLN C 328 -0.68 5.21 23.83
C GLN C 328 -1.26 5.78 22.55
N ALA C 329 -2.00 6.87 22.66
CA ALA C 329 -2.49 7.60 21.49
C ALA C 329 -1.34 8.00 20.58
N ALA C 330 -0.25 8.50 21.16
CA ALA C 330 0.92 8.90 20.37
C ALA C 330 1.51 7.75 19.56
N ARG C 331 1.62 6.57 20.18
CA ARG C 331 2.25 5.42 19.51
C ARG C 331 1.36 4.69 18.51
N GLU C 332 0.04 4.81 18.64
CA GLU C 332 -0.84 4.40 17.55
C GLU C 332 -1.27 5.62 16.71
N ALA C 333 -0.39 6.64 16.67
CA ALA C 333 -0.62 7.93 15.99
C ALA C 333 -2.08 8.39 15.84
N ASP C 334 -2.86 8.24 16.91
CA ASP C 334 -4.29 8.57 16.92
C ASP C 334 -4.43 10.09 17.10
N LEU C 335 -4.36 10.81 15.99
CA LEU C 335 -4.27 12.28 15.99
C LEU C 335 -5.42 12.96 16.73
N ALA C 336 -6.63 12.46 16.54
CA ALA C 336 -7.81 13.02 17.22
C ALA C 336 -7.70 12.84 18.74
N LYS C 337 -7.27 11.65 19.14
CA LYS C 337 -7.10 11.29 20.56
C LYS C 337 -6.06 12.17 21.23
N VAL C 338 -5.00 12.50 20.49
CA VAL C 338 -3.93 13.35 20.99
C VAL C 338 -4.43 14.79 21.22
N LYS C 339 -5.16 15.36 20.24
CA LYS C 339 -5.73 16.71 20.41
C LYS C 339 -6.59 16.86 21.67
N LYS C 340 -7.35 15.82 22.01
CA LYS C 340 -8.15 15.80 23.24
C LYS C 340 -7.27 15.77 24.52
N THR C 341 -6.58 14.65 24.76
CA THR C 341 -5.73 14.47 25.96
C THR C 341 -4.45 15.33 25.89
N LEU C 342 -4.61 16.63 26.18
CA LEU C 342 -3.54 17.61 25.95
C LEU C 342 -3.61 18.86 26.86
N ALA C 343 -2.84 18.80 27.95
CA ALA C 343 -2.48 19.98 28.76
C ALA C 343 -0.96 19.96 28.88
N LEU C 344 -0.36 21.09 29.27
CA LEU C 344 1.12 21.17 29.33
C LEU C 344 1.72 20.19 30.34
N GLU C 345 1.06 20.01 31.47
CA GLU C 345 1.51 19.03 32.49
C GLU C 345 1.61 17.59 31.93
N ILE C 346 0.72 17.21 31.01
CA ILE C 346 0.71 15.86 30.44
C ILE C 346 1.61 15.74 29.21
N ILE C 347 1.87 16.82 28.47
CA ILE C 347 2.70 16.73 27.24
C ILE C 347 4.00 15.99 27.48
N ASN C 348 4.78 16.49 28.44
CA ASN C 348 6.10 15.92 28.71
C ASN C 348 6.12 14.81 29.76
N PHE C 349 4.93 14.30 30.12
CA PHE C 349 4.78 13.09 30.92
C PHE C 349 5.68 12.00 30.39
N LYS C 350 6.43 11.40 31.31
CA LYS C 350 7.38 10.34 31.01
C LYS C 350 6.86 9.04 31.57
N GLN C 351 7.30 7.96 30.96
CA GLN C 351 6.89 6.62 31.31
C GLN C 351 7.81 6.23 32.48
N PRO C 352 7.26 5.84 33.66
CA PRO C 352 8.07 5.51 34.83
C PRO C 352 9.35 4.69 34.57
N GLN C 353 9.25 3.63 33.78
CA GLN C 353 10.37 2.71 33.53
C GLN C 353 11.29 3.20 32.41
N SER C 354 10.72 3.32 31.20
CA SER C 354 11.49 3.68 29.99
C SER C 354 11.89 5.15 29.87
N HIS C 355 11.28 6.03 30.66
CA HIS C 355 11.48 7.49 30.57
C HIS C 355 11.11 8.07 29.18
N GLU C 356 10.12 7.44 28.54
CA GLU C 356 9.72 7.82 27.21
C GLU C 356 8.61 8.84 27.27
N THR C 357 8.93 10.09 26.94
CA THR C 357 7.92 11.09 26.56
C THR C 357 7.04 10.65 25.36
N ALA C 358 5.89 11.31 25.21
CA ALA C 358 4.96 11.09 24.08
C ALA C 358 5.61 11.29 22.70
N LEU C 359 6.59 12.17 22.62
CA LEU C 359 7.31 12.41 21.39
C LEU C 359 8.11 11.18 20.94
N HIS C 360 8.75 10.48 21.88
CA HIS C 360 9.46 9.21 21.58
C HIS C 360 8.52 8.15 21.01
N CYS C 361 7.31 8.10 21.55
CA CYS C 361 6.31 7.14 21.11
C CYS C 361 5.78 7.47 19.71
N ALA C 362 5.63 8.77 19.42
CA ALA C 362 5.14 9.23 18.12
C ALA C 362 6.11 8.97 16.97
N VAL C 363 7.37 9.34 17.14
CA VAL C 363 8.37 9.14 16.08
C VAL C 363 8.70 7.67 15.84
N ALA C 364 8.34 6.78 16.77
CA ALA C 364 8.54 5.36 16.56
C ALA C 364 7.31 4.61 16.02
N SER C 365 6.21 5.32 15.81
CA SER C 365 4.97 4.69 15.36
C SER C 365 5.06 4.21 13.93
N LEU C 366 4.52 3.02 13.66
CA LEU C 366 4.40 2.52 12.29
C LEU C 366 3.24 3.16 11.57
N HIS C 367 2.31 3.72 12.34
CA HIS C 367 1.02 4.18 11.82
C HIS C 367 1.21 5.44 10.97
N PRO C 368 0.25 5.71 10.08
CA PRO C 368 0.54 6.61 8.95
C PRO C 368 0.50 8.11 9.29
N LYS C 369 -0.21 8.51 10.34
CA LYS C 369 -0.29 9.93 10.70
C LYS C 369 0.85 10.41 11.62
N ARG C 370 1.90 9.61 11.80
CA ARG C 370 2.92 9.90 12.81
C ARG C 370 3.70 11.20 12.61
N LYS C 371 3.76 11.71 11.38
CA LYS C 371 4.38 13.02 11.15
C LYS C 371 3.54 14.11 11.80
N GLN C 372 2.23 14.06 11.56
CA GLN C 372 1.28 15.03 12.13
C GLN C 372 1.15 14.99 13.65
N VAL C 373 1.28 13.81 14.24
CA VAL C 373 1.29 13.69 15.70
C VAL C 373 2.57 14.32 16.26
N THR C 374 3.71 14.01 15.65
CA THR C 374 4.98 14.65 16.03
C THR C 374 4.90 16.18 15.93
N GLU C 375 4.39 16.66 14.81
CA GLU C 375 4.21 18.09 14.58
C GLU C 375 3.35 18.74 15.68
N LEU C 376 2.17 18.17 15.91
CA LEU C 376 1.22 18.67 16.92
C LEU C 376 1.81 18.66 18.33
N LEU C 377 2.46 17.57 18.72
CA LEU C 377 3.07 17.48 20.05
C LEU C 377 4.15 18.54 20.27
N LEU C 378 4.90 18.88 19.24
CA LEU C 378 5.91 19.94 19.33
C LEU C 378 5.29 21.35 19.34
N ARG C 379 4.23 21.54 18.55
CA ARG C 379 3.46 22.79 18.60
C ARG C 379 2.83 23.01 19.98
N LYS C 380 2.31 21.93 20.55
CA LYS C 380 1.74 21.96 21.91
C LYS C 380 2.80 21.95 23.03
N GLY C 381 4.08 21.94 22.67
CA GLY C 381 5.17 22.27 23.59
C GLY C 381 5.84 21.08 24.23
N ALA C 382 6.30 20.16 23.39
CA ALA C 382 7.04 18.99 23.83
C ALA C 382 8.51 19.32 23.79
N ASN C 383 9.30 18.56 24.54
CA ASN C 383 10.73 18.75 24.59
C ASN C 383 11.37 17.92 23.51
N VAL C 384 11.84 18.64 22.49
CA VAL C 384 12.37 18.02 21.28
C VAL C 384 13.63 17.21 21.55
N ASN C 385 14.36 17.55 22.61
CA ASN C 385 15.58 16.82 23.00
C ASN C 385 15.46 16.00 24.28
N GLU C 386 14.24 15.61 24.63
CA GLU C 386 14.01 14.80 25.83
C GLU C 386 14.78 13.48 25.71
N LYS C 387 15.49 13.10 26.76
CA LYS C 387 16.20 11.82 26.79
C LYS C 387 15.32 10.72 27.39
N ASN C 388 15.47 9.52 26.87
CA ASN C 388 14.78 8.33 27.35
C ASN C 388 15.80 7.62 28.25
N LYS C 389 15.44 6.48 28.83
CA LYS C 389 16.27 5.86 29.89
C LYS C 389 17.74 5.59 29.50
N ASP C 390 17.98 5.28 28.22
CA ASP C 390 19.36 5.16 27.71
C ASP C 390 19.75 6.36 26.84
N PHE C 391 19.37 7.56 27.29
CA PHE C 391 19.87 8.85 26.81
C PHE C 391 19.62 9.19 25.33
N MET C 392 18.73 8.42 24.68
CA MET C 392 18.38 8.64 23.26
C MET C 392 17.33 9.73 23.18
N THR C 393 17.55 10.70 22.29
CA THR C 393 16.52 11.69 21.97
C THR C 393 15.52 11.09 20.95
N PRO C 394 14.43 11.82 20.61
CA PRO C 394 13.55 11.30 19.57
C PRO C 394 14.22 11.15 18.20
N LEU C 395 15.18 12.00 17.90
CA LEU C 395 15.96 11.88 16.67
C LEU C 395 16.70 10.56 16.58
N HIS C 396 17.24 10.06 17.70
CA HIS C 396 17.90 8.75 17.74
C HIS C 396 16.90 7.65 17.45
N VAL C 397 15.73 7.76 18.08
CA VAL C 397 14.70 6.74 17.94
C VAL C 397 14.23 6.65 16.50
N ALA C 398 13.95 7.80 15.90
CA ALA C 398 13.54 7.90 14.49
C ALA C 398 14.63 7.44 13.54
N ALA C 399 15.88 7.83 13.81
CA ALA C 399 17.00 7.50 12.95
C ALA C 399 17.35 6.01 12.95
N GLU C 400 17.24 5.32 14.07
CA GLU C 400 17.56 3.88 14.06
C GLU C 400 16.48 3.02 13.40
N ARG C 401 15.31 3.60 13.16
CA ARG C 401 14.21 2.93 12.45
C ARG C 401 14.03 3.38 10.99
N ALA C 402 14.81 4.36 10.54
CA ALA C 402 14.59 5.05 9.28
C ALA C 402 13.14 5.53 9.10
N HIS C 403 12.63 6.15 10.15
CA HIS C 403 11.41 6.95 10.06
C HIS C 403 11.90 8.35 9.71
N ASN C 404 12.17 8.56 8.43
CA ASN C 404 12.82 9.79 7.97
C ASN C 404 11.86 10.97 7.86
N ASP C 405 10.55 10.72 7.71
CA ASP C 405 9.59 11.83 7.55
C ASP C 405 9.57 12.76 8.76
N VAL C 406 9.56 12.18 9.96
CA VAL C 406 9.53 12.95 11.20
C VAL C 406 10.80 13.73 11.50
N MET C 407 11.93 13.30 10.93
CA MET C 407 13.18 14.04 11.10
C MET C 407 13.15 15.48 10.57
N GLU C 408 12.34 15.75 9.55
CA GLU C 408 12.12 17.11 9.08
C GLU C 408 11.51 17.95 10.19
N VAL C 409 10.50 17.40 10.85
CA VAL C 409 9.77 18.10 11.91
C VAL C 409 10.67 18.37 13.11
N LEU C 410 11.40 17.35 13.55
CA LEU C 410 12.31 17.47 14.69
C LEU C 410 13.37 18.51 14.43
N HIS C 411 13.95 18.48 13.24
CA HIS C 411 14.92 19.48 12.84
C HIS C 411 14.35 20.90 12.88
N LYS C 412 13.14 21.09 12.34
CA LYS C 412 12.52 22.42 12.35
C LYS C 412 12.34 22.96 13.77
N HIS C 413 11.88 22.11 14.69
CA HIS C 413 11.72 22.50 16.09
C HIS C 413 13.01 22.44 16.92
N GLY C 414 14.16 22.29 16.26
CA GLY C 414 15.46 22.57 16.84
C GLY C 414 16.12 21.43 17.59
N ALA C 415 15.95 20.21 17.09
CA ALA C 415 16.58 19.05 17.70
C ALA C 415 18.09 19.14 17.50
N LYS C 416 18.85 18.95 18.59
CA LYS C 416 20.29 18.70 18.51
C LYS C 416 20.60 17.44 17.70
N MET C 417 21.22 17.63 16.54
CA MET C 417 21.58 16.53 15.64
C MET C 417 22.73 15.69 16.18
N ASN C 418 23.56 16.31 17.03
CA ASN C 418 24.70 15.63 17.64
C ASN C 418 24.54 15.39 19.13
N ALA C 419 23.30 15.16 19.55
CA ALA C 419 23.03 14.70 20.90
C ALA C 419 23.62 13.31 21.03
N LEU C 420 24.33 13.07 22.13
CA LEU C 420 24.96 11.77 22.37
C LEU C 420 24.11 10.92 23.31
N ASP C 421 24.14 9.60 23.11
CA ASP C 421 23.42 8.65 23.94
C ASP C 421 24.36 8.12 25.02
N THR C 422 23.95 7.05 25.71
CA THR C 422 24.78 6.41 26.75
C THR C 422 26.20 6.02 26.28
N LEU C 423 26.32 5.56 25.04
CA LEU C 423 27.60 5.11 24.48
C LEU C 423 28.33 6.18 23.65
N GLY C 424 27.90 7.45 23.76
CA GLY C 424 28.54 8.54 23.04
C GLY C 424 28.24 8.61 21.55
N GLN C 425 27.23 7.87 21.12
CA GLN C 425 26.83 7.75 19.71
C GLN C 425 25.80 8.82 19.39
N THR C 426 25.87 9.38 18.18
CA THR C 426 24.88 10.34 17.69
C THR C 426 23.70 9.58 17.08
N ALA C 427 22.77 10.31 16.44
CA ALA C 427 21.75 9.65 15.62
C ALA C 427 22.38 8.96 14.41
N LEU C 428 23.35 9.64 13.79
CA LEU C 428 24.05 9.15 12.60
C LEU C 428 24.73 7.79 12.82
N HIS C 429 25.34 7.62 13.98
CA HIS C 429 25.95 6.34 14.38
C HIS C 429 24.91 5.21 14.32
N ARG C 430 23.73 5.50 14.85
CA ARG C 430 22.65 4.52 14.93
C ARG C 430 22.08 4.15 13.56
N ALA C 431 21.92 5.15 12.70
CA ALA C 431 21.48 4.94 11.31
C ALA C 431 22.52 4.14 10.51
N ALA C 432 23.76 4.59 10.57
CA ALA C 432 24.89 3.92 9.93
C ALA C 432 24.98 2.43 10.31
N LEU C 433 24.81 2.15 11.60
CA LEU C 433 24.82 0.79 12.11
C LEU C 433 23.72 -0.09 11.51
N ALA C 434 22.52 0.47 11.37
CA ALA C 434 21.38 -0.26 10.79
C ALA C 434 21.38 -0.32 9.27
N GLY C 435 22.33 0.37 8.63
CA GLY C 435 22.45 0.38 7.18
C GLY C 435 21.48 1.31 6.50
N HIS C 436 20.87 2.24 7.25
CA HIS C 436 19.86 3.12 6.68
C HIS C 436 20.51 4.23 5.87
N LEU C 437 20.51 4.06 4.56
CA LEU C 437 21.31 4.90 3.65
C LEU C 437 20.72 6.29 3.47
N GLN C 438 19.41 6.38 3.21
CA GLN C 438 18.75 7.68 3.08
C GLN C 438 18.66 8.41 4.42
N THR C 439 18.55 7.66 5.50
CA THR C 439 18.59 8.25 6.84
C THR C 439 19.94 8.93 7.05
N CYS C 440 21.03 8.21 6.79
CA CYS C 440 22.37 8.79 6.87
C CYS C 440 22.51 10.07 6.06
N ARG C 441 22.10 10.01 4.78
CA ARG C 441 22.15 11.17 3.89
C ARG C 441 21.43 12.38 4.47
N LEU C 442 20.18 12.19 4.87
CA LEU C 442 19.39 13.25 5.46
C LEU C 442 19.99 13.80 6.74
N LEU C 443 20.46 12.92 7.62
CA LEU C 443 21.08 13.34 8.90
C LEU C 443 22.26 14.25 8.67
N LEU C 444 23.04 13.98 7.63
CA LEU C 444 24.13 14.85 7.22
C LEU C 444 23.61 16.18 6.67
N SER C 445 22.58 16.13 5.83
CA SER C 445 21.97 17.35 5.31
C SER C 445 21.44 18.25 6.43
N TYR C 446 20.88 17.64 7.47
CA TYR C 446 20.38 18.36 8.64
C TYR C 446 21.49 18.87 9.58
N GLY C 447 22.65 18.22 9.53
CA GLY C 447 23.85 18.73 10.20
C GLY C 447 24.63 17.78 11.09
N SER C 448 24.28 16.50 11.14
CA SER C 448 25.07 15.53 11.94
C SER C 448 26.54 15.49 11.50
N ASP C 449 27.45 15.83 12.42
CA ASP C 449 28.90 15.65 12.23
C ASP C 449 29.29 14.17 12.21
N PRO C 450 29.89 13.69 11.10
CA PRO C 450 30.29 12.26 11.00
C PRO C 450 31.53 11.90 11.80
N SER C 451 32.46 12.85 11.90
CA SER C 451 33.75 12.64 12.58
C SER C 451 33.67 12.44 14.10
N ILE C 452 32.50 12.65 14.70
CA ILE C 452 32.29 12.32 16.11
C ILE C 452 32.63 10.86 16.41
N ILE C 453 33.50 10.67 17.40
CA ILE C 453 33.95 9.36 17.84
C ILE C 453 33.06 8.95 19.01
N SER C 454 32.59 7.70 19.01
CA SER C 454 31.78 7.18 20.12
C SER C 454 32.68 6.92 21.32
N LEU C 455 32.08 6.57 22.46
CA LEU C 455 32.87 6.21 23.64
C LEU C 455 33.72 4.96 23.42
N GLN C 456 33.39 4.20 22.37
CA GLN C 456 34.11 2.98 22.04
C GLN C 456 35.18 3.15 20.95
N GLY C 457 35.31 4.36 20.40
CA GLY C 457 36.34 4.67 19.40
C GLY C 457 35.91 4.59 17.95
N PHE C 458 34.60 4.58 17.71
CA PHE C 458 34.07 4.39 16.37
C PHE C 458 33.43 5.69 15.89
N THR C 459 33.75 6.06 14.65
CA THR C 459 32.96 7.05 13.90
C THR C 459 31.73 6.34 13.37
N ALA C 460 30.74 7.10 12.93
CA ALA C 460 29.57 6.52 12.26
C ALA C 460 29.97 5.64 11.08
N ALA C 461 30.93 6.14 10.30
CA ALA C 461 31.51 5.43 9.17
C ALA C 461 32.00 4.04 9.54
N GLN C 462 32.75 3.94 10.63
CA GLN C 462 33.37 2.67 11.04
C GLN C 462 32.36 1.59 11.49
N MET C 463 31.16 2.01 11.85
CA MET C 463 30.07 1.10 12.24
C MET C 463 29.25 0.59 11.06
N GLY C 464 29.32 1.29 9.95
CA GLY C 464 28.46 1.01 8.80
C GLY C 464 29.05 0.04 7.80
N ASN C 465 28.17 -0.49 6.95
CA ASN C 465 28.56 -1.30 5.79
C ASN C 465 29.26 -0.48 4.69
N GLU C 466 29.64 -1.15 3.61
CA GLU C 466 30.29 -0.50 2.49
C GLU C 466 29.47 0.69 1.95
N ALA C 467 28.18 0.46 1.72
CA ALA C 467 27.27 1.49 1.19
C ALA C 467 27.18 2.71 2.09
N VAL C 468 27.19 2.50 3.40
CA VAL C 468 27.19 3.60 4.34
C VAL C 468 28.51 4.37 4.21
N GLN C 469 29.63 3.66 4.15
CA GLN C 469 30.95 4.30 4.05
C GLN C 469 31.07 5.21 2.84
N GLN C 470 30.55 4.73 1.71
CA GLN C 470 30.46 5.53 0.47
C GLN C 470 29.92 6.93 0.76
N ILE C 471 28.80 6.97 1.47
CA ILE C 471 28.07 8.20 1.75
C ILE C 471 28.85 9.09 2.70
N LEU C 472 29.34 8.51 3.78
CA LEU C 472 29.97 9.27 4.87
C LEU C 472 31.39 9.77 4.56
N SER C 473 32.08 9.12 3.63
CA SER C 473 33.40 9.58 3.19
C SER C 473 33.34 10.77 2.12
N GLU C 474 32.13 11.36 1.91
CA GLU C 474 31.92 12.69 1.23
C GLU C 474 31.35 13.94 2.00
N SER C 475 31.98 15.12 1.93
CA SER C 475 31.33 16.42 2.35
C SER C 475 31.03 16.46 3.85
N SER D 13 -15.88 -35.83 -59.88
CA SER D 13 -16.08 -34.51 -59.19
C SER D 13 -17.57 -34.11 -59.13
N GLY D 14 -18.28 -34.25 -60.25
CA GLY D 14 -19.73 -33.99 -60.37
C GLY D 14 -20.16 -32.54 -60.20
N ALA D 15 -20.98 -32.25 -59.19
CA ALA D 15 -21.62 -30.95 -59.07
C ALA D 15 -20.72 -29.88 -58.45
N LEU D 16 -19.51 -30.26 -57.99
CA LEU D 16 -18.50 -29.30 -57.56
C LEU D 16 -17.99 -28.49 -58.76
N ARG D 17 -17.72 -29.19 -59.87
CA ARG D 17 -17.36 -28.52 -61.13
C ARG D 17 -18.38 -27.48 -61.58
N GLU D 18 -19.67 -27.78 -61.38
CA GLU D 18 -20.74 -26.82 -61.70
C GLU D 18 -20.63 -25.53 -60.89
N LEU D 19 -20.30 -25.65 -59.60
CA LEU D 19 -20.09 -24.48 -58.74
C LEU D 19 -18.89 -23.64 -59.16
N LEU D 20 -17.76 -24.30 -59.41
CA LEU D 20 -16.51 -23.60 -59.75
C LEU D 20 -16.63 -22.83 -61.07
N GLU D 21 -17.39 -23.38 -62.02
CA GLU D 21 -17.69 -22.68 -63.26
C GLU D 21 -18.62 -21.48 -63.05
N ALA D 22 -19.61 -21.62 -62.17
CA ALA D 22 -20.50 -20.50 -61.82
C ALA D 22 -19.72 -19.35 -61.16
N CYS D 23 -18.69 -19.69 -60.39
CA CYS D 23 -17.85 -18.70 -59.72
C CYS D 23 -16.98 -17.88 -60.68
N ARG D 24 -16.55 -18.48 -61.78
CA ARG D 24 -15.76 -17.76 -62.80
C ARG D 24 -16.63 -16.79 -63.59
N ASN D 25 -17.83 -17.25 -63.95
CA ASN D 25 -18.76 -16.46 -64.77
C ASN D 25 -19.46 -15.35 -63.97
N GLY D 26 -19.62 -15.57 -62.67
CA GLY D 26 -20.33 -14.63 -61.83
C GLY D 26 -21.82 -14.82 -61.89
N ASP D 27 -22.25 -16.07 -62.07
CA ASP D 27 -23.67 -16.41 -62.03
C ASP D 27 -24.08 -16.53 -60.55
N VAL D 28 -24.39 -15.37 -59.95
CA VAL D 28 -24.81 -15.28 -58.53
C VAL D 28 -25.96 -16.23 -58.17
N SER D 29 -26.95 -16.32 -59.05
CA SER D 29 -28.11 -17.21 -58.84
C SER D 29 -27.71 -18.68 -58.74
N ARG D 30 -26.76 -19.08 -59.57
CA ARG D 30 -26.30 -20.48 -59.65
C ARG D 30 -25.36 -20.82 -58.50
N VAL D 31 -24.57 -19.84 -58.05
CA VAL D 31 -23.72 -20.01 -56.87
C VAL D 31 -24.59 -20.12 -55.63
N LYS D 32 -25.62 -19.27 -55.54
CA LYS D 32 -26.63 -19.35 -54.49
C LYS D 32 -27.28 -20.74 -54.41
N ARG D 33 -27.71 -21.24 -55.56
CA ARG D 33 -28.35 -22.56 -55.64
C ARG D 33 -27.41 -23.70 -55.23
N LEU D 34 -26.15 -23.63 -55.67
CA LEU D 34 -25.19 -24.73 -55.53
C LEU D 34 -24.44 -24.75 -54.20
N VAL D 35 -24.09 -23.58 -53.66
CA VAL D 35 -23.15 -23.50 -52.53
C VAL D 35 -23.84 -23.71 -51.18
N ASP D 36 -23.13 -24.40 -50.29
CA ASP D 36 -23.53 -24.53 -48.89
C ASP D 36 -22.28 -24.82 -48.06
N ALA D 37 -22.45 -24.94 -46.74
CA ALA D 37 -21.33 -25.23 -45.82
C ALA D 37 -20.49 -26.45 -46.24
N ALA D 38 -21.15 -27.51 -46.72
CA ALA D 38 -20.48 -28.74 -47.15
C ALA D 38 -19.44 -28.56 -48.28
N ASN D 39 -19.68 -27.63 -49.21
CA ASN D 39 -18.80 -27.46 -50.38
C ASN D 39 -18.23 -26.05 -50.59
N VAL D 40 -18.50 -25.11 -49.68
CA VAL D 40 -18.08 -23.70 -49.86
C VAL D 40 -16.54 -23.53 -49.89
N ASN D 41 -15.83 -24.39 -49.16
CA ASN D 41 -14.36 -24.42 -49.14
C ASN D 41 -13.77 -25.67 -49.83
N ALA D 42 -14.46 -26.19 -50.84
CA ALA D 42 -14.03 -27.39 -51.55
C ALA D 42 -12.87 -27.09 -52.49
N LYS D 43 -11.86 -27.93 -52.50
CA LYS D 43 -10.71 -27.78 -53.39
C LYS D 43 -11.01 -28.43 -54.75
N ASP D 44 -10.65 -27.73 -55.82
CA ASP D 44 -10.63 -28.28 -57.16
C ASP D 44 -9.51 -29.35 -57.20
N MET D 45 -9.88 -30.61 -57.00
CA MET D 45 -8.88 -31.69 -56.86
C MET D 45 -8.05 -32.04 -58.12
N ALA D 46 -8.30 -31.37 -59.25
CA ALA D 46 -7.35 -31.34 -60.37
C ALA D 46 -6.84 -29.91 -60.61
N GLY D 47 -5.66 -29.80 -61.25
CA GLY D 47 -5.10 -28.49 -61.60
C GLY D 47 -4.57 -27.71 -60.42
N ARG D 48 -5.07 -26.49 -60.25
CA ARG D 48 -4.49 -25.55 -59.29
C ARG D 48 -4.79 -25.85 -57.80
N LYS D 49 -5.80 -26.68 -57.53
CA LYS D 49 -6.28 -26.97 -56.16
C LYS D 49 -6.93 -25.73 -55.50
N SER D 50 -7.72 -25.00 -56.29
CA SER D 50 -8.32 -23.74 -55.85
C SER D 50 -9.68 -23.92 -55.14
N SER D 51 -9.95 -23.02 -54.21
CA SER D 51 -11.27 -22.84 -53.57
C SER D 51 -12.24 -22.13 -54.54
N PRO D 52 -13.56 -22.20 -54.28
CA PRO D 52 -14.50 -21.34 -54.99
C PRO D 52 -14.16 -19.84 -54.88
N LEU D 53 -13.77 -19.40 -53.69
CA LEU D 53 -13.40 -18.00 -53.44
C LEU D 53 -12.17 -17.58 -54.26
N HIS D 54 -11.19 -18.48 -54.34
CA HIS D 54 -10.02 -18.30 -55.19
C HIS D 54 -10.41 -17.88 -56.59
N PHE D 55 -11.26 -18.69 -57.23
CA PHE D 55 -11.73 -18.42 -58.59
C PHE D 55 -12.48 -17.08 -58.68
N ALA D 56 -13.53 -16.94 -57.87
CA ALA D 56 -14.36 -15.74 -57.82
C ALA D 56 -13.54 -14.46 -57.63
N ALA D 57 -12.57 -14.50 -56.71
CA ALA D 57 -11.72 -13.36 -56.42
C ALA D 57 -10.85 -13.00 -57.61
N GLY D 58 -10.15 -14.00 -58.16
CA GLY D 58 -9.33 -13.82 -59.36
C GLY D 58 -10.08 -13.28 -60.56
N PHE D 59 -11.35 -13.66 -60.68
CA PHE D 59 -12.22 -13.22 -61.78
C PHE D 59 -13.00 -11.92 -61.51
N GLY D 60 -12.85 -11.31 -60.32
CA GLY D 60 -13.43 -10.00 -60.04
C GLY D 60 -14.93 -10.01 -59.84
N ARG D 61 -15.41 -11.10 -59.24
CA ARG D 61 -16.83 -11.33 -59.02
C ARG D 61 -17.21 -10.90 -57.60
N LYS D 62 -17.43 -9.59 -57.43
CA LYS D 62 -17.69 -8.97 -56.11
C LYS D 62 -18.88 -9.60 -55.42
N ASP D 63 -19.94 -9.81 -56.20
CA ASP D 63 -21.21 -10.32 -55.67
C ASP D 63 -21.14 -11.78 -55.28
N VAL D 64 -20.43 -12.56 -56.09
CA VAL D 64 -20.18 -13.97 -55.76
C VAL D 64 -19.30 -14.04 -54.50
N VAL D 65 -18.27 -13.19 -54.46
CA VAL D 65 -17.39 -13.09 -53.28
C VAL D 65 -18.17 -12.70 -52.02
N GLU D 66 -19.05 -11.71 -52.13
CA GLU D 66 -19.91 -11.29 -51.00
C GLU D 66 -20.69 -12.48 -50.44
N HIS D 67 -21.38 -13.20 -51.32
CA HIS D 67 -22.20 -14.35 -50.92
C HIS D 67 -21.38 -15.54 -50.43
N LEU D 68 -20.25 -15.82 -51.07
CA LEU D 68 -19.36 -16.87 -50.61
C LEU D 68 -18.87 -16.60 -49.19
N LEU D 69 -18.48 -15.35 -48.91
CA LEU D 69 -18.01 -14.96 -47.57
C LEU D 69 -19.12 -15.07 -46.51
N GLN D 70 -20.36 -14.73 -46.87
CA GLN D 70 -21.52 -14.96 -45.99
C GLN D 70 -21.78 -16.43 -45.67
N MET D 71 -21.49 -17.31 -46.62
CA MET D 71 -21.63 -18.76 -46.43
C MET D 71 -20.42 -19.41 -45.72
N GLY D 72 -19.48 -18.61 -45.21
CA GLY D 72 -18.35 -19.09 -44.43
C GLY D 72 -17.12 -19.44 -45.25
N ALA D 73 -16.92 -18.75 -46.38
CA ALA D 73 -15.79 -19.03 -47.27
C ALA D 73 -14.50 -18.62 -46.59
N ASN D 74 -13.50 -19.49 -46.64
CA ASN D 74 -12.24 -19.26 -45.96
C ASN D 74 -11.35 -18.33 -46.78
N VAL D 75 -11.07 -17.18 -46.21
CA VAL D 75 -10.32 -16.13 -46.88
C VAL D 75 -8.79 -16.38 -46.78
N HIS D 76 -8.38 -17.29 -45.89
CA HIS D 76 -6.97 -17.76 -45.77
C HIS D 76 -6.73 -19.13 -46.39
N ALA D 77 -7.63 -19.59 -47.27
CA ALA D 77 -7.50 -20.89 -47.92
C ALA D 77 -6.31 -20.87 -48.88
N ARG D 78 -5.48 -21.90 -48.79
CA ARG D 78 -4.30 -22.03 -49.67
C ARG D 78 -4.63 -22.92 -50.86
N ASP D 79 -4.20 -22.51 -52.05
CA ASP D 79 -4.19 -23.42 -53.21
C ASP D 79 -2.89 -24.22 -53.19
N ASP D 80 -2.61 -24.95 -54.26
CA ASP D 80 -1.42 -25.80 -54.31
C ASP D 80 -0.11 -24.99 -54.34
N GLY D 81 -0.15 -23.82 -54.98
CA GLY D 81 1.01 -22.91 -55.07
C GLY D 81 1.27 -22.06 -53.84
N GLY D 82 0.36 -22.10 -52.86
CA GLY D 82 0.48 -21.34 -51.63
C GLY D 82 -0.30 -20.04 -51.63
N LEU D 83 -1.04 -19.78 -52.71
CA LEU D 83 -1.75 -18.52 -52.84
C LEU D 83 -3.00 -18.47 -51.99
N ILE D 84 -3.53 -17.26 -51.88
CA ILE D 84 -4.66 -16.89 -51.04
C ILE D 84 -5.56 -16.16 -52.03
N PRO D 85 -6.89 -16.27 -51.88
CA PRO D 85 -7.78 -15.48 -52.74
C PRO D 85 -7.32 -14.03 -53.01
N LEU D 86 -6.76 -13.37 -52.00
CA LEU D 86 -6.17 -12.02 -52.12
C LEU D 86 -5.05 -11.93 -53.16
N HIS D 87 -4.16 -12.92 -53.22
CA HIS D 87 -3.14 -12.99 -54.29
C HIS D 87 -3.78 -12.90 -55.67
N ASN D 88 -4.83 -13.72 -55.86
CA ASN D 88 -5.57 -13.86 -57.13
C ASN D 88 -6.21 -12.54 -57.58
N ALA D 89 -6.93 -11.89 -56.66
CA ALA D 89 -7.58 -10.59 -56.95
C ALA D 89 -6.57 -9.47 -57.24
N CYS D 90 -5.40 -9.55 -56.60
CA CYS D 90 -4.36 -8.53 -56.75
C CYS D 90 -3.65 -8.61 -58.11
N SER D 91 -3.42 -9.83 -58.58
CA SER D 91 -2.78 -10.06 -59.91
C SER D 91 -3.59 -9.48 -61.05
N PHE D 92 -4.92 -9.53 -60.91
CA PHE D 92 -5.85 -9.11 -61.97
C PHE D 92 -6.59 -7.80 -61.68
N GLY D 93 -6.10 -7.03 -60.71
CA GLY D 93 -6.51 -5.64 -60.50
C GLY D 93 -7.96 -5.42 -60.08
N HIS D 94 -8.50 -6.30 -59.25
CA HIS D 94 -9.89 -6.19 -58.78
C HIS D 94 -9.94 -5.49 -57.44
N ALA D 95 -9.55 -4.20 -57.44
CA ALA D 95 -9.37 -3.40 -56.22
C ALA D 95 -10.61 -3.35 -55.33
N GLU D 96 -11.78 -3.47 -55.96
CA GLU D 96 -13.05 -3.65 -55.25
C GLU D 96 -13.05 -4.94 -54.42
N VAL D 97 -12.67 -6.05 -55.07
CA VAL D 97 -12.61 -7.37 -54.41
C VAL D 97 -11.43 -7.46 -53.43
N VAL D 98 -10.33 -6.73 -53.71
CA VAL D 98 -9.20 -6.65 -52.78
C VAL D 98 -9.65 -6.02 -51.46
N SER D 99 -10.26 -4.83 -51.55
CA SER D 99 -10.79 -4.10 -50.39
C SER D 99 -11.72 -4.95 -49.55
N LEU D 100 -12.52 -5.78 -50.22
CA LEU D 100 -13.48 -6.68 -49.57
C LEU D 100 -12.87 -7.90 -48.86
N LEU D 101 -11.82 -8.49 -49.43
CA LEU D 101 -11.08 -9.59 -48.79
C LEU D 101 -10.22 -9.13 -47.61
N LEU D 102 -9.62 -7.93 -47.73
CA LEU D 102 -8.87 -7.30 -46.64
C LEU D 102 -9.78 -7.03 -45.44
N CYS D 103 -10.98 -6.50 -45.71
CA CYS D 103 -12.02 -6.32 -44.69
C CYS D 103 -12.50 -7.58 -43.95
N GLN D 104 -12.40 -8.74 -44.59
CA GLN D 104 -12.64 -10.03 -43.93
C GLN D 104 -11.41 -10.64 -43.24
N GLY D 105 -10.24 -10.00 -43.42
CA GLY D 105 -9.05 -10.31 -42.63
C GLY D 105 -7.93 -11.04 -43.36
N ALA D 106 -8.01 -11.19 -44.67
CA ALA D 106 -6.91 -11.78 -45.43
C ALA D 106 -5.72 -10.86 -45.28
N ASP D 107 -4.57 -11.40 -44.86
CA ASP D 107 -3.41 -10.52 -44.58
C ASP D 107 -2.67 -10.16 -45.86
N PRO D 108 -2.41 -8.86 -46.08
CA PRO D 108 -1.75 -8.43 -47.30
C PRO D 108 -0.25 -8.78 -47.39
N ASN D 109 0.28 -9.50 -46.40
CA ASN D 109 1.63 -10.05 -46.44
C ASN D 109 1.63 -11.58 -46.34
N ALA D 110 0.69 -12.22 -47.03
CA ALA D 110 0.65 -13.68 -47.12
C ALA D 110 1.77 -14.16 -48.03
N ARG D 111 2.32 -15.32 -47.72
CA ARG D 111 3.42 -15.88 -48.49
C ARG D 111 2.93 -17.10 -49.23
N ASP D 112 3.20 -17.16 -50.54
CA ASP D 112 3.02 -18.40 -51.28
C ASP D 112 4.28 -19.25 -51.12
N ASN D 113 4.39 -20.35 -51.86
CA ASN D 113 5.54 -21.27 -51.71
C ASN D 113 6.88 -20.66 -52.16
N TRP D 114 6.84 -19.59 -52.95
CA TRP D 114 8.02 -18.81 -53.35
C TRP D 114 8.18 -17.49 -52.54
N ASN D 115 7.33 -17.27 -51.53
CA ASN D 115 7.31 -16.05 -50.71
C ASN D 115 7.03 -14.73 -51.49
N TYR D 116 6.21 -14.83 -52.53
CA TYR D 116 5.61 -13.66 -53.16
C TYR D 116 4.41 -13.24 -52.28
N THR D 117 4.34 -11.95 -51.93
CA THR D 117 3.15 -11.39 -51.26
C THR D 117 2.19 -10.87 -52.31
N PRO D 118 0.90 -10.67 -51.95
CA PRO D 118 -0.02 -9.99 -52.85
C PRO D 118 0.49 -8.66 -53.39
N LEU D 119 1.33 -7.93 -52.63
CA LEU D 119 1.96 -6.70 -53.12
C LEU D 119 2.99 -6.95 -54.24
N HIS D 120 3.70 -8.09 -54.20
CA HIS D 120 4.57 -8.50 -55.34
C HIS D 120 3.69 -8.64 -56.59
N GLU D 121 2.62 -9.41 -56.43
CA GLU D 121 1.72 -9.77 -57.52
C GLU D 121 1.07 -8.57 -58.22
N ALA D 122 0.77 -7.51 -57.47
CA ALA D 122 0.16 -6.30 -58.04
C ALA D 122 1.20 -5.31 -58.56
N ALA D 123 2.37 -5.26 -57.93
CA ALA D 123 3.48 -4.40 -58.39
C ALA D 123 4.07 -4.89 -59.69
N ILE D 124 4.19 -6.22 -59.83
CA ILE D 124 4.66 -6.85 -61.08
C ILE D 124 3.71 -6.51 -62.24
N LYS D 125 2.41 -6.66 -62.00
CA LYS D 125 1.37 -6.43 -63.01
C LYS D 125 0.97 -4.94 -63.19
N GLY D 126 1.71 -4.01 -62.57
CA GLY D 126 1.45 -2.57 -62.71
C GLY D 126 0.12 -2.07 -62.16
N LYS D 127 -0.47 -2.82 -61.23
CA LYS D 127 -1.80 -2.49 -60.69
C LYS D 127 -1.64 -1.44 -59.57
N ILE D 128 -1.89 -0.18 -59.90
CA ILE D 128 -1.66 0.96 -58.97
C ILE D 128 -2.75 1.06 -57.89
N ASP D 129 -4.00 0.89 -58.28
CA ASP D 129 -5.12 0.89 -57.33
C ASP D 129 -5.01 -0.22 -56.30
N VAL D 130 -4.61 -1.42 -56.73
CA VAL D 130 -4.39 -2.55 -55.82
C VAL D 130 -3.18 -2.30 -54.91
N CYS D 131 -2.11 -1.74 -55.46
CA CYS D 131 -0.89 -1.41 -54.68
C CYS D 131 -1.18 -0.47 -53.50
N ILE D 132 -1.91 0.62 -53.76
CA ILE D 132 -2.22 1.64 -52.75
C ILE D 132 -3.18 1.10 -51.69
N VAL D 133 -4.21 0.39 -52.13
CA VAL D 133 -5.15 -0.28 -51.21
C VAL D 133 -4.44 -1.27 -50.29
N LEU D 134 -3.46 -2.01 -50.81
CA LEU D 134 -2.67 -2.95 -49.99
C LEU D 134 -1.76 -2.23 -48.99
N LEU D 135 -1.08 -1.18 -49.45
CA LEU D 135 -0.18 -0.39 -48.58
C LEU D 135 -0.91 0.33 -47.46
N GLN D 136 -2.10 0.84 -47.77
CA GLN D 136 -3.02 1.40 -46.76
C GLN D 136 -3.43 0.40 -45.69
N HIS D 137 -3.61 -0.86 -46.10
CA HIS D 137 -3.91 -1.96 -45.17
C HIS D 137 -2.65 -2.68 -44.66
N GLY D 138 -1.51 -1.98 -44.66
CA GLY D 138 -0.31 -2.46 -44.00
C GLY D 138 0.47 -3.53 -44.72
N ALA D 139 0.49 -3.48 -46.06
CA ALA D 139 1.34 -4.37 -46.82
C ALA D 139 2.78 -3.87 -46.69
N ASP D 140 3.72 -4.80 -46.83
CA ASP D 140 5.15 -4.55 -46.63
C ASP D 140 5.85 -4.57 -48.01
N PRO D 141 6.37 -3.40 -48.46
CA PRO D 141 7.14 -3.39 -49.70
C PRO D 141 8.46 -4.18 -49.64
N ASN D 142 8.98 -4.40 -48.42
CA ASN D 142 10.33 -4.93 -48.20
C ASN D 142 10.43 -6.45 -48.03
N ILE D 143 9.29 -7.16 -48.02
CA ILE D 143 9.33 -8.62 -47.96
C ILE D 143 9.95 -9.15 -49.25
N ARG D 144 10.91 -10.05 -49.10
CA ARG D 144 11.65 -10.60 -50.22
C ARG D 144 11.17 -12.02 -50.52
N ASN D 145 11.08 -12.36 -51.80
CA ASN D 145 10.76 -13.73 -52.24
C ASN D 145 11.97 -14.65 -52.05
N THR D 146 11.82 -15.94 -52.41
CA THR D 146 12.92 -16.92 -52.29
C THR D 146 14.15 -16.61 -53.16
N ASP D 147 13.97 -15.81 -54.21
CA ASP D 147 15.07 -15.26 -55.02
C ASP D 147 15.67 -13.96 -54.45
N GLY D 148 15.28 -13.57 -53.22
CA GLY D 148 15.79 -12.37 -52.57
C GLY D 148 15.27 -11.05 -53.11
N LYS D 149 14.25 -11.08 -53.96
CA LYS D 149 13.72 -9.86 -54.60
C LYS D 149 12.46 -9.38 -53.91
N SER D 150 12.42 -8.10 -53.58
CA SER D 150 11.26 -7.46 -52.94
C SER D 150 10.16 -7.14 -53.96
N ALA D 151 9.09 -6.51 -53.49
CA ALA D 151 8.03 -6.00 -54.36
C ALA D 151 8.54 -4.85 -55.24
N LEU D 152 9.33 -3.96 -54.64
CA LEU D 152 9.97 -2.84 -55.37
C LEU D 152 10.96 -3.31 -56.44
N ASP D 153 11.65 -4.42 -56.19
CA ASP D 153 12.62 -4.99 -57.12
C ASP D 153 11.96 -5.58 -58.37
N LEU D 154 10.84 -6.29 -58.18
CA LEU D 154 10.06 -6.87 -59.28
C LEU D 154 9.00 -5.92 -59.84
N ALA D 155 9.02 -4.64 -59.44
CA ALA D 155 7.92 -3.71 -59.74
C ALA D 155 7.88 -3.30 -61.19
N ASP D 156 6.69 -2.97 -61.66
CA ASP D 156 6.46 -2.34 -62.96
C ASP D 156 6.95 -0.90 -62.83
N PRO D 157 7.52 -0.30 -63.90
CA PRO D 157 7.94 1.11 -63.87
C PRO D 157 6.93 2.11 -63.28
N SER D 158 5.63 1.89 -63.55
CA SER D 158 4.56 2.71 -62.96
C SER D 158 4.40 2.45 -61.46
N ALA D 159 4.21 1.17 -61.11
CA ALA D 159 4.04 0.75 -59.70
C ALA D 159 5.30 0.97 -58.85
N LYS D 160 6.46 1.14 -59.48
CA LYS D 160 7.69 1.48 -58.76
C LYS D 160 7.62 2.86 -58.09
N ALA D 161 6.93 3.82 -58.73
CA ALA D 161 6.71 5.14 -58.16
C ALA D 161 5.83 5.14 -56.89
N VAL D 162 4.92 4.18 -56.79
CA VAL D 162 4.04 4.03 -55.59
C VAL D 162 4.83 3.44 -54.41
N LEU D 163 5.63 2.41 -54.67
CA LEU D 163 6.40 1.73 -53.63
C LEU D 163 7.63 2.52 -53.13
N THR D 164 7.89 3.70 -53.71
CA THR D 164 8.85 4.67 -53.17
C THR D 164 8.19 5.87 -52.47
N GLY D 165 6.85 5.86 -52.39
CA GLY D 165 6.10 6.94 -51.75
C GLY D 165 6.13 8.28 -52.47
N GLU D 166 6.37 8.24 -53.78
CA GLU D 166 6.55 9.44 -54.59
C GLU D 166 5.52 9.55 -55.71
N TYR D 167 4.50 8.71 -55.67
CA TYR D 167 3.42 8.78 -56.62
C TYR D 167 2.78 10.07 -56.09
N LYS D 168 3.02 11.11 -56.88
CA LYS D 168 2.18 12.31 -56.92
C LYS D 168 2.07 13.03 -55.58
N LYS D 169 3.24 13.32 -54.99
CA LYS D 169 3.33 13.94 -53.66
C LYS D 169 2.84 15.40 -53.65
N ASP D 170 3.03 16.09 -54.77
CA ASP D 170 2.48 17.44 -54.96
C ASP D 170 0.96 17.40 -55.01
N GLU D 171 0.44 16.37 -55.68
CA GLU D 171 -1.01 16.16 -55.78
C GLU D 171 -1.64 15.72 -54.44
N LEU D 172 -0.90 14.91 -53.69
CA LEU D 172 -1.29 14.48 -52.32
C LEU D 172 -1.41 15.69 -51.37
N LEU D 173 -0.36 16.51 -51.34
CA LEU D 173 -0.33 17.73 -50.51
C LEU D 173 -1.41 18.74 -50.91
N GLU D 174 -1.59 18.95 -52.21
CA GLU D 174 -2.64 19.85 -52.73
C GLU D 174 -4.05 19.39 -52.35
N ALA D 175 -4.28 18.09 -52.37
CA ALA D 175 -5.56 17.50 -51.94
C ALA D 175 -5.84 17.76 -50.46
N ALA D 176 -4.79 17.70 -49.64
CA ALA D 176 -4.91 17.96 -48.20
C ALA D 176 -5.30 19.42 -47.90
N ARG D 177 -4.64 20.37 -48.55
CA ARG D 177 -4.92 21.80 -48.33
C ARG D 177 -6.18 22.32 -49.05
N SER D 178 -6.56 21.67 -50.17
CA SER D 178 -7.82 21.98 -50.87
C SER D 178 -9.05 21.24 -50.28
N GLY D 179 -8.83 20.31 -49.35
CA GLY D 179 -9.91 19.60 -48.65
C GLY D 179 -10.58 18.52 -49.49
N ASN D 180 -9.80 17.85 -50.33
CA ASN D 180 -10.30 16.90 -51.32
C ASN D 180 -10.15 15.44 -50.81
N GLU D 181 -11.24 14.90 -50.26
CA GLU D 181 -11.20 13.63 -49.50
C GLU D 181 -10.81 12.42 -50.35
N GLU D 182 -11.53 12.21 -51.46
CA GLU D 182 -11.34 11.02 -52.29
C GLU D 182 -10.06 11.06 -53.13
N LYS D 183 -9.60 12.24 -53.52
CA LYS D 183 -8.35 12.37 -54.25
C LYS D 183 -7.13 12.20 -53.33
N LEU D 184 -7.30 12.48 -52.04
CA LEU D 184 -6.29 12.16 -51.01
C LEU D 184 -6.19 10.66 -50.82
N MET D 185 -7.33 10.02 -50.57
CA MET D 185 -7.37 8.58 -50.30
C MET D 185 -7.04 7.71 -51.51
N ALA D 186 -7.10 8.29 -52.71
CA ALA D 186 -6.54 7.66 -53.92
C ALA D 186 -5.02 7.44 -53.80
N LEU D 187 -4.31 8.42 -53.23
CA LEU D 187 -2.84 8.44 -53.19
C LEU D 187 -2.19 8.06 -51.86
N LEU D 188 -2.94 8.19 -50.75
CA LEU D 188 -2.39 8.12 -49.39
C LEU D 188 -1.94 6.72 -49.01
N THR D 189 -0.63 6.52 -48.84
CA THR D 189 -0.05 5.29 -48.25
C THR D 189 0.62 5.66 -46.96
N PRO D 190 1.18 4.68 -46.20
CA PRO D 190 2.10 5.00 -45.09
C PRO D 190 3.49 5.43 -45.55
N LEU D 191 3.81 5.22 -46.83
CA LEU D 191 5.04 5.71 -47.42
C LEU D 191 4.96 7.23 -47.74
N ASN D 192 3.74 7.81 -47.90
CA ASN D 192 3.57 9.27 -48.14
C ASN D 192 2.71 10.18 -47.16
N VAL D 193 2.38 9.71 -45.96
CA VAL D 193 1.52 10.47 -45.01
C VAL D 193 2.26 11.58 -44.22
N ASN D 194 3.53 11.34 -43.90
CA ASN D 194 4.39 12.32 -43.24
C ASN D 194 5.52 12.73 -44.15
N CYS D 195 5.17 12.97 -45.41
CA CYS D 195 6.11 13.55 -46.37
C CYS D 195 6.18 15.05 -46.09
N HIS D 196 7.21 15.70 -46.63
CA HIS D 196 7.34 17.15 -46.58
C HIS D 196 7.33 17.72 -48.00
N ALA D 197 6.84 18.95 -48.12
CA ALA D 197 6.90 19.66 -49.41
C ALA D 197 8.36 19.95 -49.78
N SER D 198 8.62 20.05 -51.08
CA SER D 198 9.97 20.35 -51.59
C SER D 198 10.47 21.75 -51.21
N ASP D 199 9.56 22.72 -51.07
CA ASP D 199 9.92 24.13 -50.93
C ASP D 199 8.91 24.90 -50.08
N GLY D 200 9.21 26.18 -49.87
CA GLY D 200 8.34 27.08 -49.13
C GLY D 200 8.46 26.78 -47.65
N ARG D 201 7.34 26.47 -47.02
CA ARG D 201 7.31 26.19 -45.59
C ARG D 201 7.81 24.77 -45.26
N LYS D 202 7.85 23.87 -46.27
CA LYS D 202 8.24 22.46 -46.10
C LYS D 202 7.31 21.74 -45.12
N SER D 203 6.02 21.97 -45.32
CA SER D 203 4.98 21.44 -44.46
C SER D 203 4.65 19.98 -44.79
N THR D 204 4.01 19.31 -43.83
CA THR D 204 3.47 17.95 -44.03
C THR D 204 2.00 18.05 -44.47
N PRO D 205 1.39 16.92 -44.88
CA PRO D 205 -0.05 16.93 -45.14
C PRO D 205 -0.86 17.46 -43.95
N LEU D 206 -0.54 16.98 -42.74
CA LEU D 206 -1.26 17.38 -41.53
C LEU D 206 -1.16 18.88 -41.21
N HIS D 207 0.04 19.46 -41.38
CA HIS D 207 0.26 20.92 -41.25
C HIS D 207 -0.73 21.74 -42.06
N LEU D 208 -0.89 21.33 -43.32
CA LEU D 208 -1.71 22.06 -44.29
C LEU D 208 -3.18 21.87 -43.98
N ALA D 209 -3.59 20.62 -43.82
CA ALA D 209 -4.97 20.27 -43.47
C ALA D 209 -5.41 21.01 -42.20
N ALA D 210 -4.51 21.10 -41.22
CA ALA D 210 -4.78 21.79 -39.96
C ALA D 210 -4.87 23.30 -40.14
N GLY D 211 -3.93 23.86 -40.89
CA GLY D 211 -3.93 25.29 -41.21
C GLY D 211 -5.15 25.75 -41.97
N TYR D 212 -5.54 24.98 -43.01
CA TYR D 212 -6.68 25.32 -43.89
C TYR D 212 -8.05 24.80 -43.42
N ASN D 213 -8.12 24.24 -42.21
CA ASN D 213 -9.37 23.82 -41.56
C ASN D 213 -10.10 22.68 -42.31
N ARG D 214 -9.34 21.65 -42.67
CA ARG D 214 -9.88 20.44 -43.28
C ARG D 214 -10.07 19.40 -42.18
N VAL D 215 -11.17 19.58 -41.45
CA VAL D 215 -11.46 18.78 -40.25
C VAL D 215 -11.55 17.27 -40.56
N ARG D 216 -12.17 16.95 -41.70
CA ARG D 216 -12.31 15.57 -42.16
C ARG D 216 -11.00 14.98 -42.69
N ILE D 217 -10.20 15.78 -43.38
CA ILE D 217 -8.88 15.35 -43.88
C ILE D 217 -7.94 15.06 -42.72
N VAL D 218 -8.07 15.84 -41.65
CA VAL D 218 -7.25 15.64 -40.45
C VAL D 218 -7.58 14.30 -39.81
N GLN D 219 -8.87 13.99 -39.67
CA GLN D 219 -9.29 12.69 -39.13
C GLN D 219 -8.69 11.53 -39.90
N LEU D 220 -8.71 11.63 -41.23
CA LEU D 220 -8.16 10.59 -42.10
C LEU D 220 -6.64 10.50 -42.01
N LEU D 221 -5.98 11.64 -41.95
CA LEU D 221 -4.51 11.66 -41.82
C LEU D 221 -4.08 11.07 -40.49
N LEU D 222 -4.70 11.56 -39.40
CA LEU D 222 -4.41 11.07 -38.05
C LEU D 222 -4.64 9.57 -37.95
N GLN D 223 -5.75 9.08 -38.51
CA GLN D 223 -6.03 7.64 -38.59
C GLN D 223 -4.89 6.87 -39.26
N HIS D 224 -4.47 7.35 -40.43
CA HIS D 224 -3.45 6.66 -41.24
C HIS D 224 -2.01 7.01 -40.83
N GLY D 225 -1.82 7.43 -39.58
CA GLY D 225 -0.49 7.50 -38.96
C GLY D 225 0.22 8.83 -39.09
N ALA D 226 -0.53 9.91 -39.31
CA ALA D 226 0.08 11.22 -39.47
C ALA D 226 0.73 11.64 -38.16
N ASP D 227 1.83 12.37 -38.26
CA ASP D 227 2.67 12.73 -37.12
C ASP D 227 2.19 14.08 -36.61
N VAL D 228 1.64 14.07 -35.40
CA VAL D 228 1.17 15.29 -34.77
C VAL D 228 2.35 16.17 -34.33
N HIS D 229 3.53 15.56 -34.16
CA HIS D 229 4.76 16.23 -33.75
C HIS D 229 5.68 16.68 -34.89
N ALA D 230 5.29 16.46 -36.14
CA ALA D 230 6.16 16.73 -37.29
C ALA D 230 6.40 18.23 -37.45
N LYS D 231 7.68 18.62 -37.52
CA LYS D 231 8.06 20.03 -37.61
C LYS D 231 8.22 20.50 -39.05
N ASP D 232 7.83 21.74 -39.33
CA ASP D 232 8.10 22.36 -40.64
C ASP D 232 9.45 23.09 -40.60
N LYS D 233 9.80 23.75 -41.71
CA LYS D 233 11.10 24.44 -41.89
C LYS D 233 11.44 25.42 -40.74
N GLY D 234 10.43 26.14 -40.24
CA GLY D 234 10.61 27.13 -39.17
C GLY D 234 10.24 26.66 -37.77
N GLY D 235 10.29 25.35 -37.53
CA GLY D 235 10.06 24.76 -36.21
C GLY D 235 8.62 24.42 -35.82
N LEU D 236 7.63 24.88 -36.58
CA LEU D 236 6.23 24.73 -36.19
C LEU D 236 5.77 23.29 -36.28
N VAL D 237 4.59 23.02 -35.73
CA VAL D 237 3.93 21.72 -35.73
C VAL D 237 2.47 21.99 -36.03
N PRO D 238 1.73 21.01 -36.59
CA PRO D 238 0.33 21.21 -36.97
C PRO D 238 -0.50 22.09 -36.01
N LEU D 239 -0.31 21.91 -34.71
CA LEU D 239 -1.03 22.70 -33.70
C LEU D 239 -0.80 24.23 -33.77
N HIS D 240 0.42 24.66 -34.11
CA HIS D 240 0.73 26.10 -34.33
C HIS D 240 -0.12 26.69 -35.45
N ASN D 241 -0.21 25.96 -36.56
CA ASN D 241 -0.97 26.38 -37.75
C ASN D 241 -2.43 26.54 -37.38
N ALA D 242 -2.99 25.51 -36.75
CA ALA D 242 -4.40 25.49 -36.36
C ALA D 242 -4.79 26.62 -35.39
N CYS D 243 -3.90 26.92 -34.45
CA CYS D 243 -4.15 27.93 -33.42
C CYS D 243 -4.00 29.35 -33.95
N SER D 244 -2.98 29.56 -34.78
CA SER D 244 -2.75 30.87 -35.41
C SER D 244 -3.98 31.38 -36.15
N TYR D 245 -4.59 30.50 -36.96
CA TYR D 245 -5.76 30.86 -37.79
C TYR D 245 -7.12 30.60 -37.13
N GLY D 246 -7.12 30.09 -35.88
CA GLY D 246 -8.31 30.08 -35.04
C GLY D 246 -9.33 29.03 -35.42
N HIS D 247 -8.85 27.80 -35.58
CA HIS D 247 -9.71 26.66 -35.95
C HIS D 247 -9.91 25.76 -34.74
N TYR D 248 -11.03 25.98 -34.04
CA TYR D 248 -11.32 25.30 -32.77
C TYR D 248 -11.59 23.81 -32.99
N GLU D 249 -12.39 23.52 -34.02
CA GLU D 249 -12.64 22.15 -34.47
C GLU D 249 -11.36 21.32 -34.48
N VAL D 250 -10.42 21.76 -35.32
CA VAL D 250 -9.20 20.99 -35.61
C VAL D 250 -8.17 21.07 -34.47
N THR D 251 -8.17 22.18 -33.74
CA THR D 251 -7.29 22.35 -32.58
C THR D 251 -7.60 21.30 -31.52
N GLU D 252 -8.89 21.16 -31.22
CA GLU D 252 -9.36 20.18 -30.25
C GLU D 252 -9.04 18.75 -30.68
N LEU D 253 -9.19 18.49 -31.98
CA LEU D 253 -8.88 17.18 -32.56
C LEU D 253 -7.40 16.81 -32.49
N LEU D 254 -6.52 17.77 -32.75
CA LEU D 254 -5.07 17.57 -32.64
C LEU D 254 -4.63 17.33 -31.21
N LEU D 255 -5.21 18.08 -30.27
CA LEU D 255 -4.93 17.91 -28.84
C LEU D 255 -5.36 16.53 -28.33
N LYS D 256 -6.55 16.11 -28.73
CA LYS D 256 -7.07 14.76 -28.44
C LYS D 256 -6.08 13.65 -28.81
N HIS D 257 -5.36 13.86 -29.92
CA HIS D 257 -4.35 12.90 -30.43
C HIS D 257 -2.91 13.15 -29.98
N GLY D 258 -2.74 13.82 -28.83
CA GLY D 258 -1.45 13.95 -28.17
C GLY D 258 -0.56 15.08 -28.64
N ALA D 259 -1.15 16.13 -29.20
CA ALA D 259 -0.38 17.32 -29.60
C ALA D 259 0.14 18.00 -28.35
N CYS D 260 1.41 18.41 -28.36
CA CYS D 260 2.00 19.16 -27.22
C CYS D 260 1.51 20.61 -27.22
N VAL D 261 0.74 20.96 -26.18
CA VAL D 261 0.06 22.25 -26.08
C VAL D 261 1.02 23.44 -25.95
N ASN D 262 2.19 23.21 -25.36
CA ASN D 262 3.24 24.22 -25.25
C ASN D 262 4.44 23.87 -26.14
N ALA D 263 4.17 23.27 -27.30
CA ALA D 263 5.23 22.90 -28.24
C ALA D 263 5.89 24.17 -28.76
N MET D 264 7.21 24.15 -28.90
CA MET D 264 7.96 25.35 -29.26
C MET D 264 8.65 25.23 -30.60
N ASP D 265 8.54 26.28 -31.40
CA ASP D 265 9.26 26.37 -32.68
C ASP D 265 10.69 26.90 -32.44
N LEU D 266 11.37 27.32 -33.51
CA LEU D 266 12.77 27.79 -33.42
C LEU D 266 12.93 29.12 -32.67
N TRP D 267 11.87 29.94 -32.66
CA TRP D 267 11.84 31.21 -31.91
C TRP D 267 11.14 31.09 -30.54
N GLN D 268 10.80 29.87 -30.14
CA GLN D 268 10.13 29.57 -28.86
C GLN D 268 8.73 30.21 -28.70
N PHE D 269 7.99 30.25 -29.80
CA PHE D 269 6.58 30.60 -29.78
C PHE D 269 5.80 29.31 -29.49
N THR D 270 5.02 29.31 -28.41
CA THR D 270 4.04 28.24 -28.17
C THR D 270 2.79 28.50 -29.02
N PRO D 271 1.94 27.48 -29.21
CA PRO D 271 0.65 27.70 -29.86
C PRO D 271 -0.18 28.82 -29.22
N LEU D 272 -0.08 28.99 -27.90
CA LEU D 272 -0.78 30.07 -27.22
C LEU D 272 -0.26 31.48 -27.62
N HIS D 273 1.02 31.59 -27.97
CA HIS D 273 1.58 32.84 -28.53
C HIS D 273 0.88 33.14 -29.85
N GLU D 274 0.86 32.15 -30.74
CA GLU D 274 0.22 32.27 -32.06
C GLU D 274 -1.25 32.66 -31.92
N ALA D 275 -1.99 31.95 -31.06
CA ALA D 275 -3.41 32.24 -30.86
C ALA D 275 -3.65 33.60 -30.24
N ALA D 276 -2.86 33.95 -29.22
CA ALA D 276 -3.07 35.20 -28.47
C ALA D 276 -2.76 36.42 -29.30
N SER D 277 -1.68 36.39 -30.06
CA SER D 277 -1.32 37.51 -30.95
C SER D 277 -2.41 37.79 -32.00
N LYS D 278 -3.09 36.75 -32.48
CA LYS D 278 -4.16 36.89 -33.46
C LYS D 278 -5.55 36.94 -32.79
N ASN D 279 -5.61 37.33 -31.51
CA ASN D 279 -6.86 37.43 -30.75
C ASN D 279 -7.88 36.31 -30.99
N ARG D 280 -7.42 35.07 -30.89
CA ARG D 280 -8.29 33.89 -30.95
C ARG D 280 -8.73 33.57 -29.54
N VAL D 281 -9.73 34.32 -29.07
CA VAL D 281 -10.19 34.26 -27.67
C VAL D 281 -10.57 32.82 -27.28
N GLU D 282 -11.26 32.12 -28.19
CA GLU D 282 -11.81 30.81 -27.87
C GLU D 282 -10.81 29.66 -27.98
N VAL D 283 -9.82 29.79 -28.85
CA VAL D 283 -8.73 28.81 -28.94
C VAL D 283 -7.79 28.97 -27.72
N CYS D 284 -7.55 30.20 -27.29
CA CYS D 284 -6.75 30.47 -26.08
C CYS D 284 -7.38 29.80 -24.87
N SER D 285 -8.67 30.12 -24.67
CA SER D 285 -9.51 29.48 -23.66
C SER D 285 -9.33 27.94 -23.67
N LEU D 286 -9.42 27.34 -24.85
CA LEU D 286 -9.26 25.89 -25.03
C LEU D 286 -7.87 25.40 -24.68
N LEU D 287 -6.85 26.06 -25.21
CA LEU D 287 -5.46 25.68 -24.93
C LEU D 287 -5.13 25.75 -23.44
N LEU D 288 -5.58 26.80 -22.76
CA LEU D 288 -5.32 26.97 -21.32
C LEU D 288 -5.83 25.80 -20.50
N SER D 289 -7.03 25.32 -20.87
CA SER D 289 -7.64 24.16 -20.22
C SER D 289 -6.91 22.85 -20.49
N HIS D 290 -6.18 22.76 -21.60
CA HIS D 290 -5.25 21.63 -21.84
C HIS D 290 -3.83 21.85 -21.31
N GLY D 291 -3.65 22.84 -20.43
CA GLY D 291 -2.39 23.04 -19.73
C GLY D 291 -1.46 24.05 -20.36
N ALA D 292 -1.98 24.93 -21.21
CA ALA D 292 -1.14 25.93 -21.85
C ALA D 292 -0.69 26.95 -20.81
N ASP D 293 0.52 27.46 -21.01
CA ASP D 293 1.17 28.39 -20.09
C ASP D 293 1.34 29.75 -20.78
N PRO D 294 0.59 30.78 -20.31
CA PRO D 294 0.71 32.10 -20.91
C PRO D 294 1.93 32.86 -20.42
N THR D 295 2.53 32.44 -19.30
CA THR D 295 3.74 33.08 -18.79
C THR D 295 5.04 32.61 -19.48
N LEU D 296 4.97 31.58 -20.33
CA LEU D 296 6.14 31.14 -21.11
C LEU D 296 6.61 32.25 -22.04
N VAL D 297 7.88 32.67 -21.89
CA VAL D 297 8.50 33.65 -22.80
C VAL D 297 9.09 32.99 -24.05
N ASN D 298 9.25 33.80 -25.10
CA ASN D 298 9.81 33.38 -26.39
C ASN D 298 11.25 33.90 -26.54
N CYS D 299 11.82 33.79 -27.74
CA CYS D 299 13.13 34.39 -28.04
C CYS D 299 13.19 35.89 -27.76
N HIS D 300 12.11 36.60 -28.10
CA HIS D 300 12.04 38.06 -27.93
C HIS D 300 11.52 38.48 -26.54
N GLY D 301 11.69 37.62 -25.54
CA GLY D 301 11.33 37.93 -24.15
C GLY D 301 9.88 38.25 -23.89
N LYS D 302 9.00 37.79 -24.79
CA LYS D 302 7.60 38.15 -24.75
C LYS D 302 6.76 36.91 -24.46
N SER D 303 5.86 37.03 -23.50
CA SER D 303 4.93 35.98 -23.14
C SER D 303 3.71 36.01 -24.06
N ALA D 304 2.80 35.05 -23.85
CA ALA D 304 1.50 35.09 -24.51
C ALA D 304 0.63 36.25 -23.98
N VAL D 305 0.78 36.61 -22.71
CA VAL D 305 0.02 37.72 -22.11
C VAL D 305 0.47 39.05 -22.72
N ASP D 306 1.78 39.17 -22.99
CA ASP D 306 2.33 40.36 -23.66
C ASP D 306 1.72 40.54 -25.06
N MET D 307 1.74 39.46 -25.84
CA MET D 307 1.32 39.50 -27.24
C MET D 307 -0.19 39.59 -27.47
N ALA D 308 -0.99 39.42 -26.42
CA ALA D 308 -2.44 39.64 -26.51
C ALA D 308 -2.74 41.11 -26.78
N PRO D 309 -3.42 41.42 -27.90
CA PRO D 309 -3.74 42.82 -28.21
C PRO D 309 -4.86 43.42 -27.36
N THR D 310 -5.96 42.69 -27.19
CA THR D 310 -7.12 43.14 -26.41
C THR D 310 -6.76 43.18 -24.91
N PRO D 311 -7.22 44.20 -24.15
CA PRO D 311 -7.03 44.16 -22.69
C PRO D 311 -7.91 43.11 -21.95
N GLU D 312 -9.02 42.73 -22.57
CA GLU D 312 -9.87 41.62 -22.09
C GLU D 312 -9.17 40.26 -22.19
N LEU D 313 -8.42 40.05 -23.27
CA LEU D 313 -7.68 38.81 -23.47
C LEU D 313 -6.51 38.72 -22.49
N ARG D 314 -5.88 39.85 -22.16
CA ARG D 314 -4.79 39.86 -21.18
C ARG D 314 -5.24 39.45 -19.78
N GLU D 315 -6.39 39.96 -19.34
CA GLU D 315 -6.93 39.58 -18.02
C GLU D 315 -7.55 38.18 -18.03
N ARG D 316 -8.22 37.82 -19.12
CA ARG D 316 -8.81 36.50 -19.29
C ARG D 316 -7.75 35.39 -19.40
N LEU D 317 -6.64 35.65 -20.10
CA LEU D 317 -5.50 34.71 -20.12
C LEU D 317 -4.94 34.46 -18.72
N THR D 318 -4.82 35.51 -17.92
CA THR D 318 -4.33 35.37 -16.55
C THR D 318 -5.35 34.69 -15.62
N TYR D 319 -6.62 35.12 -15.70
CA TYR D 319 -7.70 34.55 -14.86
C TYR D 319 -7.87 33.06 -15.12
N GLU D 320 -8.07 32.72 -16.40
CA GLU D 320 -8.23 31.32 -16.78
C GLU D 320 -6.99 30.48 -16.46
N PHE D 321 -5.80 31.06 -16.53
CA PHE D 321 -4.59 30.31 -16.18
C PHE D 321 -4.52 29.94 -14.70
N LYS D 322 -4.96 30.84 -13.81
CA LYS D 322 -5.03 30.52 -12.36
C LYS D 322 -6.12 29.49 -11.98
N GLY D 323 -7.31 29.68 -12.55
CA GLY D 323 -8.42 28.73 -12.44
C GLY D 323 -8.02 27.32 -12.80
N HIS D 324 -7.36 27.16 -13.95
CA HIS D 324 -6.83 25.87 -14.33
C HIS D 324 -5.76 25.36 -13.38
N SER D 325 -4.78 26.20 -13.07
CA SER D 325 -3.77 25.86 -12.06
C SER D 325 -4.35 25.35 -10.72
N LEU D 326 -5.53 25.83 -10.33
CA LEU D 326 -6.22 25.30 -9.16
C LEU D 326 -6.84 23.95 -9.46
N LEU D 327 -7.64 23.88 -10.53
CA LEU D 327 -8.27 22.61 -10.93
C LEU D 327 -7.27 21.47 -11.00
N GLN D 328 -6.10 21.76 -11.57
CA GLN D 328 -5.02 20.77 -11.72
C GLN D 328 -4.48 20.33 -10.37
N ALA D 329 -4.18 21.30 -9.51
CA ALA D 329 -3.77 21.01 -8.14
C ALA D 329 -4.82 20.16 -7.42
N ALA D 330 -6.09 20.49 -7.60
CA ALA D 330 -7.16 19.74 -6.97
C ALA D 330 -7.19 18.27 -7.41
N ARG D 331 -6.98 18.01 -8.70
CA ARG D 331 -7.07 16.63 -9.22
C ARG D 331 -5.83 15.78 -8.97
N GLU D 332 -4.67 16.40 -8.77
CA GLU D 332 -3.53 15.66 -8.23
C GLU D 332 -3.41 15.89 -6.71
N ALA D 333 -4.56 16.13 -6.06
CA ALA D 333 -4.67 16.44 -4.63
C ALA D 333 -3.44 17.10 -3.96
N ASP D 334 -2.85 18.07 -4.65
CA ASP D 334 -1.66 18.78 -4.17
C ASP D 334 -2.09 19.83 -3.12
N LEU D 335 -2.22 19.39 -1.88
CA LEU D 335 -2.79 20.20 -0.81
C LEU D 335 -2.09 21.53 -0.59
N ALA D 336 -0.75 21.53 -0.65
CA ALA D 336 0.04 22.76 -0.49
C ALA D 336 -0.24 23.75 -1.62
N LYS D 337 -0.30 23.22 -2.85
CA LYS D 337 -0.59 24.02 -4.05
C LYS D 337 -1.98 24.66 -3.99
N VAL D 338 -2.95 23.93 -3.44
CA VAL D 338 -4.32 24.42 -3.29
C VAL D 338 -4.37 25.57 -2.29
N LYS D 339 -3.75 25.43 -1.13
CA LYS D 339 -3.70 26.52 -0.13
C LYS D 339 -3.15 27.85 -0.69
N LYS D 340 -2.15 27.77 -1.57
CA LYS D 340 -1.62 28.95 -2.27
C LYS D 340 -2.64 29.57 -3.24
N THR D 341 -2.95 28.87 -4.33
CA THR D 341 -3.87 29.38 -5.38
C THR D 341 -5.33 29.38 -4.88
N LEU D 342 -5.68 30.39 -4.08
CA LEU D 342 -6.96 30.41 -3.38
C LEU D 342 -7.48 31.82 -3.04
N ALA D 343 -8.36 32.33 -3.90
CA ALA D 343 -9.23 33.48 -3.62
C ALA D 343 -10.65 33.04 -3.94
N LEU D 344 -11.66 33.76 -3.45
CA LEU D 344 -13.05 33.34 -3.65
C LEU D 344 -13.45 33.30 -5.13
N GLU D 345 -12.97 34.28 -5.91
CA GLU D 345 -13.23 34.30 -7.35
C GLU D 345 -12.75 33.04 -8.07
N ILE D 346 -11.64 32.46 -7.63
CA ILE D 346 -11.06 31.28 -8.27
C ILE D 346 -11.64 29.97 -7.70
N ILE D 347 -12.12 29.94 -6.46
CA ILE D 347 -12.65 28.69 -5.86
C ILE D 347 -13.65 28.00 -6.77
N ASN D 348 -14.70 28.72 -7.14
CA ASN D 348 -15.77 28.14 -7.94
C ASN D 348 -15.59 28.26 -9.46
N PHE D 349 -14.38 28.65 -9.88
CA PHE D 349 -13.97 28.61 -11.28
C PHE D 349 -14.34 27.28 -11.89
N LYS D 350 -14.96 27.36 -13.06
CA LYS D 350 -15.42 26.19 -13.82
C LYS D 350 -14.60 26.04 -15.08
N GLN D 351 -14.54 24.81 -15.56
CA GLN D 351 -13.74 24.44 -16.70
C GLN D 351 -14.65 24.73 -17.90
N PRO D 352 -14.19 25.55 -18.87
CA PRO D 352 -15.03 25.94 -20.02
C PRO D 352 -15.87 24.83 -20.67
N GLN D 353 -15.27 23.66 -20.89
CA GLN D 353 -15.94 22.54 -21.58
C GLN D 353 -16.78 21.71 -20.62
N SER D 354 -16.11 21.09 -19.65
CA SER D 354 -16.74 20.15 -18.72
C SER D 354 -17.60 20.78 -17.62
N HIS D 355 -17.47 22.09 -17.40
CA HIS D 355 -18.14 22.79 -16.28
C HIS D 355 -17.77 22.24 -14.89
N GLU D 356 -16.54 21.75 -14.79
CA GLU D 356 -16.07 21.13 -13.57
C GLU D 356 -15.41 22.14 -12.68
N THR D 357 -16.08 22.51 -11.60
CA THR D 357 -15.43 23.14 -10.45
C THR D 357 -14.26 22.31 -9.86
N ALA D 358 -13.40 22.98 -9.08
CA ALA D 358 -12.28 22.33 -8.36
C ALA D 358 -12.70 21.21 -7.42
N LEU D 359 -13.90 21.31 -6.86
CA LEU D 359 -14.44 20.26 -6.00
C LEU D 359 -14.70 18.95 -6.76
N HIS D 360 -15.20 19.03 -8.00
CA HIS D 360 -15.37 17.84 -8.85
C HIS D 360 -14.05 17.14 -9.12
N CYS D 361 -13.00 17.93 -9.32
CA CYS D 361 -11.67 17.39 -9.60
C CYS D 361 -11.06 16.73 -8.37
N ALA D 362 -11.33 17.31 -7.19
CA ALA D 362 -10.82 16.78 -5.93
C ALA D 362 -11.43 15.43 -5.54
N VAL D 363 -12.76 15.33 -5.57
CA VAL D 363 -13.41 14.08 -5.19
C VAL D 363 -13.16 12.94 -6.16
N ALA D 364 -12.68 13.25 -7.35
CA ALA D 364 -12.37 12.22 -8.32
C ALA D 364 -10.90 11.82 -8.34
N SER D 365 -10.08 12.44 -7.49
CA SER D 365 -8.64 12.19 -7.48
C SER D 365 -8.32 10.80 -6.94
N LEU D 366 -7.37 10.12 -7.57
CA LEU D 366 -6.88 8.86 -7.04
C LEU D 366 -5.88 9.10 -5.91
N HIS D 367 -5.34 10.31 -5.84
CA HIS D 367 -4.23 10.63 -4.96
C HIS D 367 -4.68 10.66 -3.51
N PRO D 368 -3.74 10.49 -2.57
CA PRO D 368 -4.13 10.06 -1.22
C PRO D 368 -4.66 11.16 -0.31
N LYS D 369 -4.31 12.43 -0.57
CA LYS D 369 -4.78 13.55 0.25
C LYS D 369 -6.15 14.10 -0.16
N ARG D 370 -6.88 13.41 -1.04
CA ARG D 370 -8.10 13.99 -1.64
C ARG D 370 -9.23 14.31 -0.67
N LYS D 371 -9.26 13.66 0.50
CA LYS D 371 -10.24 14.03 1.53
C LYS D 371 -9.93 15.42 2.05
N GLN D 372 -8.65 15.68 2.36
CA GLN D 372 -8.21 16.98 2.87
C GLN D 372 -8.35 18.13 1.88
N VAL D 373 -8.16 17.85 0.61
CA VAL D 373 -8.36 18.86 -0.43
C VAL D 373 -9.85 19.19 -0.52
N THR D 374 -10.70 18.18 -0.53
CA THR D 374 -12.14 18.39 -0.51
C THR D 374 -12.58 19.22 0.69
N GLU D 375 -12.08 18.85 1.87
CA GLU D 375 -12.36 19.55 3.12
C GLU D 375 -11.97 21.02 3.04
N LEU D 376 -10.72 21.28 2.66
CA LEU D 376 -10.19 22.63 2.50
C LEU D 376 -10.98 23.48 1.49
N LEU D 377 -11.26 22.93 0.32
CA LEU D 377 -12.03 23.65 -0.71
C LEU D 377 -13.42 24.06 -0.21
N LEU D 378 -14.06 23.22 0.59
CA LEU D 378 -15.36 23.55 1.15
C LEU D 378 -15.27 24.57 2.27
N ARG D 379 -14.24 24.46 3.10
CA ARG D 379 -13.97 25.48 4.11
C ARG D 379 -13.69 26.83 3.48
N LYS D 380 -12.93 26.82 2.39
CA LYS D 380 -12.64 28.05 1.64
C LYS D 380 -13.80 28.51 0.72
N GLY D 381 -14.92 27.79 0.74
CA GLY D 381 -16.20 28.29 0.25
C GLY D 381 -16.53 27.84 -1.16
N ALA D 382 -16.49 26.53 -1.37
CA ALA D 382 -16.86 25.94 -2.66
C ALA D 382 -18.31 25.58 -2.61
N ASN D 383 -18.91 25.43 -3.80
CA ASN D 383 -20.32 25.10 -3.91
C ASN D 383 -20.44 23.61 -3.92
N VAL D 384 -20.93 23.09 -2.81
CA VAL D 384 -21.00 21.65 -2.58
C VAL D 384 -21.95 20.95 -3.56
N ASN D 385 -22.92 21.69 -4.11
CA ASN D 385 -23.87 21.15 -5.08
C ASN D 385 -23.69 21.68 -6.50
N GLU D 386 -22.48 22.12 -6.82
CA GLU D 386 -22.21 22.63 -8.16
C GLU D 386 -22.45 21.52 -9.19
N LYS D 387 -23.14 21.83 -10.27
CA LYS D 387 -23.36 20.88 -11.35
C LYS D 387 -22.27 20.99 -12.42
N ASN D 388 -21.91 19.85 -12.99
CA ASN D 388 -20.96 19.75 -14.10
C ASN D 388 -21.81 19.67 -15.37
N LYS D 389 -21.18 19.55 -16.54
CA LYS D 389 -21.91 19.70 -17.81
C LYS D 389 -23.10 18.76 -17.97
N ASP D 390 -23.02 17.55 -17.42
CA ASP D 390 -24.16 16.63 -17.41
C ASP D 390 -24.80 16.52 -16.01
N PHE D 391 -24.91 17.68 -15.35
CA PHE D 391 -25.74 17.90 -14.16
C PHE D 391 -25.38 17.08 -12.91
N MET D 392 -24.19 16.47 -12.92
CA MET D 392 -23.71 15.67 -11.79
C MET D 392 -23.10 16.59 -10.75
N THR D 393 -23.48 16.41 -9.49
CA THR D 393 -22.81 17.11 -8.38
C THR D 393 -21.50 16.36 -8.03
N PRO D 394 -20.69 16.90 -7.12
CA PRO D 394 -19.52 16.11 -6.66
C PRO D 394 -19.86 14.78 -5.98
N LEU D 395 -21.00 14.71 -5.28
CA LEU D 395 -21.49 13.45 -4.71
C LEU D 395 -21.72 12.37 -5.75
N HIS D 396 -22.24 12.74 -6.92
CA HIS D 396 -22.39 11.79 -8.04
C HIS D 396 -21.03 11.30 -8.51
N VAL D 397 -20.09 12.23 -8.64
CA VAL D 397 -18.77 11.90 -9.17
C VAL D 397 -18.06 10.94 -8.23
N ALA D 398 -18.11 11.26 -6.94
CA ALA D 398 -17.52 10.40 -5.89
C ALA D 398 -18.22 9.04 -5.80
N ALA D 399 -19.55 9.04 -5.88
CA ALA D 399 -20.32 7.82 -5.74
C ALA D 399 -20.14 6.86 -6.89
N GLU D 400 -19.98 7.33 -8.12
CA GLU D 400 -19.80 6.38 -9.22
C GLU D 400 -18.41 5.78 -9.25
N ARG D 401 -17.49 6.33 -8.49
CA ARG D 401 -16.12 5.80 -8.37
C ARG D 401 -15.85 5.03 -7.06
N ALA D 402 -16.84 5.01 -6.17
CA ALA D 402 -16.65 4.52 -4.80
C ALA D 402 -15.45 5.18 -4.11
N HIS D 403 -15.36 6.50 -4.24
CA HIS D 403 -14.50 7.30 -3.41
C HIS D 403 -15.36 7.68 -2.20
N ASN D 404 -15.47 6.75 -1.26
CA ASN D 404 -16.40 6.90 -0.16
C ASN D 404 -15.90 7.83 0.94
N ASP D 405 -14.59 8.02 1.06
CA ASP D 405 -14.05 8.87 2.14
C ASP D 405 -14.56 10.30 2.06
N VAL D 406 -14.55 10.87 0.85
CA VAL D 406 -14.99 12.25 0.64
C VAL D 406 -16.47 12.47 0.82
N MET D 407 -17.28 11.41 0.70
CA MET D 407 -18.73 11.52 0.94
C MET D 407 -19.10 11.96 2.35
N GLU D 408 -18.26 11.66 3.35
CA GLU D 408 -18.45 12.17 4.71
C GLU D 408 -18.34 13.67 4.72
N VAL D 409 -17.33 14.21 4.05
CA VAL D 409 -17.07 15.65 3.99
C VAL D 409 -18.18 16.40 3.24
N LEU D 410 -18.57 15.89 2.07
CA LEU D 410 -19.66 16.48 1.30
C LEU D 410 -20.97 16.52 2.08
N HIS D 411 -21.30 15.41 2.75
CA HIS D 411 -22.49 15.36 3.60
C HIS D 411 -22.45 16.38 4.72
N LYS D 412 -21.31 16.50 5.41
CA LYS D 412 -21.18 17.49 6.48
C LYS D 412 -21.42 18.93 5.99
N HIS D 413 -20.84 19.28 4.84
CA HIS D 413 -21.07 20.61 4.23
C HIS D 413 -22.39 20.72 3.44
N GLY D 414 -23.29 19.75 3.57
CA GLY D 414 -24.70 19.90 3.21
C GLY D 414 -25.04 19.56 1.78
N ALA D 415 -24.38 18.56 1.21
CA ALA D 415 -24.68 18.15 -0.15
C ALA D 415 -26.07 17.51 -0.20
N LYS D 416 -26.88 17.95 -1.15
CA LYS D 416 -28.11 17.26 -1.51
C LYS D 416 -27.84 15.82 -1.98
N MET D 417 -28.29 14.85 -1.18
CA MET D 417 -28.08 13.43 -1.48
C MET D 417 -28.95 12.96 -2.64
N ASN D 418 -30.07 13.65 -2.86
CA ASN D 418 -31.00 13.33 -3.93
C ASN D 418 -31.02 14.34 -5.06
N ALA D 419 -29.87 14.94 -5.30
CA ALA D 419 -29.69 15.77 -6.48
C ALA D 419 -29.80 14.87 -7.70
N LEU D 420 -30.54 15.31 -8.71
CA LEU D 420 -30.72 14.52 -9.92
C LEU D 420 -29.80 15.03 -11.03
N ASP D 421 -29.36 14.12 -11.88
CA ASP D 421 -28.49 14.45 -13.01
C ASP D 421 -29.35 14.62 -14.27
N THR D 422 -28.73 14.65 -15.45
CA THR D 422 -29.45 14.78 -16.73
C THR D 422 -30.54 13.72 -16.94
N LEU D 423 -30.28 12.49 -16.50
CA LEU D 423 -31.23 11.37 -16.66
C LEU D 423 -32.12 11.12 -15.44
N GLY D 424 -32.19 12.07 -14.50
CA GLY D 424 -33.04 11.94 -13.32
C GLY D 424 -32.54 10.96 -12.27
N GLN D 425 -31.27 10.58 -12.36
CA GLN D 425 -30.64 9.60 -11.47
C GLN D 425 -30.00 10.32 -10.31
N THR D 426 -30.05 9.72 -9.13
CA THR D 426 -29.38 10.27 -7.93
C THR D 426 -27.93 9.77 -7.91
N ALA D 427 -27.22 10.03 -6.81
CA ALA D 427 -25.90 9.41 -6.61
C ALA D 427 -26.05 7.89 -6.42
N LEU D 428 -27.08 7.48 -5.67
CA LEU D 428 -27.35 6.07 -5.38
C LEU D 428 -27.57 5.23 -6.64
N HIS D 429 -28.27 5.77 -7.62
CA HIS D 429 -28.45 5.13 -8.93
C HIS D 429 -27.11 4.80 -9.57
N ARG D 430 -26.21 5.78 -9.52
CA ARG D 430 -24.89 5.63 -10.14
C ARG D 430 -24.02 4.60 -9.44
N ALA D 431 -24.06 4.59 -8.11
CA ALA D 431 -23.36 3.59 -7.29
C ALA D 431 -23.90 2.19 -7.53
N ALA D 432 -25.22 2.05 -7.43
CA ALA D 432 -25.92 0.80 -7.68
C ALA D 432 -25.57 0.20 -9.04
N LEU D 433 -25.52 1.06 -10.06
CA LEU D 433 -25.16 0.64 -11.40
C LEU D 433 -23.75 0.06 -11.47
N ALA D 434 -22.81 0.70 -10.78
CA ALA D 434 -21.40 0.25 -10.77
C ALA D 434 -21.13 -0.93 -9.84
N GLY D 435 -22.13 -1.35 -9.07
CA GLY D 435 -22.00 -2.45 -8.14
C GLY D 435 -21.30 -2.08 -6.84
N HIS D 436 -21.18 -0.78 -6.55
CA HIS D 436 -20.45 -0.34 -5.37
C HIS D 436 -21.30 -0.54 -4.12
N LEU D 437 -21.03 -1.61 -3.39
CA LEU D 437 -21.89 -2.06 -2.31
C LEU D 437 -21.79 -1.19 -1.06
N GLN D 438 -20.57 -0.88 -0.62
CA GLN D 438 -20.39 0.00 0.55
C GLN D 438 -20.77 1.45 0.24
N THR D 439 -20.58 1.86 -1.02
CA THR D 439 -21.04 3.17 -1.45
C THR D 439 -22.55 3.26 -1.30
N CYS D 440 -23.28 2.27 -1.83
CA CYS D 440 -24.74 2.18 -1.65
C CYS D 440 -25.17 2.27 -0.19
N ARG D 441 -24.58 1.44 0.64
CA ARG D 441 -24.86 1.43 2.08
C ARG D 441 -24.71 2.81 2.69
N LEU D 442 -23.54 3.42 2.49
CA LEU D 442 -23.26 4.74 3.05
C LEU D 442 -24.24 5.79 2.54
N LEU D 443 -24.51 5.78 1.22
CA LEU D 443 -25.42 6.76 0.61
C LEU D 443 -26.79 6.71 1.27
N LEU D 444 -27.24 5.51 1.63
CA LEU D 444 -28.49 5.34 2.36
C LEU D 444 -28.37 5.87 3.77
N SER D 445 -27.26 5.60 4.44
CA SER D 445 -27.04 6.12 5.79
C SER D 445 -27.03 7.65 5.81
N TYR D 446 -26.47 8.26 4.77
CA TYR D 446 -26.44 9.73 4.62
C TYR D 446 -27.80 10.31 4.22
N GLY D 447 -28.66 9.50 3.60
CA GLY D 447 -30.04 9.86 3.34
C GLY D 447 -30.60 9.70 1.93
N SER D 448 -29.84 9.13 0.99
CA SER D 448 -30.37 8.89 -0.37
C SER D 448 -31.65 8.05 -0.33
N ASP D 449 -32.74 8.61 -0.82
CA ASP D 449 -33.98 7.87 -1.07
C ASP D 449 -33.82 6.87 -2.22
N PRO D 450 -34.03 5.56 -1.94
CA PRO D 450 -33.92 4.53 -3.00
C PRO D 450 -35.10 4.49 -4.00
N SER D 451 -36.30 4.78 -3.50
CA SER D 451 -37.52 4.72 -4.30
C SER D 451 -37.64 5.76 -5.43
N ILE D 452 -36.74 6.74 -5.49
CA ILE D 452 -36.67 7.68 -6.61
C ILE D 452 -36.53 6.94 -7.95
N ILE D 453 -37.43 7.26 -8.87
CA ILE D 453 -37.47 6.68 -10.21
C ILE D 453 -36.70 7.62 -11.14
N SER D 454 -35.83 7.07 -11.99
CA SER D 454 -35.09 7.87 -12.96
C SER D 454 -36.02 8.30 -14.07
N LEU D 455 -35.54 9.15 -14.97
CA LEU D 455 -36.34 9.56 -16.14
C LEU D 455 -36.66 8.38 -17.05
N GLN D 456 -35.93 7.28 -16.89
CA GLN D 456 -36.12 6.08 -17.69
C GLN D 456 -36.97 5.01 -17.03
N GLY D 457 -37.41 5.25 -15.79
CA GLY D 457 -38.32 4.33 -15.09
C GLY D 457 -37.66 3.35 -14.14
N PHE D 458 -36.40 3.62 -13.79
CA PHE D 458 -35.63 2.71 -12.96
C PHE D 458 -35.39 3.31 -11.59
N THR D 459 -35.62 2.50 -10.55
CA THR D 459 -35.11 2.78 -9.22
C THR D 459 -33.65 2.40 -9.20
N ALA D 460 -32.92 2.85 -8.18
CA ALA D 460 -31.52 2.43 -8.01
C ALA D 460 -31.41 0.89 -7.97
N ALA D 461 -32.35 0.27 -7.24
CA ALA D 461 -32.45 -1.18 -7.12
C ALA D 461 -32.49 -1.89 -8.46
N GLN D 462 -33.34 -1.39 -9.36
CA GLN D 462 -33.53 -2.01 -10.68
C GLN D 462 -32.31 -1.96 -11.60
N MET D 463 -31.40 -1.03 -11.34
CA MET D 463 -30.14 -0.90 -12.09
C MET D 463 -29.01 -1.77 -11.57
N GLY D 464 -29.13 -2.23 -10.32
CA GLY D 464 -28.05 -2.94 -9.65
C GLY D 464 -28.11 -4.45 -9.79
N ASN D 465 -26.98 -5.07 -9.50
CA ASN D 465 -26.86 -6.54 -9.44
C ASN D 465 -27.60 -7.12 -8.22
N GLU D 466 -27.53 -8.45 -8.07
CA GLU D 466 -28.16 -9.15 -6.94
C GLU D 466 -27.73 -8.56 -5.61
N ALA D 467 -26.42 -8.42 -5.43
CA ALA D 467 -25.85 -7.90 -4.18
C ALA D 467 -26.34 -6.50 -3.84
N VAL D 468 -26.48 -5.65 -4.85
CA VAL D 468 -27.02 -4.30 -4.63
C VAL D 468 -28.48 -4.40 -4.19
N GLN D 469 -29.27 -5.25 -4.87
CA GLN D 469 -30.70 -5.41 -4.53
C GLN D 469 -30.91 -5.83 -3.09
N GLN D 470 -30.08 -6.76 -2.62
CA GLN D 470 -30.07 -7.19 -1.21
C GLN D 470 -30.09 -5.99 -0.28
N ILE D 471 -29.18 -5.06 -0.53
CA ILE D 471 -28.96 -3.89 0.33
C ILE D 471 -30.15 -2.95 0.26
N LEU D 472 -30.59 -2.65 -0.96
CA LEU D 472 -31.61 -1.63 -1.19
C LEU D 472 -33.03 -2.07 -0.83
N SER D 473 -33.30 -3.38 -0.83
CA SER D 473 -34.60 -3.92 -0.36
C SER D 473 -34.75 -4.03 1.18
N GLU D 474 -33.80 -3.46 1.92
CA GLU D 474 -33.97 -3.10 3.33
C GLU D 474 -34.10 -1.55 3.41
N SER D 475 -35.33 -1.07 3.19
CA SER D 475 -35.69 0.37 3.20
C SER D 475 -37.22 0.54 3.17
N GLY E 3 -61.50 21.29 -6.54
CA GLY E 3 -62.89 20.81 -6.76
C GLY E 3 -62.89 19.64 -7.73
N TYR E 4 -63.10 19.95 -9.02
CA TYR E 4 -62.89 19.00 -10.13
C TYR E 4 -62.24 19.72 -11.28
N ARG E 5 -61.45 18.99 -12.07
CA ARG E 5 -60.50 19.62 -12.98
C ARG E 5 -61.12 20.16 -14.27
N GLN E 6 -60.72 21.38 -14.62
CA GLN E 6 -61.20 22.10 -15.82
C GLN E 6 -60.16 22.09 -16.92
N SER E 7 -60.60 22.37 -18.14
CA SER E 7 -59.69 22.50 -19.29
C SER E 7 -58.98 23.86 -19.24
N PRO E 8 -57.73 23.96 -19.74
CA PRO E 8 -57.04 25.27 -19.71
C PRO E 8 -57.51 26.25 -20.80
N ASP E 9 -57.23 27.54 -20.62
CA ASP E 9 -57.54 28.55 -21.63
C ASP E 9 -56.71 28.34 -22.89
N GLY E 10 -57.33 28.58 -24.06
CA GLY E 10 -56.64 28.46 -25.34
C GLY E 10 -57.34 27.53 -26.30
N ALA E 11 -56.76 27.37 -27.48
CA ALA E 11 -57.31 26.48 -28.50
C ALA E 11 -56.29 26.17 -29.60
N CYS E 12 -56.61 25.18 -30.43
CA CYS E 12 -55.70 24.72 -31.49
C CYS E 12 -55.67 25.66 -32.68
N SER E 13 -54.53 25.74 -33.37
CA SER E 13 -54.36 26.63 -34.53
C SER E 13 -54.77 25.94 -35.84
N VAL E 14 -54.76 26.72 -36.94
CA VAL E 14 -54.96 26.20 -38.32
C VAL E 14 -54.11 27.03 -39.28
N GLY F 3 -31.01 -16.77 -30.80
CA GLY F 3 -30.68 -17.53 -32.04
C GLY F 3 -29.22 -17.95 -32.30
N TYR F 4 -28.98 -18.40 -33.52
CA TYR F 4 -27.68 -18.91 -33.97
C TYR F 4 -26.84 -17.69 -34.36
N ARG F 5 -25.52 -17.86 -34.35
CA ARG F 5 -24.58 -16.74 -34.33
C ARG F 5 -24.40 -16.03 -35.67
N GLN F 6 -24.43 -14.70 -35.63
CA GLN F 6 -24.29 -13.85 -36.82
C GLN F 6 -22.95 -13.17 -36.88
N SER F 7 -22.69 -12.54 -38.02
CA SER F 7 -21.81 -11.38 -38.06
C SER F 7 -22.57 -10.24 -37.35
N PRO F 8 -21.85 -9.29 -36.70
CA PRO F 8 -22.55 -8.18 -36.05
C PRO F 8 -23.01 -7.09 -37.03
N ASP F 9 -23.96 -6.25 -36.60
CA ASP F 9 -24.42 -5.11 -37.42
C ASP F 9 -23.29 -4.11 -37.62
N GLY F 10 -23.21 -3.55 -38.83
CA GLY F 10 -22.12 -2.66 -39.20
C GLY F 10 -21.42 -3.07 -40.48
N ALA F 11 -20.44 -2.28 -40.88
CA ALA F 11 -19.76 -2.46 -42.16
C ALA F 11 -18.45 -1.70 -42.21
N CYS F 12 -17.63 -2.05 -43.18
CA CYS F 12 -16.23 -1.65 -43.26
C CYS F 12 -16.12 -0.26 -43.90
N SER F 13 -16.80 -0.10 -45.04
CA SER F 13 -16.81 1.16 -45.78
C SER F 13 -18.22 1.56 -46.21
N TYR G 4 52.09 27.15 30.98
CA TYR G 4 52.24 25.66 31.05
C TYR G 4 51.55 25.06 32.28
N ARG G 5 51.22 23.78 32.17
CA ARG G 5 50.27 23.13 33.08
C ARG G 5 50.82 22.80 34.46
N GLN G 6 50.02 23.12 35.50
CA GLN G 6 50.38 22.88 36.90
C GLN G 6 49.65 21.66 37.46
N SER G 7 50.17 21.13 38.56
CA SER G 7 49.53 20.00 39.27
C SER G 7 48.34 20.53 40.08
N PRO G 8 47.28 19.72 40.27
CA PRO G 8 46.15 20.20 41.10
C PRO G 8 46.41 20.15 42.62
N ASP G 9 45.64 20.90 43.40
CA ASP G 9 45.73 20.87 44.87
C ASP G 9 45.28 19.53 45.42
N GLY G 10 45.94 19.06 46.48
CA GLY G 10 45.59 17.80 47.11
C GLY G 10 46.74 16.82 47.19
N ALA G 11 46.48 15.66 47.77
CA ALA G 11 47.52 14.64 47.97
C ALA G 11 46.93 13.29 48.31
N CYS G 12 47.76 12.25 48.27
CA CYS G 12 47.31 10.87 48.49
C CYS G 12 47.10 10.56 49.97
N SER G 13 46.15 9.68 50.25
CA SER G 13 45.80 9.30 51.63
C SER G 13 46.69 8.15 52.15
N VAL G 14 46.52 7.80 53.43
CA VAL G 14 47.30 6.75 54.11
C VAL G 14 46.88 5.35 53.63
N TYR H 4 37.72 -30.40 12.39
CA TYR H 4 36.24 -30.52 12.53
C TYR H 4 35.57 -29.25 13.09
N ARG H 5 34.26 -29.17 12.94
CA ARG H 5 33.45 -28.11 13.53
C ARG H 5 33.42 -28.25 15.04
N GLN H 6 33.64 -27.14 15.74
CA GLN H 6 33.79 -27.15 17.18
C GLN H 6 32.42 -26.85 17.79
N SER H 7 32.26 -27.25 19.04
CA SER H 7 31.05 -26.99 19.79
C SER H 7 31.05 -25.52 20.28
N PRO H 8 29.86 -24.89 20.45
CA PRO H 8 29.85 -23.51 20.95
C PRO H 8 30.06 -23.39 22.46
N ASP H 9 30.44 -22.20 22.93
CA ASP H 9 30.59 -21.97 24.37
C ASP H 9 29.25 -22.06 25.09
N GLY H 10 29.25 -22.60 26.31
CA GLY H 10 28.04 -22.70 27.16
C GLY H 10 27.76 -24.09 27.69
N ALA H 11 26.66 -24.21 28.43
CA ALA H 11 26.21 -25.49 28.98
C ALA H 11 24.75 -25.44 29.40
N CYS H 12 24.17 -26.60 29.66
CA CYS H 12 22.75 -26.71 29.97
C CYS H 12 22.44 -26.35 31.41
N SER H 13 21.22 -25.88 31.65
CA SER H 13 20.68 -25.65 32.99
C SER H 13 21.54 -24.77 33.88
N TYR I 4 12.23 -62.87 22.06
CA TYR I 4 11.75 -61.93 23.13
C TYR I 4 12.65 -60.69 23.29
N ARG I 5 12.12 -59.68 23.97
CA ARG I 5 12.87 -58.47 24.32
C ARG I 5 13.94 -58.78 25.36
N GLN I 6 15.15 -58.23 25.16
CA GLN I 6 16.30 -58.42 26.05
C GLN I 6 16.55 -57.20 26.93
N SER I 7 17.30 -57.39 28.01
CA SER I 7 17.67 -56.30 28.91
C SER I 7 18.80 -55.49 28.29
N PRO I 8 18.88 -54.17 28.59
CA PRO I 8 19.95 -53.35 27.98
C PRO I 8 21.29 -53.51 28.68
N ASP I 9 22.37 -53.13 28.01
CA ASP I 9 23.71 -53.17 28.60
C ASP I 9 23.83 -52.18 29.76
N GLY I 10 24.54 -52.57 30.81
CA GLY I 10 24.78 -51.71 31.99
C GLY I 10 24.42 -52.36 33.31
N ALA I 11 24.59 -51.60 34.38
CA ALA I 11 24.20 -52.04 35.72
C ALA I 11 24.07 -50.86 36.68
N CYS I 12 23.46 -51.10 37.83
CA CYS I 12 23.15 -50.03 38.78
C CYS I 12 24.37 -49.64 39.59
N SER I 13 24.44 -48.36 39.95
CA SER I 13 25.57 -47.80 40.68
C SER I 13 25.35 -47.87 42.20
N VAL I 14 26.31 -47.31 42.94
CA VAL I 14 26.10 -46.94 44.34
C VAL I 14 25.11 -45.77 44.37
N TYR J 4 -19.44 -9.34 51.85
CA TYR J 4 -18.07 -9.57 52.39
C TYR J 4 -17.04 -9.74 51.23
N ARG J 5 -15.89 -10.35 51.56
CA ARG J 5 -14.84 -10.68 50.58
C ARG J 5 -13.87 -11.71 51.17
N GLN J 6 -13.51 -12.72 50.37
CA GLN J 6 -12.58 -13.78 50.78
C GLN J 6 -11.17 -13.34 50.32
N SER J 7 -10.16 -13.41 51.21
CA SER J 7 -8.83 -12.78 50.96
C SER J 7 -7.96 -13.68 50.05
N PRO J 8 -7.08 -13.09 49.20
CA PRO J 8 -6.24 -13.94 48.31
C PRO J 8 -5.06 -14.59 49.03
N ASP J 9 -4.49 -15.65 48.44
CA ASP J 9 -3.29 -16.31 48.99
C ASP J 9 -2.07 -15.39 48.92
N GLY J 10 -1.21 -15.44 49.94
CA GLY J 10 0.03 -14.65 50.00
C GLY J 10 0.27 -13.90 51.30
N ALA J 11 1.38 -13.16 51.35
CA ALA J 11 1.76 -12.36 52.52
C ALA J 11 2.82 -11.31 52.17
N CYS J 12 3.02 -10.35 53.07
CA CYS J 12 3.80 -9.09 52.81
C CYS J 12 5.34 -9.03 52.95
N SER J 13 5.87 -8.94 54.18
CA SER J 13 7.32 -8.76 54.40
C SER J 13 7.83 -9.48 55.67
N TYR K 4 8.47 -24.63 -62.08
CA TYR K 4 8.41 -23.13 -62.06
C TYR K 4 7.11 -22.59 -61.42
N ARG K 5 7.13 -21.30 -61.07
CA ARG K 5 5.96 -20.59 -60.57
C ARG K 5 4.93 -20.38 -61.69
N GLN K 6 3.66 -20.64 -61.37
CA GLN K 6 2.53 -20.50 -62.30
C GLN K 6 1.74 -19.22 -62.05
N SER K 7 0.95 -18.81 -63.05
CA SER K 7 0.06 -17.65 -62.91
C SER K 7 -1.20 -18.05 -62.11
N PRO K 8 -1.81 -17.11 -61.35
CA PRO K 8 -3.03 -17.47 -60.60
C PRO K 8 -4.30 -17.52 -61.46
N ASP K 9 -5.34 -18.19 -60.95
CA ASP K 9 -6.64 -18.23 -61.64
C ASP K 9 -7.29 -16.86 -61.69
N GLY K 10 -7.97 -16.56 -62.80
CA GLY K 10 -8.67 -15.28 -62.99
C GLY K 10 -8.25 -14.53 -64.23
N ALA K 11 -8.87 -13.36 -64.44
CA ALA K 11 -8.52 -12.48 -65.54
C ALA K 11 -9.04 -11.06 -65.33
N CYS K 12 -8.55 -10.12 -66.12
CA CYS K 12 -8.87 -8.69 -65.95
C CYS K 12 -10.25 -8.36 -66.49
N SER K 13 -10.93 -7.40 -65.86
CA SER K 13 -12.31 -6.98 -66.26
C SER K 13 -12.36 -5.47 -66.53
N TYR L 4 12.34 38.94 -41.03
CA TYR L 4 11.18 38.66 -40.12
C TYR L 4 10.86 37.16 -40.01
N ARG L 5 10.07 36.80 -39.00
CA ARG L 5 9.58 35.42 -38.78
C ARG L 5 8.31 35.19 -39.61
N GLN L 6 8.14 33.97 -40.12
CA GLN L 6 7.08 33.66 -41.10
C GLN L 6 5.75 33.19 -40.47
N SER L 7 4.68 33.22 -41.27
CA SER L 7 3.34 32.77 -40.87
C SER L 7 3.04 31.37 -41.41
N PRO L 8 2.33 30.52 -40.62
CA PRO L 8 2.07 29.14 -41.07
C PRO L 8 1.14 29.02 -42.29
N ASP L 9 1.08 27.80 -42.85
CA ASP L 9 0.18 27.46 -43.96
C ASP L 9 -1.25 27.40 -43.43
N GLY L 10 -2.18 28.14 -44.05
CA GLY L 10 -3.57 28.15 -43.63
C GLY L 10 -4.35 29.42 -43.92
N ALA L 11 -5.60 29.44 -43.46
CA ALA L 11 -6.50 30.57 -43.69
C ALA L 11 -7.67 30.52 -42.70
N CYS L 12 -8.09 31.70 -42.24
CA CYS L 12 -9.12 31.86 -41.18
C CYS L 12 -10.46 31.17 -41.50
#